data_6BI4
#
_entry.id   6BI4
#
_cell.length_a   165.557
_cell.length_b   165.557
_cell.length_c   292.121
_cell.angle_alpha   90.00
_cell.angle_beta   90.00
_cell.angle_gamma   90.00
#
_symmetry.space_group_name_H-M   'I 4 2 2'
#
loop_
_entity.id
_entity.type
_entity.pdbx_description
1 polymer 'dTDP-glucose 4,6-dehydratase'
2 branched beta-D-fructofuranose-(2-1)-alpha-D-glucopyranose
3 non-polymer 'NICKEL (II) ION'
4 non-polymer NICOTINAMIDE-ADENINE-DINUCLEOTIDE
5 non-polymer 'SULFATE ION'
6 water water
#
_entity_poly.entity_id   1
_entity_poly.type   'polypeptide(L)'
_entity_poly.pdbx_seq_one_letter_code
;(MSE)HHHHHHSSGVDLGTENLYFQSNA(MSE)NILVTGGAGFIGSNFVHY(MSE)LQSYETYKIINFDALTYSGNLNNV
KSIQDHPNYYFVKGEIQNGELLEHVIKERDVQVIVNFAAESHVDRSIENPIPFYDTNVIGTVTLLELVKKYPHIKLVQVS
TDEVYGSLGKTGRFTEETPLAPNSPYSSSKASAD(MSE)IALAYYKTYQLPVIVTRCSNNYGPYQYPEKLIPL(MSE)VT
NALEGKKLPLYGDGLNVRDWLHVTDHCSAIDVVLHKGRVGEVYNIGGNNEKTNVEVVEQIITLLGKTKKDIEYVTDRLGH
DRRYAINAEK(MSE)KNEFDWEPKYTFEQGLQETVQWYEKNEEWWKPLKK
;
_entity_poly.pdbx_strand_id   A,B,C,D
#
loop_
_chem_comp.id
_chem_comp.type
_chem_comp.name
_chem_comp.formula
FRU D-saccharide, beta linking beta-D-fructofuranose 'C6 H12 O6'
GLC D-saccharide, alpha linking alpha-D-glucopyranose 'C6 H12 O6'
NAD non-polymer NICOTINAMIDE-ADENINE-DINUCLEOTIDE 'C21 H27 N7 O14 P2'
NI non-polymer 'NICKEL (II) ION' 'Ni 2'
SO4 non-polymer 'SULFATE ION' 'O4 S -2'
#
# COMPACT_ATOMS: atom_id res chain seq x y z
N ALA A 24 -18.72 6.37 -33.07
CA ALA A 24 -18.17 5.04 -33.39
C ALA A 24 -17.16 4.55 -32.33
N MSE A 25 -16.37 5.44 -31.74
CA MSE A 25 -15.31 5.06 -30.79
C MSE A 25 -15.52 5.42 -29.34
O MSE A 25 -16.23 6.36 -29.04
CB MSE A 25 -14.08 5.84 -31.28
CG MSE A 25 -12.76 5.17 -30.97
SE MSE A 25 -11.44 5.84 -32.25
CE MSE A 25 -10.88 4.08 -32.96
N ASN A 26 -14.84 4.72 -28.43
CA ASN A 26 -14.92 5.01 -27.01
C ASN A 26 -13.54 5.23 -26.48
N ILE A 27 -13.28 6.41 -25.95
CA ILE A 27 -11.94 6.78 -25.56
C ILE A 27 -11.80 7.11 -24.08
N LEU A 28 -10.78 6.52 -23.45
CA LEU A 28 -10.53 6.74 -22.03
C LEU A 28 -9.38 7.72 -21.95
N VAL A 29 -9.63 8.85 -21.33
CA VAL A 29 -8.63 9.90 -21.21
C VAL A 29 -8.22 9.99 -19.74
N THR A 30 -7.05 9.52 -19.42
CA THR A 30 -6.58 9.60 -18.05
C THR A 30 -6.00 10.98 -17.88
N GLY A 31 -6.09 11.54 -16.70
CA GLY A 31 -5.57 12.87 -16.44
C GLY A 31 -6.38 13.94 -17.20
N GLY A 32 -7.62 13.60 -17.52
CA GLY A 32 -8.49 14.46 -18.27
C GLY A 32 -9.06 15.66 -17.54
N ALA A 33 -8.76 15.81 -16.25
CA ALA A 33 -9.19 16.99 -15.49
C ALA A 33 -8.03 17.98 -15.33
N GLY A 34 -6.92 17.67 -15.98
CA GLY A 34 -5.76 18.52 -15.92
C GLY A 34 -5.75 19.50 -17.07
N PHE A 35 -4.61 20.13 -17.24
CA PHE A 35 -4.44 21.15 -18.27
C PHE A 35 -4.62 20.62 -19.68
N ILE A 36 -3.71 19.76 -20.10
CA ILE A 36 -3.79 19.22 -21.46
C ILE A 36 -4.98 18.27 -21.58
N GLY A 37 -5.18 17.44 -20.56
CA GLY A 37 -6.25 16.48 -20.58
C GLY A 37 -7.63 17.08 -20.76
N SER A 38 -7.92 18.14 -20.00
CA SER A 38 -9.23 18.79 -20.11
C SER A 38 -9.39 19.35 -21.52
N ASN A 39 -8.36 20.04 -22.00
CA ASN A 39 -8.37 20.58 -23.36
C ASN A 39 -8.67 19.51 -24.39
N PHE A 40 -8.03 18.36 -24.22
CA PHE A 40 -8.25 17.21 -25.10
C PHE A 40 -9.69 16.74 -25.02
N VAL A 41 -10.22 16.59 -23.82
CA VAL A 41 -11.60 16.18 -23.67
C VAL A 41 -12.51 17.14 -24.43
N HIS A 42 -12.31 18.44 -24.26
CA HIS A 42 -13.13 19.38 -25.02
C HIS A 42 -12.94 19.23 -26.53
N TYR A 43 -11.69 19.08 -26.96
CA TYR A 43 -11.38 18.97 -28.37
C TYR A 43 -12.06 17.79 -29.04
N MSE A 44 -12.03 16.64 -28.38
CA MSE A 44 -12.63 15.44 -28.94
C MSE A 44 -14.15 15.58 -28.99
O MSE A 44 -14.77 15.30 -30.03
CB MSE A 44 -12.19 14.13 -28.23
CG MSE A 44 -10.68 13.88 -28.31
SE MSE A 44 -10.05 13.61 -30.15
CE MSE A 44 -10.85 11.84 -30.37
N LEU A 45 -14.76 16.01 -27.90
CA LEU A 45 -16.22 16.17 -27.88
C LEU A 45 -16.69 17.12 -28.99
N GLN A 46 -15.98 18.22 -29.21
CA GLN A 46 -16.37 19.15 -30.25
C GLN A 46 -16.10 18.60 -31.63
N SER A 47 -15.01 17.85 -31.78
CA SER A 47 -14.63 17.32 -33.09
C SER A 47 -15.35 16.05 -33.53
N TYR A 48 -15.76 15.20 -32.59
CA TYR A 48 -16.44 13.94 -32.92
C TYR A 48 -17.75 13.81 -32.16
N GLU A 49 -18.83 14.15 -32.83
CA GLU A 49 -20.15 14.15 -32.23
C GLU A 49 -20.68 12.80 -31.76
N THR A 50 -20.07 11.70 -32.20
CA THR A 50 -20.53 10.35 -31.80
C THR A 50 -19.57 9.57 -30.92
N TYR A 51 -18.41 10.11 -30.61
CA TYR A 51 -17.45 9.45 -29.73
C TYR A 51 -17.85 9.65 -28.27
N LYS A 52 -17.51 8.66 -27.43
CA LYS A 52 -17.76 8.72 -26.00
C LYS A 52 -16.42 9.00 -25.38
N ILE A 53 -16.34 10.00 -24.51
CA ILE A 53 -15.08 10.35 -23.86
C ILE A 53 -15.22 10.09 -22.36
N ILE A 54 -14.35 9.24 -21.81
CA ILE A 54 -14.40 8.90 -20.38
C ILE A 54 -13.20 9.54 -19.71
N ASN A 55 -13.47 10.54 -18.89
CA ASN A 55 -12.43 11.24 -18.20
C ASN A 55 -12.15 10.49 -16.90
N PHE A 56 -10.95 9.93 -16.80
CA PHE A 56 -10.53 9.15 -15.64
C PHE A 56 -9.43 9.95 -14.93
N ASP A 57 -9.72 10.45 -13.74
CA ASP A 57 -8.77 11.33 -13.06
C ASP A 57 -8.84 11.18 -11.55
N ALA A 58 -7.66 11.24 -10.93
CA ALA A 58 -7.56 11.12 -9.51
C ALA A 58 -7.82 12.42 -8.75
N LEU A 59 -7.95 13.51 -9.47
CA LEU A 59 -8.16 14.83 -8.86
C LEU A 59 -7.10 15.12 -7.80
N THR A 60 -5.83 15.09 -8.21
CA THR A 60 -4.71 15.46 -7.33
C THR A 60 -4.68 17.00 -7.33
N TYR A 61 -3.67 17.59 -6.71
CA TYR A 61 -3.54 19.03 -6.68
C TYR A 61 -3.76 19.68 -8.05
N SER A 62 -3.17 19.12 -9.10
CA SER A 62 -3.27 19.72 -10.43
C SER A 62 -4.55 19.41 -11.22
N GLY A 63 -5.40 18.57 -10.64
CA GLY A 63 -6.67 18.23 -11.29
C GLY A 63 -7.74 19.20 -10.86
N ASN A 64 -8.53 19.67 -11.82
CA ASN A 64 -9.52 20.67 -11.56
C ASN A 64 -10.79 20.45 -12.38
N LEU A 65 -11.87 20.08 -11.69
CA LEU A 65 -13.16 19.86 -12.37
C LEU A 65 -13.77 21.08 -13.05
N ASN A 66 -13.31 22.27 -12.68
CA ASN A 66 -13.80 23.48 -13.34
C ASN A 66 -13.32 23.55 -14.78
N ASN A 67 -12.23 22.87 -15.08
CA ASN A 67 -11.72 22.82 -16.43
C ASN A 67 -12.71 22.19 -17.40
N VAL A 68 -13.62 21.40 -16.84
CA VAL A 68 -14.53 20.55 -17.59
C VAL A 68 -16.00 20.74 -17.22
N LYS A 69 -16.29 21.76 -16.43
CA LYS A 69 -17.68 21.95 -15.99
C LYS A 69 -18.63 22.29 -17.15
N SER A 70 -18.14 22.85 -18.24
CA SER A 70 -19.03 23.22 -19.35
C SER A 70 -19.56 22.01 -20.11
N ILE A 71 -18.81 20.92 -20.12
CA ILE A 71 -19.25 19.71 -20.83
C ILE A 71 -19.58 18.58 -19.88
N GLN A 72 -19.67 18.89 -18.58
CA GLN A 72 -19.96 17.84 -17.60
C GLN A 72 -21.31 17.16 -17.74
N ASP A 73 -22.25 17.78 -18.44
CA ASP A 73 -23.57 17.20 -18.67
C ASP A 73 -23.75 16.76 -20.12
N HIS A 74 -22.67 16.73 -20.90
CA HIS A 74 -22.74 16.33 -22.29
C HIS A 74 -23.11 14.85 -22.30
N PRO A 75 -24.05 14.43 -23.19
CA PRO A 75 -24.49 13.02 -23.21
C PRO A 75 -23.41 11.97 -23.47
N ASN A 76 -22.36 12.34 -24.17
CA ASN A 76 -21.21 11.46 -24.45
C ASN A 76 -20.02 11.56 -23.49
N TYR A 77 -20.15 12.33 -22.42
CA TYR A 77 -19.04 12.46 -21.46
C TYR A 77 -19.31 11.66 -20.22
N TYR A 78 -18.27 11.07 -19.67
CA TYR A 78 -18.37 10.28 -18.42
C TYR A 78 -17.15 10.62 -17.58
N PHE A 79 -17.36 10.79 -16.29
CA PHE A 79 -16.25 11.04 -15.39
C PHE A 79 -16.06 9.88 -14.42
N VAL A 80 -14.82 9.57 -14.13
CA VAL A 80 -14.49 8.54 -13.19
C VAL A 80 -13.37 9.08 -12.33
N LYS A 81 -13.59 9.11 -11.02
CA LYS A 81 -12.55 9.54 -10.10
C LYS A 81 -11.74 8.31 -9.67
N GLY A 82 -10.46 8.28 -10.04
CA GLY A 82 -9.60 7.18 -9.64
C GLY A 82 -8.16 7.28 -10.13
N GLU A 83 -7.29 6.51 -9.49
CA GLU A 83 -5.90 6.43 -9.85
C GLU A 83 -5.70 5.40 -10.97
N ILE A 84 -4.79 5.69 -11.90
CA ILE A 84 -4.45 4.75 -12.97
C ILE A 84 -3.73 3.52 -12.42
N GLN A 85 -3.24 3.59 -11.18
CA GLN A 85 -2.67 2.43 -10.54
C GLN A 85 -3.78 1.44 -10.12
N ASN A 86 -5.05 1.86 -10.16
CA ASN A 86 -6.19 1.05 -9.72
C ASN A 86 -6.72 0.16 -10.85
N GLY A 87 -6.04 -0.97 -11.04
CA GLY A 87 -6.36 -1.91 -12.08
C GLY A 87 -7.78 -2.43 -12.05
N GLU A 88 -8.29 -2.79 -10.86
CA GLU A 88 -9.68 -3.26 -10.73
C GLU A 88 -10.64 -2.21 -11.31
N LEU A 89 -10.49 -0.96 -10.88
CA LEU A 89 -11.35 0.10 -11.38
C LEU A 89 -11.21 0.28 -12.89
N LEU A 90 -9.97 0.29 -13.39
CA LEU A 90 -9.73 0.42 -14.82
C LEU A 90 -10.37 -0.69 -15.61
N GLU A 91 -10.22 -1.96 -15.16
CA GLU A 91 -10.85 -3.08 -15.85
C GLU A 91 -12.33 -2.88 -15.92
N HIS A 92 -12.90 -2.57 -14.78
CA HIS A 92 -14.30 -2.36 -14.71
C HIS A 92 -14.76 -1.30 -15.68
N VAL A 93 -14.06 -0.15 -15.73
CA VAL A 93 -14.48 0.92 -16.63
C VAL A 93 -14.36 0.44 -18.06
N ILE A 94 -13.26 -0.26 -18.36
CA ILE A 94 -13.01 -0.75 -19.72
C ILE A 94 -14.08 -1.69 -20.22
N LYS A 95 -14.35 -2.73 -19.47
CA LYS A 95 -15.40 -3.67 -19.85
C LYS A 95 -16.71 -2.93 -20.06
N GLU A 96 -17.09 -2.12 -19.09
CA GLU A 96 -18.34 -1.42 -19.10
C GLU A 96 -18.57 -0.41 -20.22
N ARG A 97 -17.58 0.42 -20.49
CA ARG A 97 -17.69 1.44 -21.53
C ARG A 97 -17.22 0.96 -22.89
N ASP A 98 -16.83 -0.30 -22.98
CA ASP A 98 -16.36 -0.87 -24.24
C ASP A 98 -15.28 0.02 -24.85
N VAL A 99 -14.26 0.29 -24.04
CA VAL A 99 -13.16 1.21 -24.39
C VAL A 99 -12.30 0.62 -25.49
N GLN A 100 -11.93 1.47 -26.44
CA GLN A 100 -11.12 1.07 -27.58
C GLN A 100 -9.76 1.74 -27.65
N VAL A 101 -9.63 2.87 -26.98
CA VAL A 101 -8.40 3.61 -26.97
C VAL A 101 -8.21 4.22 -25.62
N ILE A 102 -6.96 4.34 -25.20
CA ILE A 102 -6.61 4.97 -23.94
C ILE A 102 -5.54 6.00 -24.21
N VAL A 103 -5.76 7.22 -23.78
CA VAL A 103 -4.78 8.28 -23.96
C VAL A 103 -4.38 8.64 -22.56
N ASN A 104 -3.11 8.43 -22.26
CA ASN A 104 -2.64 8.62 -20.91
C ASN A 104 -1.94 9.93 -20.60
N PHE A 105 -2.71 10.89 -20.12
CA PHE A 105 -2.15 12.18 -19.71
C PHE A 105 -1.79 12.18 -18.23
N ALA A 106 -2.43 11.30 -17.45
CA ALA A 106 -2.20 11.22 -16.00
C ALA A 106 -0.73 11.17 -15.64
N ALA A 107 -0.31 12.09 -14.76
CA ALA A 107 1.10 12.21 -14.34
C ALA A 107 1.23 13.19 -13.19
N GLU A 108 2.35 13.12 -12.45
CA GLU A 108 2.64 14.07 -11.39
C GLU A 108 3.85 14.96 -11.69
N SER A 109 3.76 16.22 -11.24
CA SER A 109 4.81 17.24 -11.35
C SER A 109 4.83 17.94 -9.98
N ILE A 119 8.16 10.47 -5.06
CA ILE A 119 8.10 9.07 -4.55
C ILE A 119 6.80 8.38 -5.03
N PRO A 120 5.60 8.93 -4.73
CA PRO A 120 4.44 8.38 -5.46
C PRO A 120 4.37 9.10 -6.84
N PHE A 121 5.45 9.81 -7.12
CA PHE A 121 5.78 10.49 -8.35
C PHE A 121 6.09 9.43 -9.42
N TYR A 122 6.90 8.47 -9.00
CA TYR A 122 7.25 7.31 -9.79
C TYR A 122 6.11 6.32 -9.76
N ASP A 123 5.39 6.23 -8.63
CA ASP A 123 4.24 5.32 -8.56
C ASP A 123 3.25 5.63 -9.69
N THR A 124 2.91 6.89 -9.85
CA THR A 124 2.01 7.29 -10.90
C THR A 124 2.64 7.24 -12.29
N ASN A 125 3.83 7.81 -12.45
CA ASN A 125 4.41 7.94 -13.78
C ASN A 125 4.91 6.66 -14.39
N VAL A 126 5.50 5.81 -13.56
CA VAL A 126 6.02 4.54 -14.02
C VAL A 126 5.01 3.45 -13.76
N ILE A 127 4.70 3.22 -12.48
CA ILE A 127 3.80 2.13 -12.12
C ILE A 127 2.38 2.26 -12.64
N GLY A 128 1.86 3.47 -12.67
CA GLY A 128 0.57 3.73 -13.30
C GLY A 128 0.62 3.30 -14.77
N THR A 129 1.67 3.70 -15.50
CA THR A 129 1.82 3.27 -16.89
C THR A 129 1.87 1.71 -17.01
N VAL A 130 2.65 1.07 -16.16
CA VAL A 130 2.75 -0.36 -16.19
C VAL A 130 1.36 -0.97 -15.98
N THR A 131 0.59 -0.41 -15.05
CA THR A 131 -0.75 -0.93 -14.79
C THR A 131 -1.58 -0.85 -16.06
N LEU A 132 -1.50 0.26 -16.79
CA LEU A 132 -2.23 0.40 -18.05
C LEU A 132 -1.74 -0.60 -19.10
N LEU A 133 -0.43 -0.83 -19.16
CA LEU A 133 0.11 -1.75 -20.14
C LEU A 133 -0.39 -3.16 -19.88
N GLU A 134 -0.44 -3.54 -18.61
CA GLU A 134 -0.92 -4.87 -18.25
C GLU A 134 -2.38 -5.04 -18.67
N LEU A 135 -3.17 -3.99 -18.52
CA LEU A 135 -4.56 -4.04 -18.95
C LEU A 135 -4.62 -4.22 -20.45
N VAL A 136 -3.78 -3.48 -21.17
CA VAL A 136 -3.78 -3.62 -22.61
C VAL A 136 -3.36 -5.03 -22.98
N LYS A 137 -2.36 -5.54 -22.27
CA LYS A 137 -1.88 -6.90 -22.52
C LYS A 137 -3.01 -7.91 -22.43
N LYS A 138 -3.89 -7.70 -21.46
CA LYS A 138 -5.05 -8.53 -21.28
C LYS A 138 -6.16 -8.22 -22.32
N TYR A 139 -6.23 -6.96 -22.78
CA TYR A 139 -7.21 -6.57 -23.78
C TYR A 139 -6.45 -5.93 -24.95
N PRO A 140 -5.65 -6.73 -25.67
CA PRO A 140 -4.80 -6.25 -26.77
C PRO A 140 -5.45 -5.54 -27.94
N HIS A 141 -6.77 -5.39 -27.93
CA HIS A 141 -7.44 -4.63 -29.02
C HIS A 141 -7.43 -3.14 -28.70
N ILE A 142 -7.14 -2.81 -27.45
CA ILE A 142 -7.14 -1.45 -26.97
C ILE A 142 -5.82 -0.76 -27.25
N LYS A 143 -5.89 0.32 -27.99
CA LYS A 143 -4.71 1.08 -28.33
C LYS A 143 -4.38 2.03 -27.15
N LEU A 144 -3.09 2.19 -26.88
CA LEU A 144 -2.63 3.05 -25.80
C LEU A 144 -1.67 4.11 -26.34
N VAL A 145 -2.01 5.38 -26.09
CA VAL A 145 -1.16 6.47 -26.47
C VAL A 145 -0.58 7.01 -25.18
N GLN A 146 0.69 6.76 -24.99
CA GLN A 146 1.43 7.23 -23.84
C GLN A 146 1.94 8.64 -24.14
N VAL A 147 1.42 9.63 -23.44
CA VAL A 147 1.78 11.00 -23.68
C VAL A 147 3.04 11.39 -22.93
N SER A 148 4.13 11.62 -23.64
CA SER A 148 5.40 11.95 -23.02
C SER A 148 5.88 13.38 -23.36
N THR A 149 7.11 13.70 -22.94
CA THR A 149 7.71 15.03 -23.03
C THR A 149 9.09 15.06 -23.66
N ASP A 150 9.47 16.20 -24.24
CA ASP A 150 10.81 16.35 -24.84
C ASP A 150 11.91 16.40 -23.80
N GLU A 151 11.56 16.61 -22.53
CA GLU A 151 12.57 16.66 -21.46
C GLU A 151 13.35 15.34 -21.32
N VAL A 152 12.79 14.32 -21.92
CA VAL A 152 13.32 12.99 -21.98
C VAL A 152 14.65 12.94 -22.70
N TYR A 153 14.82 13.84 -23.67
CA TYR A 153 16.06 13.91 -24.47
C TYR A 153 17.20 14.71 -23.83
N GLY A 154 16.92 15.38 -22.72
CA GLY A 154 17.94 16.20 -22.06
C GLY A 154 18.04 17.49 -22.82
N SER A 155 19.10 18.27 -22.56
CA SER A 155 19.29 19.56 -23.21
C SER A 155 20.11 19.48 -24.49
N LEU A 156 19.84 20.44 -25.39
CA LEU A 156 20.56 20.56 -26.64
C LEU A 156 21.65 21.56 -26.44
N GLY A 157 22.55 21.66 -27.40
CA GLY A 157 23.60 22.66 -27.36
C GLY A 157 22.98 23.93 -27.92
N LYS A 158 23.81 24.77 -28.53
CA LYS A 158 23.32 26.00 -29.15
C LYS A 158 22.44 25.75 -30.38
N THR A 159 22.75 24.73 -31.18
CA THR A 159 22.00 24.40 -32.40
C THR A 159 21.49 22.95 -32.35
N GLY A 160 20.71 22.56 -33.35
CA GLY A 160 20.17 21.21 -33.46
C GLY A 160 18.80 21.07 -32.84
N ARG A 161 18.05 20.07 -33.30
CA ARG A 161 16.70 19.79 -32.77
C ARG A 161 16.50 18.31 -32.51
N PHE A 162 15.69 17.99 -31.50
CA PHE A 162 15.40 16.60 -31.21
C PHE A 162 14.62 15.89 -32.33
N THR A 163 15.00 14.64 -32.59
CA THR A 163 14.27 13.79 -33.51
C THR A 163 13.87 12.54 -32.70
N GLU A 164 13.04 11.68 -33.29
CA GLU A 164 12.60 10.48 -32.59
C GLU A 164 13.74 9.47 -32.36
N GLU A 165 14.88 9.70 -33.00
CA GLU A 165 16.05 8.86 -32.83
C GLU A 165 17.07 9.51 -31.89
N THR A 166 16.73 10.65 -31.32
CA THR A 166 17.64 11.27 -30.37
C THR A 166 17.66 10.37 -29.14
N PRO A 167 18.86 10.05 -28.64
CA PRO A 167 18.91 9.16 -27.48
C PRO A 167 18.38 9.81 -26.21
N LEU A 168 17.81 8.99 -25.33
CA LEU A 168 17.24 9.49 -24.06
C LEU A 168 18.35 9.83 -23.11
N ALA A 169 18.17 10.92 -22.36
CA ALA A 169 19.17 11.40 -21.42
C ALA A 169 18.55 12.37 -20.41
N PRO A 170 17.49 11.93 -19.72
CA PRO A 170 16.79 12.78 -18.79
C PRO A 170 17.69 13.25 -17.66
N ASN A 171 17.51 14.51 -17.25
CA ASN A 171 18.31 15.09 -16.17
C ASN A 171 17.61 15.26 -14.84
N SER A 172 16.28 15.17 -14.82
CA SER A 172 15.54 15.33 -13.57
C SER A 172 14.76 14.09 -13.17
N PRO A 173 14.33 14.05 -11.90
CA PRO A 173 13.48 12.97 -11.47
C PRO A 173 12.24 12.86 -12.35
N TYR A 174 11.60 13.99 -12.62
CA TYR A 174 10.41 14.01 -13.45
C TYR A 174 10.68 13.46 -14.85
N SER A 175 11.69 14.00 -15.53
CA SER A 175 11.95 13.54 -16.89
C SER A 175 12.40 12.08 -16.90
N SER A 176 13.13 11.66 -15.88
CA SER A 176 13.58 10.27 -15.82
C SER A 176 12.38 9.32 -15.65
N SER A 177 11.38 9.76 -14.88
CA SER A 177 10.18 8.95 -14.64
C SER A 177 9.41 8.79 -15.92
N LYS A 178 9.40 9.86 -16.70
CA LYS A 178 8.72 9.92 -17.99
C LYS A 178 9.39 9.07 -19.07
N ALA A 179 10.72 9.14 -19.12
CA ALA A 179 11.50 8.32 -20.04
C ALA A 179 11.34 6.84 -19.70
N SER A 180 11.28 6.55 -18.40
CA SER A 180 11.14 5.20 -17.94
C SER A 180 9.84 4.60 -18.42
N ALA A 181 8.77 5.39 -18.35
CA ALA A 181 7.50 4.89 -18.81
C ALA A 181 7.53 4.69 -20.32
N ASP A 182 8.26 5.53 -21.04
CA ASP A 182 8.34 5.38 -22.49
C ASP A 182 9.02 4.08 -22.86
N MSE A 183 10.21 3.87 -22.30
CA MSE A 183 11.01 2.69 -22.60
C MSE A 183 10.27 1.45 -22.24
O MSE A 183 10.32 0.46 -22.97
CB MSE A 183 12.33 2.76 -21.90
CG MSE A 183 13.33 3.56 -22.73
SE MSE A 183 14.99 3.63 -21.65
CE MSE A 183 15.71 4.47 -23.29
N ILE A 184 9.57 1.48 -21.11
CA ILE A 184 8.79 0.34 -20.67
C ILE A 184 7.64 0.12 -21.67
N ALA A 185 6.91 1.18 -22.01
CA ALA A 185 5.82 1.05 -22.97
C ALA A 185 6.28 0.42 -24.31
N LEU A 186 7.41 0.88 -24.83
CA LEU A 186 7.91 0.36 -26.09
C LEU A 186 8.41 -1.06 -25.94
N ALA A 187 8.93 -1.42 -24.76
CA ALA A 187 9.37 -2.79 -24.54
C ALA A 187 8.16 -3.73 -24.59
N TYR A 188 7.00 -3.27 -24.11
CA TYR A 188 5.78 -4.07 -24.18
C TYR A 188 5.37 -4.28 -25.63
N TYR A 189 5.65 -3.29 -26.46
CA TYR A 189 5.35 -3.42 -27.87
C TYR A 189 6.28 -4.43 -28.49
N LYS A 190 7.57 -4.28 -28.23
CA LYS A 190 8.55 -5.21 -28.81
C LYS A 190 8.40 -6.62 -28.25
N THR A 191 7.95 -6.75 -27.02
CA THR A 191 7.82 -8.08 -26.43
C THR A 191 6.50 -8.78 -26.71
N TYR A 192 5.38 -8.07 -26.70
CA TYR A 192 4.07 -8.69 -26.95
C TYR A 192 3.26 -8.03 -28.08
N GLN A 193 3.87 -7.16 -28.87
CA GLN A 193 3.16 -6.49 -29.95
C GLN A 193 1.90 -5.74 -29.50
N LEU A 194 1.90 -5.18 -28.30
CA LEU A 194 0.76 -4.40 -27.85
C LEU A 194 0.70 -3.11 -28.64
N PRO A 195 -0.53 -2.67 -28.98
CA PRO A 195 -0.73 -1.43 -29.76
C PRO A 195 -0.46 -0.21 -28.88
N VAL A 196 0.81 0.17 -28.82
CA VAL A 196 1.27 1.25 -27.99
C VAL A 196 2.01 2.27 -28.82
N ILE A 197 1.69 3.54 -28.61
CA ILE A 197 2.35 4.62 -29.31
C ILE A 197 2.82 5.63 -28.28
N VAL A 198 3.99 6.22 -28.51
CA VAL A 198 4.51 7.24 -27.61
C VAL A 198 4.63 8.58 -28.32
N THR A 199 4.12 9.65 -27.70
CA THR A 199 4.25 10.98 -28.29
C THR A 199 5.08 11.79 -27.35
N ARG A 200 5.94 12.64 -27.90
CA ARG A 200 6.80 13.51 -27.08
C ARG A 200 6.65 14.91 -27.60
N CYS A 201 6.15 15.82 -26.74
CA CYS A 201 5.92 17.21 -27.13
C CYS A 201 6.72 18.19 -26.33
N SER A 202 6.71 19.41 -26.86
CA SER A 202 7.42 20.52 -26.25
C SER A 202 6.46 21.22 -25.29
N ASN A 203 6.90 22.33 -24.72
CA ASN A 203 6.10 23.03 -23.73
C ASN A 203 4.74 23.50 -24.24
N ASN A 204 3.68 23.06 -23.58
CA ASN A 204 2.35 23.48 -23.91
C ASN A 204 2.04 24.79 -23.20
N TYR A 205 1.13 25.54 -23.80
CA TYR A 205 0.64 26.80 -23.25
C TYR A 205 -0.78 26.94 -23.77
N GLY A 206 -1.59 27.70 -23.06
CA GLY A 206 -2.95 27.86 -23.45
C GLY A 206 -3.87 27.95 -22.25
N PRO A 207 -5.17 27.84 -22.52
CA PRO A 207 -6.16 27.96 -21.48
C PRO A 207 -6.12 26.79 -20.53
N TYR A 208 -6.38 27.07 -19.26
CA TYR A 208 -6.47 26.07 -18.21
C TYR A 208 -5.15 25.59 -17.67
N GLN A 209 -4.08 26.32 -17.97
CA GLN A 209 -2.77 26.01 -17.43
C GLN A 209 -2.66 26.71 -16.07
N TYR A 210 -2.22 25.99 -15.03
CA TYR A 210 -2.14 26.60 -13.71
C TYR A 210 -1.26 27.85 -13.74
N PRO A 211 -1.60 28.85 -12.92
CA PRO A 211 -0.85 30.08 -12.83
C PRO A 211 0.59 30.00 -12.27
N GLU A 212 1.06 28.82 -11.92
CA GLU A 212 2.44 28.64 -11.44
C GLU A 212 3.34 28.57 -12.67
N LYS A 213 2.79 28.01 -13.74
CA LYS A 213 3.53 27.81 -14.98
C LYS A 213 3.89 29.18 -15.61
N LEU A 214 5.05 29.22 -16.25
CA LEU A 214 5.66 30.43 -16.79
C LEU A 214 4.75 31.49 -17.38
N ILE A 215 4.08 31.16 -18.47
CA ILE A 215 3.23 32.13 -19.15
C ILE A 215 2.11 32.65 -18.27
N PRO A 216 1.32 31.76 -17.64
CA PRO A 216 0.28 32.23 -16.74
C PRO A 216 0.85 33.05 -15.58
N LEU A 217 1.97 32.59 -15.03
CA LEU A 217 2.61 33.31 -13.95
C LEU A 217 2.91 34.73 -14.38
N MSE A 218 3.53 34.89 -15.55
CA MSE A 218 3.88 36.24 -16.07
C MSE A 218 2.62 37.07 -16.28
O MSE A 218 2.52 38.21 -15.82
CB MSE A 218 4.61 36.15 -17.40
CG MSE A 218 6.05 35.62 -17.37
SE MSE A 218 7.08 36.21 -15.80
CE MSE A 218 7.22 34.42 -15.01
N VAL A 219 1.64 36.48 -16.94
CA VAL A 219 0.38 37.18 -17.21
C VAL A 219 -0.39 37.54 -15.96
N THR A 220 -0.63 36.55 -15.10
CA THR A 220 -1.40 36.81 -13.88
C THR A 220 -0.68 37.75 -12.92
N ASN A 221 0.66 37.71 -12.88
CA ASN A 221 1.38 38.65 -12.04
C ASN A 221 1.21 40.06 -12.57
N ALA A 222 1.30 40.19 -13.90
CA ALA A 222 1.12 41.47 -14.54
C ALA A 222 -0.26 42.02 -14.23
N LEU A 223 -1.29 41.17 -14.33
CA LEU A 223 -2.65 41.60 -14.02
C LEU A 223 -2.81 41.99 -12.56
N GLU A 224 -2.06 41.37 -11.67
CA GLU A 224 -2.11 41.71 -10.26
C GLU A 224 -1.13 42.81 -9.85
N GLY A 225 -0.52 43.47 -10.83
CA GLY A 225 0.44 44.52 -10.57
C GLY A 225 1.70 44.04 -9.85
N LYS A 226 2.13 42.81 -10.11
CA LYS A 226 3.34 42.28 -9.48
C LYS A 226 4.53 42.22 -10.42
N LYS A 227 5.69 41.97 -9.83
CA LYS A 227 6.94 41.87 -10.57
C LYS A 227 6.88 40.60 -11.42
N LEU A 228 7.47 40.64 -12.61
CA LEU A 228 7.49 39.47 -13.50
C LEU A 228 8.84 38.75 -13.35
N PRO A 229 8.88 37.68 -12.55
CA PRO A 229 10.17 37.02 -12.32
C PRO A 229 10.69 36.17 -13.48
N LEU A 230 12.01 36.15 -13.61
CA LEU A 230 12.73 35.36 -14.59
C LEU A 230 13.75 34.54 -13.81
N TYR A 231 13.56 33.22 -13.77
CA TYR A 231 14.52 32.41 -13.05
C TYR A 231 15.81 32.42 -13.88
N GLY A 232 16.94 32.28 -13.21
CA GLY A 232 18.24 32.24 -13.88
C GLY A 232 18.63 33.55 -14.54
N ASP A 233 19.06 33.46 -15.81
CA ASP A 233 19.44 34.62 -16.61
C ASP A 233 18.41 34.86 -17.73
N GLY A 234 17.29 34.15 -17.66
CA GLY A 234 16.20 34.25 -18.64
C GLY A 234 16.49 33.76 -20.06
N LEU A 235 17.66 33.17 -20.26
CA LEU A 235 18.04 32.73 -21.58
C LEU A 235 17.81 31.27 -21.91
N ASN A 236 17.09 30.56 -21.04
CA ASN A 236 16.72 29.21 -21.36
C ASN A 236 15.81 29.22 -22.59
N VAL A 237 16.04 28.31 -23.52
CA VAL A 237 15.26 28.22 -24.74
C VAL A 237 14.29 27.03 -24.76
N ARG A 238 13.07 27.29 -25.24
CA ARG A 238 11.98 26.32 -25.32
C ARG A 238 11.19 26.45 -26.63
N ASP A 239 10.53 25.35 -27.02
CA ASP A 239 9.69 25.29 -28.21
C ASP A 239 8.28 25.33 -27.66
N TRP A 240 7.52 26.38 -27.98
CA TRP A 240 6.18 26.54 -27.44
C TRP A 240 5.06 26.04 -28.36
N LEU A 241 4.31 25.06 -27.88
CA LEU A 241 3.24 24.42 -28.62
C LEU A 241 1.91 24.79 -28.01
N HIS A 242 0.96 25.22 -28.83
CA HIS A 242 -0.35 25.57 -28.27
C HIS A 242 -1.08 24.27 -27.92
N VAL A 243 -1.73 24.26 -26.77
CA VAL A 243 -2.41 23.08 -26.30
C VAL A 243 -3.33 22.43 -27.33
N THR A 244 -4.04 23.23 -28.12
CA THR A 244 -4.99 22.60 -29.04
C THR A 244 -4.25 21.94 -30.18
N ASP A 245 -3.06 22.44 -30.53
CA ASP A 245 -2.26 21.79 -31.58
C ASP A 245 -1.77 20.45 -31.07
N HIS A 246 -1.44 20.38 -29.78
CA HIS A 246 -1.05 19.13 -29.16
C HIS A 246 -2.25 18.18 -29.25
N CYS A 247 -3.43 18.67 -28.89
CA CYS A 247 -4.62 17.85 -28.99
C CYS A 247 -4.85 17.34 -30.42
N SER A 248 -4.68 18.19 -31.44
CA SER A 248 -4.93 17.74 -32.81
C SER A 248 -3.88 16.72 -33.24
N ALA A 249 -2.66 16.85 -32.71
CA ALA A 249 -1.59 15.90 -33.03
C ALA A 249 -1.94 14.53 -32.48
N ILE A 250 -2.43 14.50 -31.24
CA ILE A 250 -2.80 13.27 -30.58
C ILE A 250 -3.99 12.64 -31.30
N ASP A 251 -4.90 13.47 -31.77
CA ASP A 251 -6.06 12.97 -32.49
C ASP A 251 -5.60 12.19 -33.72
N VAL A 252 -4.58 12.71 -34.40
CA VAL A 252 -4.08 12.08 -35.59
C VAL A 252 -3.37 10.78 -35.27
N VAL A 253 -2.46 10.83 -34.29
CA VAL A 253 -1.70 9.65 -33.86
C VAL A 253 -2.62 8.52 -33.41
N LEU A 254 -3.58 8.88 -32.59
CA LEU A 254 -4.63 7.99 -32.10
C LEU A 254 -5.28 7.25 -33.26
N HIS A 255 -5.65 7.98 -34.31
CA HIS A 255 -6.34 7.38 -35.46
C HIS A 255 -5.44 6.72 -36.52
N LYS A 256 -4.37 7.39 -36.94
CA LYS A 256 -3.51 6.88 -38.01
C LYS A 256 -2.08 6.54 -37.59
N GLY A 257 -1.74 6.79 -36.34
CA GLY A 257 -0.37 6.52 -35.86
C GLY A 257 -0.02 5.04 -35.91
N ARG A 258 1.24 4.76 -36.29
CA ARG A 258 1.76 3.39 -36.33
C ARG A 258 2.21 2.91 -34.97
N VAL A 259 1.69 1.75 -34.62
CA VAL A 259 1.96 1.10 -33.35
C VAL A 259 3.45 0.84 -33.17
N GLY A 260 3.94 1.08 -31.96
CA GLY A 260 5.34 0.87 -31.63
C GLY A 260 6.26 2.04 -31.91
N GLU A 261 5.73 3.12 -32.46
CA GLU A 261 6.54 4.26 -32.84
C GLU A 261 6.47 5.40 -31.85
N VAL A 262 7.45 6.28 -31.99
CA VAL A 262 7.48 7.53 -31.23
C VAL A 262 7.16 8.65 -32.21
N TYR A 263 6.47 9.68 -31.75
CA TYR A 263 6.19 10.84 -32.59
C TYR A 263 6.49 12.12 -31.83
N ASN A 264 7.47 12.86 -32.29
CA ASN A 264 7.75 14.18 -31.71
C ASN A 264 6.70 15.19 -32.19
N ILE A 265 6.23 16.03 -31.27
CA ILE A 265 5.22 17.04 -31.55
C ILE A 265 5.70 18.39 -31.04
N GLY A 266 5.74 19.38 -31.92
CA GLY A 266 6.21 20.69 -31.51
C GLY A 266 5.49 21.83 -32.20
N GLY A 267 5.74 23.03 -31.68
CA GLY A 267 5.16 24.23 -32.25
C GLY A 267 5.96 24.92 -33.36
N ASN A 268 7.01 24.27 -33.86
CA ASN A 268 7.91 24.84 -34.91
C ASN A 268 8.39 26.22 -34.60
N ASN A 269 8.80 26.42 -33.36
CA ASN A 269 9.36 27.70 -32.95
C ASN A 269 10.31 27.44 -31.78
N GLU A 270 10.97 28.50 -31.35
CA GLU A 270 12.01 28.40 -30.34
C GLU A 270 12.17 29.76 -29.72
N LYS A 271 11.95 29.89 -28.41
CA LYS A 271 12.00 31.20 -27.78
C LYS A 271 12.75 31.20 -26.47
N THR A 272 13.46 32.28 -26.20
CA THR A 272 14.12 32.41 -24.91
C THR A 272 13.00 32.84 -23.96
N ASN A 273 13.14 32.51 -22.69
CA ASN A 273 12.14 32.91 -21.71
C ASN A 273 11.97 34.43 -21.67
N VAL A 274 13.07 35.13 -21.83
CA VAL A 274 13.01 36.58 -21.81
C VAL A 274 12.20 37.09 -23.02
N GLU A 275 12.36 36.49 -24.20
CA GLU A 275 11.55 36.88 -25.37
C GLU A 275 10.08 36.73 -25.05
N VAL A 276 9.73 35.60 -24.43
CA VAL A 276 8.35 35.33 -24.07
C VAL A 276 7.82 36.41 -23.13
N VAL A 277 8.62 36.83 -22.15
CA VAL A 277 8.16 37.84 -21.20
C VAL A 277 7.98 39.16 -21.91
N GLU A 278 8.97 39.56 -22.70
CA GLU A 278 8.87 40.80 -23.46
C GLU A 278 7.60 40.86 -24.31
N GLN A 279 7.20 39.74 -24.93
CA GLN A 279 5.99 39.71 -25.73
C GLN A 279 4.75 39.89 -24.87
N ILE A 280 4.75 39.27 -23.70
CA ILE A 280 3.65 39.40 -22.74
C ILE A 280 3.57 40.84 -22.23
N ILE A 281 4.74 41.43 -21.98
CA ILE A 281 4.81 42.81 -21.53
C ILE A 281 4.17 43.74 -22.54
N THR A 282 4.53 43.58 -23.80
CA THR A 282 3.98 44.42 -24.87
C THR A 282 2.47 44.24 -25.00
N LEU A 283 2.01 43.00 -24.92
CA LEU A 283 0.59 42.72 -25.05
C LEU A 283 -0.27 43.36 -23.96
N LEU A 284 0.34 43.73 -22.84
CA LEU A 284 -0.40 44.31 -21.72
C LEU A 284 0.05 45.70 -21.46
N GLY A 285 0.72 46.29 -22.44
CA GLY A 285 1.23 47.66 -22.34
C GLY A 285 2.03 47.98 -21.08
N LYS A 286 2.70 46.98 -20.52
CA LYS A 286 3.53 47.18 -19.36
C LYS A 286 4.90 47.57 -19.88
N THR A 287 5.84 47.78 -18.97
CA THR A 287 7.21 48.14 -19.34
C THR A 287 8.17 47.08 -18.80
N LYS A 288 9.39 47.07 -19.30
CA LYS A 288 10.41 46.10 -18.86
C LYS A 288 10.82 46.30 -17.41
N LYS A 289 10.57 47.49 -16.86
CA LYS A 289 10.90 47.81 -15.49
C LYS A 289 10.24 46.87 -14.49
N ASP A 290 9.22 46.16 -14.93
CA ASP A 290 8.49 45.20 -14.09
C ASP A 290 9.19 43.82 -13.94
N ILE A 291 10.14 43.53 -14.82
CA ILE A 291 10.87 42.25 -14.80
C ILE A 291 11.81 42.24 -13.61
N GLU A 292 12.12 41.05 -13.11
CA GLU A 292 12.98 40.88 -11.96
C GLU A 292 13.71 39.54 -12.06
N TYR A 293 14.99 39.52 -11.73
CA TYR A 293 15.77 38.28 -11.82
C TYR A 293 15.88 37.52 -10.51
N VAL A 294 15.80 36.20 -10.62
CA VAL A 294 15.81 35.28 -9.48
C VAL A 294 16.78 34.14 -9.86
N THR A 295 17.07 33.21 -8.94
CA THR A 295 17.98 32.05 -9.14
C THR A 295 17.18 30.74 -9.08
N ASP A 296 17.83 29.59 -9.23
CA ASP A 296 17.15 28.27 -9.11
C ASP A 296 18.11 27.15 -8.72
N GLY A 299 18.13 23.87 -10.70
CA GLY A 299 18.58 23.83 -12.10
C GLY A 299 17.45 23.62 -13.13
N HIS A 300 17.76 23.92 -14.39
CA HIS A 300 16.85 23.71 -15.54
C HIS A 300 17.70 23.49 -16.80
N ASP A 301 17.19 22.71 -17.73
CA ASP A 301 17.93 22.43 -18.97
C ASP A 301 18.10 23.71 -19.79
N ARG A 302 19.15 23.78 -20.58
CA ARG A 302 19.42 25.01 -21.33
C ARG A 302 18.54 25.17 -22.56
N ARG A 303 18.46 24.18 -23.44
CA ARG A 303 17.67 24.34 -24.65
C ARG A 303 16.87 23.13 -25.11
N TYR A 304 15.59 23.32 -25.40
CA TYR A 304 14.73 22.30 -25.98
C TYR A 304 14.18 22.79 -27.30
N ALA A 305 14.20 21.95 -28.32
CA ALA A 305 13.69 22.31 -29.63
C ALA A 305 13.32 21.04 -30.40
N ILE A 306 12.07 20.95 -30.83
CA ILE A 306 11.60 19.76 -31.51
C ILE A 306 11.43 19.83 -33.01
N ASN A 307 11.92 18.80 -33.67
CA ASN A 307 11.78 18.64 -35.10
C ASN A 307 10.64 17.67 -35.29
N ALA A 308 9.54 18.15 -35.87
CA ALA A 308 8.35 17.32 -36.06
C ALA A 308 8.13 16.96 -37.51
N GLU A 309 9.21 16.73 -38.25
CA GLU A 309 9.06 16.39 -39.65
C GLU A 309 8.44 15.00 -39.84
N LYS A 310 8.58 14.12 -38.85
CA LYS A 310 7.98 12.80 -38.97
C LYS A 310 6.46 12.91 -39.00
N MSE A 311 5.89 13.78 -38.17
CA MSE A 311 4.44 13.97 -38.15
C MSE A 311 4.03 14.53 -39.47
O MSE A 311 3.00 14.15 -40.05
CB MSE A 311 4.04 15.01 -37.09
CG MSE A 311 4.13 14.50 -35.66
SE MSE A 311 2.59 13.37 -35.25
CE MSE A 311 1.05 14.58 -35.42
N LYS A 312 4.83 15.48 -39.94
CA LYS A 312 4.59 16.14 -41.23
C LYS A 312 4.61 15.15 -42.40
N ASN A 313 5.65 14.32 -42.48
CA ASN A 313 5.77 13.37 -43.59
C ASN A 313 4.75 12.28 -43.57
N GLU A 314 4.36 11.86 -42.39
CA GLU A 314 3.51 10.71 -42.26
C GLU A 314 2.02 11.02 -42.27
N PHE A 315 1.64 12.19 -41.76
CA PHE A 315 0.21 12.56 -41.68
C PHE A 315 -0.08 13.95 -42.24
N ASP A 316 0.95 14.60 -42.74
CA ASP A 316 0.81 15.95 -43.26
C ASP A 316 0.27 16.89 -42.19
N TRP A 317 0.72 16.68 -40.96
CA TRP A 317 0.32 17.50 -39.83
C TRP A 317 1.35 18.56 -39.47
N GLU A 318 0.81 19.74 -39.16
CA GLU A 318 1.57 20.89 -38.73
C GLU A 318 0.74 21.64 -37.70
N PRO A 319 1.40 22.42 -36.86
CA PRO A 319 0.65 23.23 -35.93
C PRO A 319 -0.12 24.28 -36.71
N LYS A 320 -1.34 24.57 -36.26
CA LYS A 320 -2.27 25.56 -36.76
C LYS A 320 -2.04 26.95 -36.22
N TYR A 321 -1.40 27.02 -35.07
CA TYR A 321 -1.08 28.27 -34.42
C TYR A 321 0.36 28.67 -34.58
N THR A 322 0.57 29.99 -34.64
CA THR A 322 1.90 30.55 -34.57
C THR A 322 1.97 30.97 -33.09
N PHE A 323 3.17 31.15 -32.57
CA PHE A 323 3.30 31.56 -31.19
C PHE A 323 2.69 32.93 -30.96
N GLU A 324 2.87 33.85 -31.91
CA GLU A 324 2.38 35.21 -31.81
C GLU A 324 0.87 35.21 -31.62
N GLN A 325 0.21 34.40 -32.42
CA GLN A 325 -1.24 34.23 -32.35
C GLN A 325 -1.67 33.51 -31.06
N GLY A 326 -1.04 32.39 -30.74
CA GLY A 326 -1.37 31.63 -29.54
C GLY A 326 -1.21 32.45 -28.28
N LEU A 327 -0.10 33.16 -28.18
CA LEU A 327 0.23 33.93 -26.99
C LEU A 327 -0.81 34.98 -26.74
N GLN A 328 -1.22 35.64 -27.80
CA GLN A 328 -2.24 36.67 -27.70
C GLN A 328 -3.58 36.13 -27.17
N GLU A 329 -4.05 35.03 -27.73
CA GLU A 329 -5.31 34.44 -27.27
C GLU A 329 -5.21 33.99 -25.86
N THR A 330 -4.05 33.48 -25.50
CA THR A 330 -3.85 33.00 -24.16
C THR A 330 -3.93 34.17 -23.20
N VAL A 331 -3.19 35.23 -23.48
CA VAL A 331 -3.20 36.40 -22.60
C VAL A 331 -4.64 36.85 -22.40
N GLN A 332 -5.40 36.99 -23.49
CA GLN A 332 -6.80 37.37 -23.39
C GLN A 332 -7.57 36.42 -22.48
N TRP A 333 -7.35 35.10 -22.67
CA TRP A 333 -8.04 34.12 -21.87
C TRP A 333 -7.84 34.42 -20.40
N TYR A 334 -6.59 34.66 -20.00
CA TYR A 334 -6.32 34.94 -18.59
C TYR A 334 -6.93 36.24 -18.12
N GLU A 335 -7.00 37.25 -18.98
CA GLU A 335 -7.65 38.51 -18.63
C GLU A 335 -9.12 38.25 -18.36
N LYS A 336 -9.72 37.42 -19.20
CA LYS A 336 -11.14 37.11 -19.07
C LYS A 336 -11.52 36.05 -18.04
N ASN A 337 -10.55 35.34 -17.46
CA ASN A 337 -10.89 34.27 -16.52
C ASN A 337 -10.27 34.33 -15.12
N GLU A 338 -10.40 35.48 -14.45
CA GLU A 338 -9.88 35.57 -13.09
C GLU A 338 -10.62 34.62 -12.16
N GLU A 339 -11.89 34.35 -12.43
CA GLU A 339 -12.62 33.41 -11.60
C GLU A 339 -11.93 32.04 -11.58
N TRP A 340 -11.30 31.67 -12.69
CA TRP A 340 -10.64 30.39 -12.80
C TRP A 340 -9.27 30.35 -12.12
N TRP A 341 -8.42 31.36 -12.35
CA TRP A 341 -7.06 31.32 -11.77
C TRP A 341 -6.89 31.95 -10.38
N LYS A 342 -7.74 32.89 -9.99
CA LYS A 342 -7.64 33.47 -8.65
C LYS A 342 -7.57 32.43 -7.52
N PRO A 343 -8.48 31.44 -7.51
CA PRO A 343 -8.51 30.44 -6.44
C PRO A 343 -7.27 29.55 -6.43
N LEU A 344 -6.62 29.38 -7.57
CA LEU A 344 -5.42 28.57 -7.69
C LEU A 344 -4.11 29.34 -7.45
N LYS A 345 -4.16 30.60 -7.06
CA LYS A 345 -2.90 31.33 -6.96
C LYS A 345 -2.35 31.69 -5.57
N ALA B 24 18.61 -6.78 33.03
CA ALA B 24 18.11 -8.16 32.78
C ALA B 24 17.12 -8.23 31.58
N MSE B 25 16.29 -7.20 31.40
CA MSE B 25 15.24 -7.21 30.36
C MSE B 25 15.41 -6.25 29.19
O MSE B 25 16.10 -5.25 29.30
CB MSE B 25 14.00 -6.79 31.10
CG MSE B 25 12.71 -7.34 30.52
SE MSE B 25 11.38 -7.37 31.99
CE MSE B 25 10.95 -9.29 31.83
N ASN B 26 14.79 -6.56 28.06
CA ASN B 26 14.86 -5.71 26.88
C ASN B 26 13.47 -5.39 26.45
N ILE B 27 13.13 -4.10 26.48
CA ILE B 27 11.79 -3.67 26.23
C ILE B 27 11.64 -2.77 25.01
N LEU B 28 10.68 -3.10 24.17
CA LEU B 28 10.37 -2.31 22.99
C LEU B 28 9.16 -1.44 23.33
N VAL B 29 9.35 -0.14 23.25
CA VAL B 29 8.29 0.80 23.54
C VAL B 29 7.86 1.46 22.24
N THR B 30 6.71 1.07 21.70
CA THR B 30 6.23 1.68 20.47
C THR B 30 5.55 2.97 20.89
N GLY B 31 5.61 4.00 20.05
CA GLY B 31 5.00 5.28 20.39
C GLY B 31 5.76 5.97 21.52
N GLY B 32 7.02 5.59 21.68
CA GLY B 32 7.83 6.14 22.76
C GLY B 32 8.31 7.56 22.62
N ALA B 33 8.00 8.21 21.49
CA ALA B 33 8.37 9.64 21.27
C ALA B 33 7.16 10.53 21.53
N GLY B 34 6.06 9.91 21.96
CA GLY B 34 4.85 10.62 22.25
C GLY B 34 4.81 11.03 23.70
N PHE B 35 3.62 11.46 24.11
CA PHE B 35 3.43 11.98 25.45
C PHE B 35 3.67 10.92 26.51
N ILE B 36 2.81 9.93 26.54
CA ILE B 36 2.93 8.89 27.54
C ILE B 36 4.18 8.05 27.27
N GLY B 37 4.40 7.71 26.01
CA GLY B 37 5.53 6.89 25.64
C GLY B 37 6.87 7.44 26.10
N SER B 38 7.09 8.73 25.86
CA SER B 38 8.36 9.34 26.23
C SER B 38 8.49 9.27 27.73
N ASN B 39 7.43 9.64 28.44
CA ASN B 39 7.42 9.58 29.91
C ASN B 39 7.79 8.18 30.41
N PHE B 40 7.22 7.16 29.77
CA PHE B 40 7.51 5.78 30.09
C PHE B 40 8.97 5.45 29.85
N VAL B 41 9.48 5.83 28.69
CA VAL B 41 10.90 5.61 28.42
C VAL B 41 11.74 6.22 29.53
N HIS B 42 11.46 7.47 29.91
CA HIS B 42 12.25 8.08 31.00
C HIS B 42 12.09 7.32 32.31
N TYR B 43 10.86 6.91 32.59
CA TYR B 43 10.57 6.20 33.83
C TYR B 43 11.34 4.87 33.97
N MSE B 44 11.39 4.11 32.89
CA MSE B 44 12.06 2.80 32.90
C MSE B 44 13.54 3.00 33.02
O MSE B 44 14.18 2.38 33.88
CB MSE B 44 11.66 1.90 31.73
CG MSE B 44 10.17 1.56 31.69
SE MSE B 44 9.58 0.54 33.28
CE MSE B 44 10.46 -1.12 32.71
N LEU B 45 14.10 3.89 32.22
CA LEU B 45 15.56 4.15 32.32
C LEU B 45 16.02 4.61 33.71
N GLN B 46 15.24 5.46 34.35
CA GLN B 46 15.59 5.91 35.71
C GLN B 46 15.34 4.81 36.74
N SER B 47 14.30 4.00 36.55
CA SER B 47 13.97 2.95 37.52
C SER B 47 14.76 1.64 37.41
N TYR B 48 15.19 1.28 36.19
CA TYR B 48 15.94 0.02 35.97
C TYR B 48 17.25 0.29 35.25
N GLU B 49 18.32 0.35 36.02
CA GLU B 49 19.62 0.67 35.48
C GLU B 49 20.21 -0.32 34.49
N THR B 50 19.67 -1.53 34.41
CA THR B 50 20.19 -2.55 33.51
C THR B 50 19.27 -2.94 32.37
N TYR B 51 18.08 -2.38 32.29
CA TYR B 51 17.16 -2.67 31.20
C TYR B 51 17.55 -1.86 29.99
N LYS B 52 17.26 -2.41 28.81
CA LYS B 52 17.48 -1.76 27.53
C LYS B 52 16.12 -1.33 27.07
N ILE B 53 15.98 -0.07 26.69
CA ILE B 53 14.72 0.45 26.23
C ILE B 53 14.87 0.83 24.76
N ILE B 54 14.04 0.23 23.89
CA ILE B 54 14.08 0.52 22.45
C ILE B 54 12.84 1.32 22.10
N ASN B 55 13.04 2.59 21.76
CA ASN B 55 11.94 3.46 21.38
C ASN B 55 11.71 3.32 19.89
N PHE B 56 10.52 2.81 19.54
CA PHE B 56 10.14 2.52 18.16
C PHE B 56 8.99 3.47 17.84
N ASP B 57 9.24 4.44 16.97
CA ASP B 57 8.22 5.47 16.70
C ASP B 57 8.26 5.97 15.28
N ALA B 58 7.08 6.22 14.73
CA ALA B 58 6.96 6.70 13.35
C ALA B 58 7.10 8.20 13.22
N LEU B 59 7.21 8.89 14.34
CA LEU B 59 7.36 10.36 14.34
C LEU B 59 6.29 11.05 13.50
N THR B 60 5.02 10.81 13.83
CA THR B 60 3.90 11.43 13.17
C THR B 60 3.79 12.81 13.80
N TYR B 61 2.77 13.56 13.44
CA TYR B 61 2.55 14.86 14.02
C TYR B 61 2.75 14.89 15.54
N SER B 62 2.18 13.91 16.26
CA SER B 62 2.26 13.92 17.72
C SER B 62 3.55 13.37 18.34
N GLY B 63 4.45 12.89 17.48
CA GLY B 63 5.74 12.38 17.94
C GLY B 63 6.73 13.53 17.96
N ASN B 64 7.51 13.60 19.02
CA ASN B 64 8.46 14.68 19.22
C ASN B 64 9.78 14.20 19.89
N LEU B 65 10.88 14.19 19.14
CA LEU B 65 12.18 13.77 19.66
C LEU B 65 12.72 14.61 20.79
N ASN B 66 12.20 15.82 20.97
CA ASN B 66 12.62 16.65 22.09
C ASN B 66 12.16 16.09 23.42
N ASN B 67 11.11 15.28 23.38
CA ASN B 67 10.60 14.66 24.58
C ASN B 67 11.65 13.71 25.20
N VAL B 68 12.59 13.29 24.38
CA VAL B 68 13.55 12.27 24.71
C VAL B 68 15.00 12.67 24.45
N LYS B 69 15.24 13.94 24.17
CA LYS B 69 16.61 14.36 23.84
C LYS B 69 17.54 14.25 25.04
N SER B 70 17.03 14.28 26.28
CA SER B 70 17.92 14.20 27.46
C SER B 70 18.54 12.85 27.65
N ILE B 71 17.86 11.80 27.19
CA ILE B 71 18.36 10.44 27.36
C ILE B 71 18.77 9.82 26.05
N GLN B 72 18.82 10.61 24.98
CA GLN B 72 19.12 10.05 23.67
C GLN B 72 20.51 9.44 23.55
N ASP B 73 21.42 9.79 24.44
CA ASP B 73 22.78 9.22 24.44
C ASP B 73 23.00 8.25 25.60
N HIS B 74 21.91 7.86 26.28
CA HIS B 74 22.02 6.93 27.40
C HIS B 74 22.47 5.61 26.81
N PRO B 75 23.43 4.92 27.45
CA PRO B 75 23.96 3.64 26.88
C PRO B 75 22.93 2.52 26.67
N ASN B 76 21.86 2.52 27.45
CA ASN B 76 20.76 1.55 27.32
C ASN B 76 19.55 1.98 26.49
N TYR B 77 19.64 3.12 25.83
CA TYR B 77 18.51 3.57 24.99
C TYR B 77 18.83 3.39 23.52
N TYR B 78 17.81 3.00 22.75
CA TYR B 78 17.94 2.83 21.31
C TYR B 78 16.69 3.43 20.68
N PHE B 79 16.87 4.09 19.54
CA PHE B 79 15.75 4.63 18.82
C PHE B 79 15.62 3.96 17.46
N VAL B 80 14.38 3.77 17.04
CA VAL B 80 14.11 3.20 15.75
C VAL B 80 12.97 3.99 15.15
N LYS B 81 13.17 4.55 13.96
CA LYS B 81 12.09 5.25 13.29
C LYS B 81 11.34 4.29 12.40
N GLY B 82 10.07 4.05 12.70
CA GLY B 82 9.26 3.17 11.89
C GLY B 82 7.82 2.98 12.34
N GLU B 83 6.98 2.52 11.42
CA GLU B 83 5.60 2.20 11.72
C GLU B 83 5.50 0.79 12.31
N ILE B 84 4.60 0.61 13.28
CA ILE B 84 4.31 -0.73 13.84
C ILE B 84 3.66 -1.68 12.82
N GLN B 85 3.17 -1.14 11.70
CA GLN B 85 2.66 -1.96 10.63
C GLN B 85 3.83 -2.62 9.87
N ASN B 86 5.06 -2.18 10.12
CA ASN B 86 6.24 -2.65 9.39
C ASN B 86 6.82 -3.88 10.04
N GLY B 87 6.21 -5.03 9.71
CA GLY B 87 6.62 -6.28 10.26
C GLY B 87 8.07 -6.60 10.05
N GLU B 88 8.58 -6.41 8.83
CA GLU B 88 9.99 -6.75 8.55
C GLU B 88 10.90 -6.00 9.49
N LEU B 89 10.67 -4.69 9.63
CA LEU B 89 11.46 -3.88 10.53
C LEU B 89 11.31 -4.37 11.98
N LEU B 90 10.08 -4.63 12.42
CA LEU B 90 9.85 -5.14 13.76
C LEU B 90 10.58 -6.45 14.03
N GLU B 91 10.51 -7.41 13.11
CA GLU B 91 11.22 -8.67 13.30
C GLU B 91 12.67 -8.44 13.48
N HIS B 92 13.21 -7.64 12.59
CA HIS B 92 14.61 -7.33 12.63
C HIS B 92 15.01 -6.73 13.97
N VAL B 93 14.24 -5.76 14.47
CA VAL B 93 14.59 -5.13 15.73
C VAL B 93 14.49 -6.16 16.86
N ILE B 94 13.43 -6.97 16.84
CA ILE B 94 13.24 -7.99 17.84
C ILE B 94 14.41 -9.00 17.91
N LYS B 95 14.75 -9.60 16.79
CA LYS B 95 15.85 -10.56 16.77
C LYS B 95 17.12 -9.90 17.30
N GLU B 96 17.43 -8.75 16.76
CA GLU B 96 18.65 -8.05 17.07
C GLU B 96 18.80 -7.56 18.50
N ARG B 97 17.76 -6.98 19.08
CA ARG B 97 17.82 -6.48 20.45
C ARG B 97 17.37 -7.50 21.47
N ASP B 98 17.09 -8.73 21.03
CA ASP B 98 16.67 -9.78 21.92
C ASP B 98 15.55 -9.25 22.83
N VAL B 99 14.50 -8.72 22.18
CA VAL B 99 13.36 -8.16 22.86
C VAL B 99 12.54 -9.19 23.62
N GLN B 100 12.10 -8.84 24.83
CA GLN B 100 11.32 -9.73 25.68
C GLN B 100 9.93 -9.24 26.01
N VAL B 101 9.75 -7.94 25.88
CA VAL B 101 8.47 -7.32 26.15
C VAL B 101 8.24 -6.21 25.15
N ILE B 102 6.98 -6.03 24.79
CA ILE B 102 6.58 -4.95 23.92
C ILE B 102 5.47 -4.19 24.63
N VAL B 103 5.62 -2.89 24.79
CA VAL B 103 4.56 -2.06 25.35
C VAL B 103 4.14 -1.18 24.18
N ASN B 104 2.88 -1.32 23.78
CA ASN B 104 2.39 -0.61 22.62
C ASN B 104 1.61 0.67 22.87
N PHE B 105 2.30 1.80 22.85
CA PHE B 105 1.65 3.11 23.02
C PHE B 105 1.26 3.67 21.67
N ALA B 106 1.94 3.24 20.61
CA ALA B 106 1.68 3.75 19.27
C ALA B 106 0.23 3.78 18.94
N ALA B 107 -0.26 4.96 18.54
CA ALA B 107 -1.67 5.17 18.15
C ALA B 107 -1.87 6.53 17.50
N GLU B 108 -2.98 6.72 16.77
CA GLU B 108 -3.31 8.01 16.14
C GLU B 108 -4.57 8.61 16.72
N SER B 109 -4.57 9.96 16.81
CA SER B 109 -5.67 10.77 17.36
C SER B 109 -5.92 12.02 16.54
N ILE B 119 -8.70 6.96 8.81
CA ILE B 119 -8.56 5.93 7.78
C ILE B 119 -7.21 5.18 7.93
N PRO B 120 -6.05 5.89 7.92
CA PRO B 120 -4.85 5.15 8.37
C PRO B 120 -4.81 5.22 9.91
N PHE B 121 -5.93 5.69 10.44
CA PHE B 121 -6.28 5.78 11.84
C PHE B 121 -6.51 4.38 12.38
N TYR B 122 -7.26 3.63 11.58
CA TYR B 122 -7.53 2.24 11.82
C TYR B 122 -6.32 1.43 11.42
N ASP B 123 -5.61 1.86 10.38
CA ASP B 123 -4.42 1.12 9.95
C ASP B 123 -3.46 0.98 11.12
N THR B 124 -3.19 2.08 11.78
CA THR B 124 -2.28 2.08 12.88
C THR B 124 -2.88 1.47 14.17
N ASN B 125 -4.11 1.81 14.51
CA ASN B 125 -4.70 1.33 15.76
C ASN B 125 -5.12 -0.12 15.77
N VAL B 126 -5.67 -0.58 14.65
CA VAL B 126 -6.11 -1.95 14.56
C VAL B 126 -5.05 -2.80 13.88
N ILE B 127 -4.75 -2.47 12.63
CA ILE B 127 -3.80 -3.26 11.87
C ILE B 127 -2.37 -3.26 12.40
N GLY B 128 -1.93 -2.15 12.96
CA GLY B 128 -0.65 -2.10 13.66
C GLY B 128 -0.65 -3.11 14.81
N THR B 129 -1.71 -3.13 15.61
CA THR B 129 -1.83 -4.09 16.71
C THR B 129 -1.78 -5.54 16.19
N VAL B 130 -2.53 -5.80 15.15
CA VAL B 130 -2.55 -7.14 14.57
C VAL B 130 -1.13 -7.53 14.15
N THR B 131 -0.41 -6.58 13.54
CA THR B 131 0.95 -6.86 13.13
C THR B 131 1.80 -7.26 14.33
N LEU B 132 1.64 -6.56 15.45
CA LEU B 132 2.38 -6.91 16.65
C LEU B 132 1.96 -8.29 17.19
N LEU B 133 0.68 -8.61 17.15
CA LEU B 133 0.19 -9.88 17.65
C LEU B 133 0.77 -11.03 16.82
N GLU B 134 0.83 -10.85 15.51
CA GLU B 134 1.38 -11.88 14.63
C GLU B 134 2.85 -12.14 14.94
N LEU B 135 3.56 -11.10 15.23
CA LEU B 135 4.93 -11.23 15.57
C LEU B 135 5.04 -11.99 16.91
N VAL B 136 4.17 -11.68 17.87
CA VAL B 136 4.19 -12.37 19.16
C VAL B 136 3.81 -13.84 18.92
N LYS B 137 2.83 -14.08 18.06
CA LYS B 137 2.46 -15.43 17.71
C LYS B 137 3.68 -16.23 17.22
N LYS B 138 4.54 -15.58 16.44
CA LYS B 138 5.76 -16.19 15.94
C LYS B 138 6.85 -16.28 17.00
N TYR B 139 6.86 -15.34 17.94
CA TYR B 139 7.83 -15.35 19.05
C TYR B 139 7.07 -15.30 20.38
N PRO B 140 6.35 -16.38 20.71
CA PRO B 140 5.45 -16.41 21.87
C PRO B 140 6.06 -16.19 23.24
N HIS B 141 7.37 -15.95 23.30
CA HIS B 141 8.00 -15.68 24.58
C HIS B 141 7.93 -14.22 24.91
N ILE B 142 7.58 -13.43 23.91
CA ILE B 142 7.49 -11.99 24.03
C ILE B 142 6.14 -11.55 24.54
N LYS B 143 6.14 -10.89 25.70
CA LYS B 143 4.92 -10.39 26.30
C LYS B 143 4.52 -9.07 25.61
N LEU B 144 3.23 -8.88 25.42
CA LEU B 144 2.70 -7.68 24.79
C LEU B 144 1.69 -6.99 25.70
N VAL B 145 1.95 -5.72 26.01
CA VAL B 145 1.05 -4.92 26.83
C VAL B 145 0.43 -3.91 25.88
N GLN B 146 -0.84 -4.13 25.57
CA GLN B 146 -1.60 -3.29 24.67
C GLN B 146 -2.18 -2.18 25.51
N VAL B 147 -1.73 -0.96 25.29
CA VAL B 147 -2.16 0.16 26.08
C VAL B 147 -3.44 0.76 25.52
N SER B 148 -4.53 0.63 26.26
CA SER B 148 -5.81 1.11 25.80
C SER B 148 -6.35 2.24 26.70
N THR B 149 -7.61 2.63 26.45
CA THR B 149 -8.27 3.79 27.06
C THR B 149 -9.66 3.50 27.63
N ASP B 150 -10.09 4.28 28.62
CA ASP B 150 -11.42 4.12 29.20
C ASP B 150 -12.53 4.51 28.25
N GLU B 151 -12.19 5.20 27.16
CA GLU B 151 -13.22 5.66 26.19
C GLU B 151 -13.94 4.51 25.54
N VAL B 152 -13.31 3.36 25.67
CA VAL B 152 -13.78 2.09 25.17
C VAL B 152 -15.10 1.67 25.81
N TYR B 153 -15.31 2.09 27.06
CA TYR B 153 -16.53 1.76 27.77
C TYR B 153 -17.71 2.69 27.48
N GLY B 154 -17.48 3.78 26.76
CA GLY B 154 -18.52 4.76 26.49
C GLY B 154 -18.68 5.65 27.73
N SER B 155 -19.77 6.41 27.79
CA SER B 155 -20.02 7.30 28.92
C SER B 155 -20.79 6.64 30.04
N LEU B 156 -20.57 7.13 31.26
CA LEU B 156 -21.30 6.69 32.42
C LEU B 156 -22.46 7.65 32.64
N GLY B 157 -23.36 7.32 33.56
CA GLY B 157 -24.46 8.20 33.91
C GLY B 157 -23.92 9.13 34.98
N LYS B 158 -24.78 9.62 35.86
CA LYS B 158 -24.35 10.50 36.94
C LYS B 158 -23.47 9.79 37.96
N THR B 159 -23.75 8.52 38.25
CA THR B 159 -22.98 7.74 39.23
C THR B 159 -22.41 6.47 38.60
N GLY B 160 -21.61 5.73 39.38
CA GLY B 160 -20.97 4.49 38.93
C GLY B 160 -19.59 4.69 38.33
N ARG B 161 -18.78 3.63 38.34
CA ARG B 161 -17.42 3.66 37.78
C ARG B 161 -17.13 2.44 36.94
N PHE B 162 -16.31 2.60 35.91
CA PHE B 162 -15.97 1.47 35.05
C PHE B 162 -15.16 0.39 35.78
N THR B 163 -15.48 -0.86 35.48
CA THR B 163 -14.71 -2.00 35.99
C THR B 163 -14.25 -2.77 34.76
N GLU B 164 -13.37 -3.75 34.95
CA GLU B 164 -12.86 -4.52 33.82
C GLU B 164 -13.94 -5.40 33.17
N GLU B 165 -15.10 -5.52 33.81
CA GLU B 165 -16.22 -6.30 33.26
C GLU B 165 -17.26 -5.36 32.66
N THR B 166 -17.00 -4.06 32.64
CA THR B 166 -17.95 -3.15 32.03
C THR B 166 -17.93 -3.45 30.54
N PRO B 167 -19.11 -3.59 29.94
CA PRO B 167 -19.13 -3.92 28.51
C PRO B 167 -18.62 -2.77 27.64
N LEU B 168 -18.04 -3.13 26.51
CA LEU B 168 -17.52 -2.16 25.59
C LEU B 168 -18.66 -1.51 24.86
N ALA B 169 -18.55 -0.21 24.61
CA ALA B 169 -19.57 0.54 23.92
C ALA B 169 -18.99 1.87 23.42
N PRO B 170 -17.91 1.78 22.63
CA PRO B 170 -17.25 2.99 22.12
C PRO B 170 -18.18 3.86 21.25
N ASN B 171 -18.07 5.18 21.39
CA ASN B 171 -18.92 6.12 20.67
C ASN B 171 -18.25 6.80 19.52
N SER B 172 -16.92 6.80 19.49
CA SER B 172 -16.21 7.48 18.41
C SER B 172 -15.38 6.55 17.54
N PRO B 173 -14.98 7.03 16.37
CA PRO B 173 -14.07 6.29 15.55
C PRO B 173 -12.82 5.93 16.31
N TYR B 174 -12.24 6.90 17.03
CA TYR B 174 -11.04 6.64 17.84
C TYR B 174 -11.25 5.56 18.89
N SER B 175 -12.28 5.71 19.72
CA SER B 175 -12.48 4.71 20.76
C SER B 175 -12.87 3.36 20.17
N SER B 176 -13.57 3.36 19.05
CA SER B 176 -13.95 2.07 18.43
C SER B 176 -12.72 1.34 17.87
N SER B 177 -11.75 2.09 17.36
CA SER B 177 -10.52 1.53 16.85
C SER B 177 -9.74 0.92 17.98
N LYS B 178 -9.77 1.58 19.12
CA LYS B 178 -9.08 1.15 20.32
C LYS B 178 -9.69 -0.12 20.95
N ALA B 179 -11.01 -0.16 20.99
CA ALA B 179 -11.74 -1.29 21.51
C ALA B 179 -11.50 -2.49 20.60
N SER B 180 -11.45 -2.21 19.30
CA SER B 180 -11.23 -3.26 18.34
C SER B 180 -9.89 -3.94 18.59
N ALA B 181 -8.87 -3.15 18.88
CA ALA B 181 -7.56 -3.71 19.07
C ALA B 181 -7.56 -4.51 20.34
N ASP B 182 -8.32 -4.07 21.34
CA ASP B 182 -8.37 -4.81 22.62
C ASP B 182 -9.00 -6.19 22.42
N MSE B 183 -10.18 -6.20 21.79
CA MSE B 183 -10.90 -7.45 21.57
C MSE B 183 -10.11 -8.40 20.73
O MSE B 183 -10.12 -9.60 20.98
CB MSE B 183 -12.26 -7.16 20.96
CG MSE B 183 -13.27 -6.84 22.07
SE MSE B 183 -15.02 -6.49 21.25
CE MSE B 183 -14.54 -5.96 19.39
N ILE B 184 -9.40 -7.87 19.75
CA ILE B 184 -8.56 -8.69 18.88
C ILE B 184 -7.41 -9.24 19.68
N ALA B 185 -6.78 -8.39 20.47
CA ALA B 185 -5.65 -8.85 21.28
C ALA B 185 -6.06 -9.98 22.23
N LEU B 186 -7.19 -9.82 22.90
CA LEU B 186 -7.64 -10.84 23.83
C LEU B 186 -8.07 -12.10 23.10
N ALA B 187 -8.55 -11.96 21.87
CA ALA B 187 -8.92 -13.13 21.08
C ALA B 187 -7.67 -13.95 20.77
N TYR B 188 -6.56 -13.26 20.54
CA TYR B 188 -5.29 -13.98 20.31
C TYR B 188 -4.85 -14.77 21.55
N TYR B 189 -5.17 -14.23 22.72
CA TYR B 189 -4.85 -14.89 23.93
C TYR B 189 -5.73 -16.10 24.08
N LYS B 190 -7.04 -15.92 23.88
CA LYS B 190 -7.95 -17.06 24.01
C LYS B 190 -7.74 -18.10 22.95
N THR B 191 -7.30 -17.71 21.77
CA THR B 191 -7.11 -18.67 20.70
C THR B 191 -5.75 -19.35 20.67
N TYR B 192 -4.66 -18.62 20.95
CA TYR B 192 -3.34 -19.20 20.93
C TYR B 192 -2.58 -19.07 22.25
N GLN B 193 -3.21 -18.62 23.32
CA GLN B 193 -2.51 -18.40 24.59
C GLN B 193 -1.27 -17.46 24.49
N LEU B 194 -1.31 -16.47 23.62
CA LEU B 194 -0.22 -15.53 23.54
C LEU B 194 -0.22 -14.66 24.80
N PRO B 195 0.97 -14.34 25.31
CA PRO B 195 1.11 -13.49 26.51
C PRO B 195 0.76 -12.02 26.23
N VAL B 196 -0.54 -11.73 26.30
CA VAL B 196 -1.06 -10.44 25.99
C VAL B 196 -1.86 -9.90 27.15
N ILE B 197 -1.59 -8.62 27.50
CA ILE B 197 -2.30 -7.96 28.58
C ILE B 197 -2.84 -6.65 28.06
N VAL B 198 -4.02 -6.25 28.49
CA VAL B 198 -4.64 -5.01 28.08
C VAL B 198 -4.82 -4.08 29.27
N THR B 199 -4.39 -2.83 29.16
CA THR B 199 -4.57 -1.88 30.24
C THR B 199 -5.48 -0.82 29.68
N ARG B 200 -6.37 -0.30 30.51
CA ARG B 200 -7.27 0.79 30.11
C ARG B 200 -7.19 1.87 31.18
N CYS B 201 -6.74 3.06 30.77
CA CYS B 201 -6.58 4.18 31.71
C CYS B 201 -7.43 5.40 31.39
N SER B 202 -7.49 6.28 32.38
CA SER B 202 -8.25 7.51 32.29
C SER B 202 -7.35 8.59 31.71
N ASN B 203 -7.83 9.82 31.68
CA ASN B 203 -7.08 10.89 31.06
C ASN B 203 -5.77 11.18 31.74
N ASN B 204 -4.70 11.10 30.96
CA ASN B 204 -3.40 11.43 31.45
C ASN B 204 -3.17 12.94 31.35
N TYR B 205 -2.33 13.44 32.25
CA TYR B 205 -1.92 14.83 32.25
C TYR B 205 -0.51 14.81 32.77
N GLY B 206 0.25 15.85 32.46
CA GLY B 206 1.62 15.91 32.92
C GLY B 206 2.53 16.51 31.88
N PRO B 207 3.83 16.37 32.11
CA PRO B 207 4.82 16.94 31.22
C PRO B 207 4.86 16.27 29.88
N TYR B 208 5.09 17.06 28.85
CA TYR B 208 5.20 16.61 27.46
C TYR B 208 3.88 16.35 26.74
N GLN B 209 2.77 16.83 27.29
CA GLN B 209 1.47 16.70 26.64
C GLN B 209 1.32 17.91 25.71
N TYR B 210 0.91 17.69 24.47
CA TYR B 210 0.80 18.82 23.52
C TYR B 210 -0.13 19.90 24.03
N PRO B 211 0.17 21.16 23.69
CA PRO B 211 -0.63 22.31 24.15
C PRO B 211 -2.07 22.40 23.61
N GLU B 212 -2.48 21.45 22.78
CA GLU B 212 -3.85 21.41 22.25
C GLU B 212 -4.76 20.78 23.30
N LYS B 213 -4.18 19.86 24.06
CA LYS B 213 -4.89 19.15 25.10
C LYS B 213 -5.30 20.10 26.23
N LEU B 214 -6.46 19.82 26.80
CA LEU B 214 -7.10 20.66 27.82
C LEU B 214 -6.22 21.41 28.81
N ILE B 215 -5.54 20.67 29.68
CA ILE B 215 -4.74 21.29 30.71
C ILE B 215 -3.65 22.20 30.15
N PRO B 216 -2.82 21.68 29.22
CA PRO B 216 -1.81 22.56 28.63
C PRO B 216 -2.43 23.76 27.91
N LEU B 217 -3.53 23.53 27.19
CA LEU B 217 -4.20 24.62 26.51
C LEU B 217 -4.57 25.73 27.49
N MSE B 218 -5.18 25.35 28.61
N MSE B 218 -5.17 25.36 28.62
CA MSE B 218 -5.57 26.33 29.63
CA MSE B 218 -5.54 26.34 29.63
C MSE B 218 -4.34 27.05 30.19
C MSE B 218 -4.33 27.05 30.18
O MSE B 218 -4.30 28.27 30.27
O MSE B 218 -4.29 28.28 30.26
CB MSE B 218 -6.30 25.66 30.80
CB MSE B 218 -6.27 25.69 30.78
CG MSE B 218 -7.71 25.13 30.54
CG MSE B 218 -7.66 25.40 30.24
SE MSE B 218 -8.79 26.31 29.37
SE MSE B 218 -8.73 24.17 31.35
CE MSE B 218 -8.85 25.01 27.90
CE MSE B 218 -10.31 24.49 30.21
N VAL B 219 -3.33 26.27 30.55
CA VAL B 219 -2.10 26.82 31.13
C VAL B 219 -1.34 27.71 30.15
N THR B 220 -1.07 27.20 28.97
CA THR B 220 -0.33 27.98 27.98
C THR B 220 -1.09 29.21 27.49
N ASN B 221 -2.41 29.16 27.43
CA ASN B 221 -3.17 30.37 27.06
C ASN B 221 -3.05 31.39 28.16
N ALA B 222 -3.16 30.94 29.40
CA ALA B 222 -3.02 31.82 30.54
C ALA B 222 -1.66 32.50 30.51
N LEU B 223 -0.61 31.73 30.23
CA LEU B 223 0.73 32.29 30.17
C LEU B 223 0.87 33.28 29.06
N GLU B 224 0.15 33.07 27.96
CA GLU B 224 0.19 33.99 26.84
C GLU B 224 -0.82 35.15 26.93
N GLY B 225 -1.45 35.30 28.08
CA GLY B 225 -2.47 36.32 28.29
C GLY B 225 -3.71 36.15 27.44
N LYS B 226 -4.10 34.91 27.15
CA LYS B 226 -5.29 34.65 26.31
C LYS B 226 -6.47 34.14 27.13
N LYS B 227 -7.62 34.13 26.48
CA LYS B 227 -8.86 33.66 27.09
C LYS B 227 -8.73 32.15 27.31
N LEU B 228 -9.31 31.66 28.40
CA LEU B 228 -9.30 30.23 28.70
C LEU B 228 -10.62 29.61 28.25
N PRO B 229 -10.63 28.97 27.07
CA PRO B 229 -11.88 28.43 26.59
C PRO B 229 -12.34 27.15 27.29
N LEU B 230 -13.66 27.01 27.37
CA LEU B 230 -14.33 25.83 27.92
C LEU B 230 -15.28 25.36 26.84
N TYR B 231 -15.01 24.21 26.23
CA TYR B 231 -15.92 23.72 25.22
C TYR B 231 -17.19 23.28 25.95
N GLY B 232 -18.30 23.38 25.27
CA GLY B 232 -19.59 23.00 25.84
C GLY B 232 -20.05 23.85 27.01
N ASP B 233 -20.47 23.18 28.08
CA ASP B 233 -20.94 23.84 29.28
C ASP B 233 -19.94 23.64 30.40
N GLY B 234 -18.76 23.12 30.06
CA GLY B 234 -17.70 22.87 31.02
C GLY B 234 -17.95 21.79 32.07
N LEU B 235 -19.07 21.08 31.96
CA LEU B 235 -19.44 20.09 32.97
C LEU B 235 -19.13 18.64 32.65
N ASN B 236 -18.37 18.40 31.59
CA ASN B 236 -17.94 17.04 31.29
C ASN B 236 -17.05 16.59 32.44
N VAL B 237 -17.23 15.35 32.90
CA VAL B 237 -16.45 14.80 34.00
C VAL B 237 -15.42 13.76 33.53
N ARG B 238 -14.22 13.85 34.09
CA ARG B 238 -13.08 12.97 33.78
C ARG B 238 -12.32 12.58 35.05
N ASP B 239 -11.61 11.46 34.96
CA ASP B 239 -10.77 10.94 36.04
C ASP B 239 -9.37 11.28 35.56
N TRP B 240 -8.68 12.16 36.27
CA TRP B 240 -7.35 12.58 35.86
C TRP B 240 -6.20 11.79 36.52
N LEU B 241 -5.41 11.13 35.69
CA LEU B 241 -4.31 10.27 36.11
C LEU B 241 -2.99 10.91 35.74
N HIS B 242 -2.07 11.03 36.69
CA HIS B 242 -0.80 11.65 36.36
C HIS B 242 0.00 10.66 35.52
N VAL B 243 0.63 11.17 34.47
CA VAL B 243 1.37 10.30 33.56
C VAL B 243 2.33 9.34 34.25
N THR B 244 2.99 9.78 35.31
CA THR B 244 3.99 8.89 35.92
C THR B 244 3.29 7.78 36.67
N ASP B 245 2.08 8.04 37.18
CA ASP B 245 1.33 6.96 37.83
C ASP B 245 0.93 5.91 36.78
N HIS B 246 0.60 6.37 35.57
CA HIS B 246 0.26 5.46 34.49
C HIS B 246 1.51 4.62 34.18
N CYS B 247 2.66 5.28 34.10
CA CYS B 247 3.90 4.58 33.88
C CYS B 247 4.18 3.55 34.97
N SER B 248 3.95 3.89 36.24
CA SER B 248 4.23 2.90 37.31
C SER B 248 3.24 1.74 37.25
N ALA B 249 2.02 2.01 36.79
CA ALA B 249 1.02 0.96 36.67
C ALA B 249 1.44 -0.05 35.60
N ILE B 250 1.90 0.46 34.47
CA ILE B 250 2.36 -0.37 33.36
C ILE B 250 3.57 -1.18 33.78
N ASP B 251 4.45 -0.57 34.56
CA ASP B 251 5.64 -1.26 35.03
C ASP B 251 5.21 -2.49 35.83
N VAL B 252 4.19 -2.34 36.65
CA VAL B 252 3.72 -3.43 37.48
C VAL B 252 3.08 -4.55 36.64
N VAL B 253 2.18 -4.16 35.76
CA VAL B 253 1.48 -5.06 34.86
C VAL B 253 2.47 -5.86 34.03
N LEU B 254 3.40 -5.13 33.44
CA LEU B 254 4.47 -5.69 32.65
C LEU B 254 5.18 -6.83 33.40
N HIS B 255 5.52 -6.59 34.66
CA HIS B 255 6.24 -7.57 35.47
C HIS B 255 5.39 -8.63 36.15
N LYS B 256 4.28 -8.24 36.76
CA LYS B 256 3.46 -9.18 37.52
C LYS B 256 2.06 -9.40 36.97
N GLY B 257 1.69 -8.67 35.93
CA GLY B 257 0.36 -8.78 35.36
C GLY B 257 0.08 -10.15 34.79
N ARG B 258 -1.15 -10.64 35.00
CA ARG B 258 -1.58 -11.94 34.47
C ARG B 258 -2.02 -11.84 33.03
N VAL B 259 -1.43 -12.72 32.25
CA VAL B 259 -1.68 -12.80 30.82
C VAL B 259 -3.17 -13.05 30.53
N GLY B 260 -3.68 -12.37 29.51
CA GLY B 260 -5.07 -12.52 29.10
C GLY B 260 -6.05 -11.61 29.82
N GLU B 261 -5.57 -10.82 30.78
CA GLU B 261 -6.44 -9.97 31.57
C GLU B 261 -6.44 -8.52 31.15
N VAL B 262 -7.44 -7.81 31.63
CA VAL B 262 -7.58 -6.40 31.45
C VAL B 262 -7.33 -5.75 32.81
N TYR B 263 -6.71 -4.58 32.83
CA TYR B 263 -6.48 -3.86 34.06
C TYR B 263 -6.83 -2.40 33.88
N ASN B 264 -7.83 -1.95 34.63
CA ASN B 264 -8.20 -0.55 34.61
C ASN B 264 -7.21 0.20 35.46
N ILE B 265 -6.80 1.37 34.98
CA ILE B 265 -5.85 2.24 35.68
C ILE B 265 -6.42 3.65 35.78
N GLY B 266 -6.51 4.19 36.99
CA GLY B 266 -7.06 5.53 37.17
C GLY B 266 -6.43 6.32 38.28
N GLY B 267 -6.73 7.61 38.30
CA GLY B 267 -6.20 8.53 39.31
C GLY B 267 -7.00 8.66 40.58
N ASN B 268 -8.03 7.82 40.76
CA ASN B 268 -8.92 7.85 41.95
C ASN B 268 -9.49 9.23 42.24
N ASN B 269 -9.95 9.89 41.20
CA ASN B 269 -10.56 11.18 41.34
C ASN B 269 -11.51 11.37 40.18
N GLU B 270 -12.23 12.48 40.21
CA GLU B 270 -13.23 12.76 39.24
C GLU B 270 -13.46 14.27 39.23
N LYS B 271 -13.25 14.94 38.11
CA LYS B 271 -13.38 16.40 38.09
C LYS B 271 -14.11 16.90 36.87
N THR B 272 -14.86 17.98 37.05
CA THR B 272 -15.52 18.61 35.92
C THR B 272 -14.46 19.48 35.28
N ASN B 273 -14.58 19.71 33.97
CA ASN B 273 -13.61 20.54 33.27
C ASN B 273 -13.52 21.94 33.89
N VAL B 274 -14.65 22.47 34.32
CA VAL B 274 -14.65 23.77 34.93
C VAL B 274 -13.86 23.77 36.24
N GLU B 275 -14.00 22.71 37.06
CA GLU B 275 -13.22 22.61 38.30
C GLU B 275 -11.73 22.68 37.97
N VAL B 276 -11.33 21.95 36.95
CA VAL B 276 -9.96 21.92 36.51
C VAL B 276 -9.47 23.32 36.11
N VAL B 277 -10.29 24.08 35.38
CA VAL B 277 -9.88 25.42 34.97
C VAL B 277 -9.75 26.34 36.19
N GLU B 278 -10.75 26.31 37.06
CA GLU B 278 -10.71 27.11 38.27
C GLU B 278 -9.43 26.88 39.07
N GLN B 279 -9.00 25.62 39.17
CA GLN B 279 -7.79 25.31 39.91
C GLN B 279 -6.57 25.91 39.20
N ILE B 280 -6.55 25.85 37.87
CA ILE B 280 -5.45 26.40 37.07
C ILE B 280 -5.44 27.92 37.22
N ILE B 281 -6.63 28.50 37.23
CA ILE B 281 -6.78 29.96 37.39
C ILE B 281 -6.15 30.39 38.72
N THR B 282 -6.50 29.73 39.82
CA THR B 282 -5.96 30.07 41.15
C THR B 282 -4.44 29.84 41.21
N LEU B 283 -3.95 28.77 40.58
CA LEU B 283 -2.51 28.49 40.56
C LEU B 283 -1.67 29.53 39.82
N LEU B 284 -2.29 30.34 38.96
CA LEU B 284 -1.57 31.39 38.23
C LEU B 284 -2.04 32.77 38.62
N GLY B 285 -2.71 32.85 39.77
CA GLY B 285 -3.26 34.13 40.26
C GLY B 285 -4.08 34.92 39.25
N LYS B 286 -4.74 34.23 38.31
CA LYS B 286 -5.58 34.87 37.33
C LYS B 286 -6.94 34.98 37.97
N THR B 287 -7.89 35.56 37.25
CA THR B 287 -9.26 35.70 37.72
C THR B 287 -10.21 34.95 36.75
N LYS B 288 -11.42 34.66 37.22
CA LYS B 288 -12.40 33.92 36.41
C LYS B 288 -12.80 34.69 35.15
N LYS B 289 -12.53 36.00 35.16
CA LYS B 289 -12.86 36.89 34.05
C LYS B 289 -12.22 36.47 32.75
N ASP B 290 -11.20 35.63 32.84
CA ASP B 290 -10.47 35.13 31.67
C ASP B 290 -11.15 33.93 30.97
N ILE B 291 -12.07 33.26 31.65
CA ILE B 291 -12.77 32.09 31.09
C ILE B 291 -13.74 32.54 29.99
N GLU B 292 -13.98 31.65 29.03
CA GLU B 292 -14.84 31.94 27.90
C GLU B 292 -15.52 30.66 27.43
N TYR B 293 -16.80 30.72 27.11
CA TYR B 293 -17.53 29.53 26.66
C TYR B 293 -17.60 29.39 25.14
N VAL B 294 -17.46 28.14 24.70
CA VAL B 294 -17.47 27.79 23.28
C VAL B 294 -18.31 26.51 23.21
N THR B 295 -18.56 25.94 22.05
CA THR B 295 -19.38 24.71 22.09
C THR B 295 -19.61 23.93 20.80
N GLY B 299 -18.86 16.73 19.51
CA GLY B 299 -19.37 15.99 20.65
C GLY B 299 -18.29 15.32 21.48
N HIS B 300 -18.64 15.01 22.73
CA HIS B 300 -17.74 14.36 23.70
C HIS B 300 -18.60 13.61 24.72
N ASP B 301 -18.06 12.53 25.27
CA ASP B 301 -18.79 11.75 26.28
C ASP B 301 -19.03 12.57 27.56
N ARG B 302 -20.09 12.26 28.30
CA ARG B 302 -20.42 13.07 29.47
C ARG B 302 -19.57 12.75 30.68
N ARG B 303 -19.44 11.49 31.06
CA ARG B 303 -18.65 11.16 32.25
C ARG B 303 -17.80 9.91 32.17
N TYR B 304 -16.52 10.03 32.54
CA TYR B 304 -15.62 8.87 32.65
C TYR B 304 -15.11 8.80 34.07
N ALA B 305 -15.09 7.61 34.64
CA ALA B 305 -14.59 7.42 36.01
C ALA B 305 -14.15 5.97 36.21
N ILE B 306 -12.90 5.78 36.57
CA ILE B 306 -12.37 4.43 36.70
C ILE B 306 -12.20 3.88 38.10
N ASN B 307 -12.64 2.64 38.25
CA ASN B 307 -12.47 1.89 39.48
C ASN B 307 -11.27 0.99 39.26
N ALA B 308 -10.21 1.24 40.01
CA ALA B 308 -8.97 0.49 39.87
C ALA B 308 -8.71 -0.43 41.07
N GLU B 309 -9.77 -1.01 41.62
CA GLU B 309 -9.60 -1.92 42.76
C GLU B 309 -8.92 -3.23 42.39
N LYS B 310 -9.04 -3.66 41.13
CA LYS B 310 -8.35 -4.85 40.69
C LYS B 310 -6.84 -4.67 40.80
N MSE B 311 -6.33 -3.51 40.38
CA MSE B 311 -4.88 -3.23 40.46
C MSE B 311 -4.49 -3.23 41.90
O MSE B 311 -3.44 -3.77 42.29
CB MSE B 311 -4.53 -1.85 39.92
CG MSE B 311 -4.60 -1.73 38.40
SE MSE B 311 -2.99 -2.50 37.57
CE MSE B 311 -1.54 -1.36 38.26
N LYS B 312 -5.32 -2.61 42.71
CA LYS B 312 -5.12 -2.52 44.16
C LYS B 312 -5.08 -3.91 44.82
N ASN B 313 -6.07 -4.75 44.54
CA ASN B 313 -6.11 -6.07 45.18
C ASN B 313 -5.01 -7.01 44.73
N GLU B 314 -4.63 -6.91 43.48
CA GLU B 314 -3.73 -7.86 42.91
C GLU B 314 -2.27 -7.49 43.07
N PHE B 315 -1.95 -6.19 43.10
CA PHE B 315 -0.55 -5.76 43.19
C PHE B 315 -0.32 -4.72 44.27
N ASP B 316 -1.37 -4.38 44.99
CA ASP B 316 -1.31 -3.34 46.00
C ASP B 316 -0.88 -2.00 45.41
N TRP B 317 -1.34 -1.72 44.18
CA TRP B 317 -0.98 -0.50 43.49
C TRP B 317 -2.07 0.57 43.58
N GLU B 318 -1.60 1.80 43.83
CA GLU B 318 -2.44 3.00 43.89
C GLU B 318 -1.66 4.14 43.29
N PRO B 319 -2.37 5.15 42.82
CA PRO B 319 -1.66 6.33 42.29
C PRO B 319 -1.00 7.03 43.47
N LYS B 320 0.20 7.53 43.25
CA LYS B 320 0.93 8.21 44.33
C LYS B 320 0.60 9.71 44.32
N TYR B 321 0.18 10.22 43.17
CA TYR B 321 -0.19 11.61 43.10
C TYR B 321 -1.64 11.85 43.45
N THR B 322 -1.89 13.04 44.03
CA THR B 322 -3.23 13.53 44.22
C THR B 322 -3.37 14.51 43.06
N PHE B 323 -4.60 14.84 42.66
CA PHE B 323 -4.77 15.76 41.53
C PHE B 323 -4.23 17.15 41.86
N GLU B 324 -4.42 17.59 43.09
CA GLU B 324 -3.98 18.92 43.52
C GLU B 324 -2.48 19.02 43.36
N GLN B 325 -1.78 17.95 43.73
CA GLN B 325 -0.32 17.88 43.60
C GLN B 325 0.12 17.80 42.16
N GLY B 326 -0.45 16.86 41.42
CA GLY B 326 -0.11 16.67 40.01
C GLY B 326 -0.32 17.92 39.17
N LEU B 327 -1.48 18.55 39.36
CA LEU B 327 -1.83 19.76 38.63
C LEU B 327 -0.82 20.88 38.85
N GLN B 328 -0.45 21.07 40.10
CA GLN B 328 0.52 22.08 40.45
C GLN B 328 1.87 21.86 39.75
N GLU B 329 2.40 20.63 39.82
CA GLU B 329 3.68 20.33 39.19
C GLU B 329 3.61 20.51 37.68
N THR B 330 2.46 20.16 37.11
CA THR B 330 2.26 20.28 35.68
C THR B 330 2.26 21.73 35.28
N VAL B 331 1.51 22.55 35.99
CA VAL B 331 1.49 24.00 35.71
C VAL B 331 2.91 24.57 35.74
N GLN B 332 3.66 24.24 36.79
CA GLN B 332 5.05 24.68 36.88
C GLN B 332 5.85 24.23 35.67
N TRP B 333 5.68 22.97 35.29
CA TRP B 333 6.42 22.43 34.17
C TRP B 333 6.19 23.29 32.94
N TYR B 334 4.94 23.61 32.65
CA TYR B 334 4.64 24.46 31.50
C TYR B 334 5.22 25.87 31.63
N GLU B 335 5.25 26.42 32.83
CA GLU B 335 5.86 27.74 33.05
C GLU B 335 7.34 27.68 32.73
N LYS B 336 7.98 26.60 33.14
CA LYS B 336 9.42 26.40 32.93
C LYS B 336 9.83 25.84 31.59
N ASN B 337 8.87 25.41 30.76
CA ASN B 337 9.24 24.86 29.46
C ASN B 337 8.62 25.50 28.22
N GLU B 338 8.74 26.81 28.10
CA GLU B 338 8.22 27.45 26.90
C GLU B 338 8.98 26.97 25.69
N GLU B 339 10.26 26.64 25.85
CA GLU B 339 11.04 26.19 24.71
C GLU B 339 10.39 24.97 24.08
N TRP B 340 9.77 24.15 24.91
CA TRP B 340 9.16 22.93 24.45
C TRP B 340 7.80 23.14 23.80
N TRP B 341 6.92 23.91 24.42
CA TRP B 341 5.57 24.10 23.86
C TRP B 341 5.38 25.25 22.86
N LYS B 342 6.21 26.28 22.91
CA LYS B 342 6.07 27.38 21.96
C LYS B 342 6.06 26.93 20.50
N PRO B 343 7.03 26.09 20.10
CA PRO B 343 7.08 25.62 18.70
C PRO B 343 5.87 24.79 18.30
N LEU B 344 5.19 24.16 19.26
CA LEU B 344 4.03 23.34 18.99
C LEU B 344 2.72 24.08 19.06
N LYS B 345 2.76 25.38 19.26
CA LYS B 345 1.53 26.13 19.43
C LYS B 345 1.48 27.29 18.43
N ALA C 24 -38.09 0.15 -8.05
CA ALA C 24 -37.99 1.45 -7.33
C ALA C 24 -36.59 1.64 -6.67
N MSE C 25 -35.99 0.57 -6.16
CA MSE C 25 -34.71 0.65 -5.42
C MSE C 25 -33.49 0.04 -6.09
O MSE C 25 -33.60 -0.86 -6.91
CB MSE C 25 -34.97 -0.15 -4.15
CG MSE C 25 -34.14 0.31 -2.96
SE MSE C 25 -35.12 -0.24 -1.34
CE MSE C 25 -35.20 1.56 -0.50
N ASN C 26 -32.31 0.51 -5.71
CA ASN C 26 -31.07 -0.04 -6.25
C ASN C 26 -30.20 -0.49 -5.10
N ILE C 27 -29.89 -1.78 -5.08
CA ILE C 27 -29.17 -2.35 -3.96
C ILE C 27 -27.82 -2.95 -4.33
N LEU C 28 -26.80 -2.60 -3.54
CA LEU C 28 -25.45 -3.13 -3.74
C LEU C 28 -25.23 -4.22 -2.72
N VAL C 29 -24.98 -5.42 -3.21
CA VAL C 29 -24.78 -6.55 -2.36
C VAL C 29 -23.33 -6.93 -2.45
N THR C 30 -22.57 -6.63 -1.40
CA THR C 30 -21.16 -7.04 -1.40
C THR C 30 -21.12 -8.50 -0.96
N GLY C 31 -20.16 -9.25 -1.46
CA GLY C 31 -20.07 -10.68 -1.11
C GLY C 31 -21.21 -11.51 -1.68
N GLY C 32 -21.82 -10.98 -2.71
CA GLY C 32 -22.96 -11.60 -3.31
C GLY C 32 -22.71 -12.86 -4.12
N ALA C 33 -21.44 -13.26 -4.25
CA ALA C 33 -21.10 -14.50 -4.97
C ALA C 33 -20.83 -15.64 -3.98
N GLY C 34 -21.04 -15.35 -2.70
CA GLY C 34 -20.85 -16.32 -1.66
C GLY C 34 -22.13 -17.06 -1.36
N PHE C 35 -22.10 -17.80 -0.27
CA PHE C 35 -23.23 -18.61 0.14
C PHE C 35 -24.47 -17.79 0.43
N ILE C 36 -24.42 -16.97 1.48
CA ILE C 36 -25.60 -16.17 1.86
C ILE C 36 -25.84 -15.10 0.84
N GLY C 37 -24.78 -14.45 0.41
CA GLY C 37 -24.90 -13.39 -0.57
C GLY C 37 -25.60 -13.80 -1.83
N SER C 38 -25.20 -14.93 -2.42
CA SER C 38 -25.82 -15.40 -3.67
C SER C 38 -27.29 -15.67 -3.42
N ASN C 39 -27.60 -16.38 -2.32
CA ASN C 39 -28.99 -16.66 -1.94
C ASN C 39 -29.81 -15.38 -1.87
N PHE C 40 -29.21 -14.36 -1.24
CA PHE C 40 -29.85 -13.07 -1.10
C PHE C 40 -30.12 -12.45 -2.48
N VAL C 41 -29.11 -12.47 -3.35
CA VAL C 41 -29.29 -11.93 -4.70
C VAL C 41 -30.47 -12.62 -5.37
N HIS C 42 -30.53 -13.95 -5.31
CA HIS C 42 -31.67 -14.65 -5.90
C HIS C 42 -32.98 -14.24 -5.23
N TYR C 43 -32.98 -14.15 -3.90
CA TYR C 43 -34.18 -13.82 -3.15
C TYR C 43 -34.77 -12.45 -3.53
N MSE C 44 -33.89 -11.45 -3.67
CA MSE C 44 -34.34 -10.10 -4.02
C MSE C 44 -34.85 -10.08 -5.45
O MSE C 44 -35.94 -9.56 -5.71
CB MSE C 44 -33.28 -9.02 -3.73
CG MSE C 44 -32.86 -8.95 -2.26
SE MSE C 44 -34.33 -8.38 -1.08
CE MSE C 44 -34.40 -6.53 -1.68
N LEU C 45 -34.10 -10.65 -6.39
CA LEU C 45 -34.54 -10.65 -7.80
C LEU C 45 -35.90 -11.30 -7.97
N GLN C 46 -36.13 -12.41 -7.28
CA GLN C 46 -37.43 -13.08 -7.39
C GLN C 46 -38.51 -12.31 -6.67
N SER C 47 -38.19 -11.68 -5.53
CA SER C 47 -39.20 -10.98 -4.75
C SER C 47 -39.57 -9.58 -5.24
N TYR C 48 -38.62 -8.88 -5.87
CA TYR C 48 -38.85 -7.52 -6.33
C TYR C 48 -38.49 -7.39 -7.81
N GLU C 49 -39.51 -7.45 -8.65
CA GLU C 49 -39.31 -7.40 -10.10
C GLU C 49 -38.73 -6.11 -10.68
N THR C 50 -38.75 -5.01 -9.91
CA THR C 50 -38.22 -3.73 -10.41
C THR C 50 -36.95 -3.25 -9.71
N TYR C 51 -36.45 -3.97 -8.72
CA TYR C 51 -35.22 -3.59 -8.04
C TYR C 51 -34.03 -4.02 -8.87
N LYS C 52 -32.95 -3.25 -8.76
CA LYS C 52 -31.70 -3.54 -9.44
C LYS C 52 -30.79 -4.08 -8.36
N ILE C 53 -30.17 -5.22 -8.62
CA ILE C 53 -29.26 -5.83 -7.64
C ILE C 53 -27.85 -5.82 -8.22
N ILE C 54 -26.91 -5.18 -7.53
CA ILE C 54 -25.52 -5.11 -8.00
C ILE C 54 -24.66 -5.99 -7.11
N ASN C 55 -24.15 -7.07 -7.67
CA ASN C 55 -23.33 -7.99 -6.93
C ASN C 55 -21.90 -7.52 -7.05
N PHE C 56 -21.32 -7.13 -5.93
CA PHE C 56 -19.95 -6.61 -5.85
C PHE C 56 -19.12 -7.63 -5.05
N ASP C 57 -18.21 -8.32 -5.73
CA ASP C 57 -17.50 -9.40 -5.08
C ASP C 57 -16.08 -9.55 -5.62
N ALA C 58 -15.17 -9.85 -4.72
CA ALA C 58 -13.78 -10.02 -5.06
C ALA C 58 -13.45 -11.41 -5.59
N LEU C 59 -14.41 -12.33 -5.54
CA LEU C 59 -14.20 -13.70 -6.00
C LEU C 59 -12.96 -14.34 -5.34
N THR C 60 -12.97 -14.40 -4.00
CA THR C 60 -11.90 -15.09 -3.25
C THR C 60 -12.22 -16.59 -3.31
N TYR C 61 -11.44 -17.40 -2.59
CA TYR C 61 -11.69 -18.85 -2.56
C TYR C 61 -13.17 -19.22 -2.36
N SER C 62 -13.83 -18.56 -1.42
CA SER C 62 -15.24 -18.85 -1.12
C SER C 62 -16.29 -18.21 -2.05
N GLY C 63 -15.85 -17.39 -3.01
CA GLY C 63 -16.75 -16.78 -3.99
C GLY C 63 -16.87 -17.71 -5.17
N ASN C 64 -18.09 -17.93 -5.63
CA ASN C 64 -18.36 -18.86 -6.72
C ASN C 64 -19.44 -18.35 -7.68
N LEU C 65 -19.04 -17.98 -8.89
CA LEU C 65 -20.00 -17.46 -9.87
C LEU C 65 -21.08 -18.45 -10.27
N ASN C 66 -20.87 -19.74 -10.02
CA ASN C 66 -21.90 -20.74 -10.34
C ASN C 66 -23.12 -20.59 -9.44
N ASN C 67 -22.92 -19.99 -8.27
CA ASN C 67 -24.01 -19.72 -7.35
C ASN C 67 -25.06 -18.78 -7.96
N VAL C 68 -24.63 -18.00 -8.95
CA VAL C 68 -25.46 -16.99 -9.57
C VAL C 68 -25.51 -17.07 -11.10
N LYS C 69 -25.06 -18.18 -11.68
CA LYS C 69 -25.08 -18.31 -13.13
C LYS C 69 -26.48 -18.31 -13.73
N SER C 70 -27.49 -18.71 -12.95
CA SER C 70 -28.84 -18.74 -13.49
C SER C 70 -29.42 -17.34 -13.71
N ILE C 71 -28.98 -16.37 -12.93
CA ILE C 71 -29.51 -15.03 -13.04
C ILE C 71 -28.46 -14.06 -13.56
N GLN C 72 -27.33 -14.58 -14.02
CA GLN C 72 -26.26 -13.70 -14.49
C GLN C 72 -26.61 -12.85 -15.69
N ASP C 73 -27.65 -13.20 -16.44
CA ASP C 73 -28.07 -12.41 -17.58
C ASP C 73 -29.42 -11.70 -17.34
N HIS C 74 -29.87 -11.70 -16.09
CA HIS C 74 -31.15 -11.07 -15.74
C HIS C 74 -30.97 -9.59 -15.99
N PRO C 75 -31.96 -8.92 -16.62
CA PRO C 75 -31.81 -7.48 -16.95
C PRO C 75 -31.55 -6.54 -15.77
N ASN C 76 -32.02 -6.90 -14.57
CA ASN C 76 -31.79 -6.13 -13.36
C ASN C 76 -30.56 -6.52 -12.51
N TYR C 77 -29.75 -7.45 -13.00
CA TYR C 77 -28.58 -7.88 -12.24
C TYR C 77 -27.32 -7.31 -12.87
N TYR C 78 -26.38 -6.90 -12.02
CA TYR C 78 -25.10 -6.36 -12.46
C TYR C 78 -24.05 -6.97 -11.58
N PHE C 79 -22.93 -7.33 -12.20
CA PHE C 79 -21.81 -7.86 -11.43
C PHE C 79 -20.63 -6.90 -11.50
N VAL C 80 -19.92 -6.78 -10.40
CA VAL C 80 -18.72 -5.95 -10.32
C VAL C 80 -17.68 -6.74 -9.56
N LYS C 81 -16.53 -6.96 -10.17
CA LYS C 81 -15.48 -7.71 -9.51
C LYS C 81 -14.59 -6.69 -8.82
N GLY C 82 -14.54 -6.77 -7.50
CA GLY C 82 -13.69 -5.88 -6.74
C GLY C 82 -13.71 -6.08 -5.22
N GLU C 83 -12.71 -5.53 -4.56
CA GLU C 83 -12.66 -5.55 -3.13
C GLU C 83 -13.42 -4.37 -2.54
N ILE C 84 -14.08 -4.59 -1.40
CA ILE C 84 -14.79 -3.49 -0.69
C ILE C 84 -13.82 -2.49 -0.11
N GLN C 85 -12.53 -2.84 -0.06
CA GLN C 85 -11.51 -1.88 0.35
C GLN C 85 -11.24 -0.86 -0.78
N ASN C 86 -11.75 -1.12 -1.99
CA ASN C 86 -11.51 -0.25 -3.13
C ASN C 86 -12.55 0.87 -3.20
N GLY C 87 -12.30 1.92 -2.43
CA GLY C 87 -13.18 3.09 -2.38
C GLY C 87 -13.48 3.77 -3.72
N GLU C 88 -12.46 3.98 -4.56
CA GLU C 88 -12.67 4.58 -5.86
C GLU C 88 -13.68 3.76 -6.65
N LEU C 89 -13.48 2.44 -6.72
CA LEU C 89 -14.38 1.58 -7.45
C LEU C 89 -15.79 1.65 -6.86
N LEU C 90 -15.88 1.60 -5.54
CA LEU C 90 -17.17 1.70 -4.87
C LEU C 90 -17.88 3.00 -5.19
N GLU C 91 -17.17 4.13 -5.10
CA GLU C 91 -17.80 5.43 -5.45
C GLU C 91 -18.34 5.41 -6.84
N HIS C 92 -17.52 4.93 -7.74
CA HIS C 92 -17.92 4.84 -9.10
C HIS C 92 -19.16 4.04 -9.28
N VAL C 93 -19.23 2.88 -8.65
CA VAL C 93 -20.41 2.03 -8.81
C VAL C 93 -21.63 2.71 -8.22
N ILE C 94 -21.47 3.29 -7.06
CA ILE C 94 -22.54 4.01 -6.40
C ILE C 94 -23.12 5.16 -7.22
N LYS C 95 -22.28 6.10 -7.66
CA LYS C 95 -22.76 7.17 -8.48
C LYS C 95 -23.50 6.61 -9.69
N GLU C 96 -22.85 5.70 -10.39
CA GLU C 96 -23.38 5.16 -11.63
C GLU C 96 -24.67 4.39 -11.55
N ARG C 97 -24.80 3.52 -10.57
CA ARG C 97 -26.02 2.72 -10.39
C ARG C 97 -27.05 3.39 -9.49
N ASP C 98 -26.78 4.61 -9.05
CA ASP C 98 -27.70 5.34 -8.19
C ASP C 98 -28.12 4.45 -7.03
N VAL C 99 -27.12 3.92 -6.33
CA VAL C 99 -27.33 2.99 -5.22
C VAL C 99 -27.97 3.68 -4.03
N GLN C 100 -28.91 2.99 -3.41
CA GLN C 100 -29.64 3.52 -2.28
C GLN C 100 -29.45 2.73 -1.01
N VAL C 101 -29.03 1.47 -1.15
CA VAL C 101 -28.80 0.60 -0.03
C VAL C 101 -27.61 -0.28 -0.31
N ILE C 102 -26.87 -0.61 0.75
CA ILE C 102 -25.70 -1.49 0.65
C ILE C 102 -25.86 -2.54 1.69
N VAL C 103 -25.80 -3.80 1.28
CA VAL C 103 -25.89 -4.93 2.23
C VAL C 103 -24.54 -5.59 2.15
N ASN C 104 -23.83 -5.58 3.26
CA ASN C 104 -22.47 -6.06 3.27
C ASN C 104 -22.25 -7.46 3.78
N PHE C 105 -22.23 -8.42 2.86
CA PHE C 105 -21.94 -9.81 3.19
C PHE C 105 -20.46 -10.12 3.07
N ALA C 106 -19.75 -9.33 2.28
CA ALA C 106 -18.32 -9.54 2.06
C ALA C 106 -17.55 -9.72 3.35
N ALA C 107 -16.80 -10.81 3.43
CA ALA C 107 -15.99 -11.17 4.58
C ALA C 107 -15.08 -12.36 4.27
N GLU C 108 -14.04 -12.57 5.08
N GLU C 108 -14.05 -12.58 5.08
CA GLU C 108 -13.14 -13.75 4.95
CA GLU C 108 -13.14 -13.72 4.94
C GLU C 108 -13.23 -14.66 6.16
C GLU C 108 -13.22 -14.65 6.15
N SER C 109 -13.08 -15.96 5.89
CA SER C 109 -13.10 -17.04 6.92
C SER C 109 -12.00 -18.06 6.62
N ILE C 119 -4.75 -11.93 8.29
CA ILE C 119 -4.04 -10.65 8.12
C ILE C 119 -4.77 -9.73 7.08
N PRO C 120 -4.97 -10.19 5.82
CA PRO C 120 -5.90 -9.39 5.00
C PRO C 120 -7.34 -9.83 5.36
N PHE C 121 -7.41 -10.62 6.44
CA PHE C 121 -8.60 -11.11 7.10
C PHE C 121 -9.27 -9.93 7.80
N TYR C 122 -8.42 -9.14 8.47
CA TYR C 122 -8.80 -7.92 9.14
C TYR C 122 -8.93 -6.81 8.09
N ASP C 123 -8.09 -6.86 7.06
CA ASP C 123 -8.20 -5.86 6.01
C ASP C 123 -9.61 -5.86 5.43
N THR C 124 -10.11 -7.04 5.10
CA THR C 124 -11.46 -7.14 4.58
C THR C 124 -12.56 -6.89 5.61
N ASN C 125 -12.45 -7.54 6.77
CA ASN C 125 -13.53 -7.48 7.73
C ASN C 125 -13.68 -6.17 8.47
N VAL C 126 -12.55 -5.57 8.82
CA VAL C 126 -12.58 -4.31 9.51
C VAL C 126 -12.42 -3.18 8.51
N ILE C 127 -11.27 -3.14 7.83
CA ILE C 127 -10.98 -2.03 6.93
C ILE C 127 -11.93 -1.90 5.76
N GLY C 128 -12.39 -3.03 5.24
CA GLY C 128 -13.42 -3.03 4.20
C GLY C 128 -14.67 -2.34 4.72
N THR C 129 -15.09 -2.69 5.94
CA THR C 129 -16.25 -2.03 6.52
C THR C 129 -16.03 -0.51 6.67
N VAL C 130 -14.88 -0.13 7.18
CA VAL C 130 -14.57 1.29 7.37
C VAL C 130 -14.65 1.98 6.04
N THR C 131 -14.15 1.33 4.98
CA THR C 131 -14.22 1.92 3.66
C THR C 131 -15.69 2.18 3.26
N LEU C 132 -16.58 1.23 3.52
CA LEU C 132 -17.99 1.40 3.23
C LEU C 132 -18.63 2.50 4.08
N LEU C 133 -18.24 2.60 5.34
CA LEU C 133 -18.77 3.65 6.22
C LEU C 133 -18.36 5.06 5.75
N GLU C 134 -17.11 5.21 5.33
CA GLU C 134 -16.64 6.46 4.82
C GLU C 134 -17.43 6.89 3.59
N LEU C 135 -17.74 5.93 2.75
CA LEU C 135 -18.51 6.22 1.56
C LEU C 135 -19.93 6.65 1.96
N VAL C 136 -20.51 5.97 2.94
CA VAL C 136 -21.83 6.37 3.39
C VAL C 136 -21.74 7.76 4.01
N LYS C 137 -20.67 8.02 4.75
CA LYS C 137 -20.47 9.33 5.34
C LYS C 137 -20.53 10.42 4.26
N LYS C 138 -19.94 10.13 3.12
CA LYS C 138 -19.93 11.05 2.00
C LYS C 138 -21.28 11.08 1.26
N TYR C 139 -22.02 9.97 1.27
CA TYR C 139 -23.35 9.88 0.65
C TYR C 139 -24.36 9.38 1.70
N PRO C 140 -24.62 10.21 2.71
CA PRO C 140 -25.46 9.83 3.85
C PRO C 140 -26.91 9.44 3.58
N HIS C 141 -27.34 9.41 2.32
CA HIS C 141 -28.69 8.96 1.98
C HIS C 141 -28.70 7.45 1.80
N ILE C 142 -27.51 6.87 1.66
CA ILE C 142 -27.35 5.44 1.45
C ILE C 142 -27.34 4.65 2.74
N LYS C 143 -28.27 3.73 2.87
CA LYS C 143 -28.41 2.92 4.05
C LYS C 143 -27.42 1.75 3.96
N LEU C 144 -26.82 1.39 5.09
CA LEU C 144 -25.84 0.29 5.15
C LEU C 144 -26.26 -0.74 6.14
N VAL C 145 -26.37 -1.97 5.69
CA VAL C 145 -26.73 -3.09 6.55
C VAL C 145 -25.48 -3.93 6.66
N GLN C 146 -24.86 -3.86 7.82
CA GLN C 146 -23.66 -4.59 8.13
C GLN C 146 -24.10 -5.94 8.62
N VAL C 147 -23.82 -6.98 7.85
CA VAL C 147 -24.21 -8.35 8.21
C VAL C 147 -23.20 -9.00 9.14
N SER C 148 -23.59 -9.21 10.39
CA SER C 148 -22.68 -9.78 11.38
C SER C 148 -23.15 -11.17 11.87
N THR C 149 -22.48 -11.67 12.89
CA THR C 149 -22.66 -13.02 13.43
C THR C 149 -22.84 -13.08 14.94
N ASP C 150 -23.52 -14.11 15.43
CA ASP C 150 -23.70 -14.30 16.87
C ASP C 150 -22.41 -14.68 17.58
N GLU C 151 -21.37 -15.05 16.82
CA GLU C 151 -20.05 -15.41 17.42
C GLU C 151 -19.39 -14.24 18.19
N VAL C 152 -19.91 -13.08 17.91
CA VAL C 152 -19.50 -11.83 18.50
C VAL C 152 -19.79 -11.81 19.99
N TYR C 153 -20.84 -12.51 20.42
CA TYR C 153 -21.23 -12.55 21.83
C TYR C 153 -20.44 -13.57 22.66
N GLY C 154 -19.63 -14.38 21.99
CA GLY C 154 -18.91 -15.41 22.69
C GLY C 154 -19.88 -16.55 22.99
N SER C 155 -19.50 -17.44 23.87
CA SER C 155 -20.32 -18.60 24.21
C SER C 155 -21.25 -18.36 25.40
N LEU C 156 -22.36 -19.08 25.41
CA LEU C 156 -23.32 -19.04 26.48
C LEU C 156 -22.99 -20.20 27.41
N GLY C 157 -23.66 -20.23 28.56
CA GLY C 157 -23.52 -21.34 29.49
C GLY C 157 -24.51 -22.39 29.04
N LYS C 158 -24.99 -23.21 29.97
CA LYS C 158 -25.96 -24.24 29.64
C LYS C 158 -27.30 -23.67 29.22
N THR C 159 -27.71 -22.56 29.85
CA THR C 159 -29.00 -21.92 29.55
C THR C 159 -28.81 -20.46 29.12
N GLY C 160 -29.91 -19.82 28.73
CA GLY C 160 -29.89 -18.41 28.30
C GLY C 160 -29.73 -18.23 26.81
N ARG C 161 -30.20 -17.10 26.29
CA ARG C 161 -30.07 -16.78 24.87
C ARG C 161 -29.58 -15.37 24.64
N PHE C 162 -28.80 -15.16 23.59
CA PHE C 162 -28.31 -13.83 23.28
C PHE C 162 -29.43 -12.86 22.93
N THR C 163 -29.28 -11.63 23.42
CA THR C 163 -30.17 -10.53 23.06
C THR C 163 -29.27 -9.44 22.49
N GLU C 164 -29.88 -8.41 21.92
CA GLU C 164 -29.11 -7.34 21.33
C GLU C 164 -28.32 -6.54 22.36
N GLU C 165 -28.62 -6.73 23.64
CA GLU C 165 -27.93 -6.05 24.73
C GLU C 165 -26.88 -6.97 25.37
N THR C 166 -26.70 -8.15 24.82
CA THR C 166 -25.69 -9.05 25.35
C THR C 166 -24.34 -8.41 25.01
N PRO C 167 -23.45 -8.32 26.00
CA PRO C 167 -22.17 -7.71 25.72
C PRO C 167 -21.30 -8.52 24.79
N LEU C 168 -20.48 -7.83 23.99
CA LEU C 168 -19.59 -8.48 23.05
C LEU C 168 -18.46 -9.11 23.79
N ALA C 169 -18.02 -10.28 23.33
CA ALA C 169 -16.91 -11.02 23.95
C ALA C 169 -16.36 -12.08 22.99
N PRO C 170 -15.93 -11.66 21.79
CA PRO C 170 -15.45 -12.60 20.76
C PRO C 170 -14.23 -13.36 21.21
N ASN C 171 -14.16 -14.64 20.84
CA ASN C 171 -13.05 -15.51 21.26
C ASN C 171 -12.03 -15.81 20.18
N SER C 172 -12.39 -15.58 18.92
CA SER C 172 -11.47 -15.89 17.82
C SER C 172 -11.09 -14.69 17.02
N PRO C 173 -10.03 -14.84 16.22
CA PRO C 173 -9.66 -13.77 15.30
C PRO C 173 -10.84 -13.35 14.41
N TYR C 174 -11.53 -14.33 13.82
CA TYR C 174 -12.68 -14.07 12.97
C TYR C 174 -13.79 -13.33 13.71
N SER C 175 -14.22 -13.83 14.85
CA SER C 175 -15.30 -13.16 15.52
C SER C 175 -14.86 -11.77 16.03
N SER C 176 -13.59 -11.63 16.42
CA SER C 176 -13.11 -10.33 16.92
C SER C 176 -13.07 -9.31 15.76
N SER C 177 -12.76 -9.75 14.56
CA SER C 177 -12.75 -8.90 13.40
C SER C 177 -14.17 -8.42 13.10
N LYS C 178 -15.13 -9.33 13.28
CA LYS C 178 -16.55 -9.07 13.04
C LYS C 178 -17.15 -8.10 14.05
N ALA C 179 -16.80 -8.30 15.31
CA ALA C 179 -17.26 -7.45 16.39
C ALA C 179 -16.69 -6.05 16.22
N SER C 180 -15.43 -6.00 15.77
CA SER C 180 -14.77 -4.75 15.56
C SER C 180 -15.52 -3.96 14.52
N ALA C 181 -15.94 -4.63 13.46
CA ALA C 181 -16.65 -3.91 12.44
C ALA C 181 -17.99 -3.41 12.95
N ASP C 182 -18.64 -4.19 13.81
CA ASP C 182 -19.93 -3.78 14.35
C ASP C 182 -19.78 -2.53 15.19
N MSE C 183 -18.84 -2.56 16.12
CA MSE C 183 -18.63 -1.46 17.05
C MSE C 183 -18.25 -0.23 16.32
O MSE C 183 -18.72 0.87 16.66
CB MSE C 183 -17.58 -1.82 18.08
CG MSE C 183 -18.23 -2.55 19.27
SE MSE C 183 -16.80 -2.96 20.58
CE MSE C 183 -15.15 -2.97 19.52
N ILE C 184 -17.44 -0.40 15.29
CA ILE C 184 -17.04 0.74 14.45
C ILE C 184 -18.25 1.27 13.70
N ALA C 185 -19.02 0.38 13.09
CA ALA C 185 -20.22 0.79 12.38
C ALA C 185 -21.17 1.60 13.28
N LEU C 186 -21.42 1.12 14.49
CA LEU C 186 -22.33 1.80 15.39
C LEU C 186 -21.75 3.10 15.89
N ALA C 187 -20.44 3.18 15.99
CA ALA C 187 -19.80 4.44 16.41
C ALA C 187 -20.02 5.50 15.33
N TYR C 188 -20.01 5.09 14.07
CA TYR C 188 -20.31 6.01 12.98
C TYR C 188 -21.73 6.55 13.09
N TYR C 189 -22.62 5.73 13.57
CA TYR C 189 -23.99 6.12 13.71
C TYR C 189 -24.07 7.12 14.84
N LYS C 190 -23.47 6.78 15.97
CA LYS C 190 -23.52 7.67 17.13
C LYS C 190 -22.77 8.97 16.88
N THR C 191 -21.74 8.92 16.07
CA THR C 191 -20.95 10.12 15.82
C THR C 191 -21.48 11.01 14.69
N TYR C 192 -21.95 10.42 13.60
CA TYR C 192 -22.43 11.21 12.46
C TYR C 192 -23.86 10.88 12.02
N GLN C 193 -24.60 10.10 12.81
CA GLN C 193 -25.97 9.72 12.46
C GLN C 193 -26.08 9.04 11.07
N LEU C 194 -25.05 8.28 10.67
CA LEU C 194 -25.14 7.58 9.39
C LEU C 194 -26.15 6.47 9.51
N PRO C 195 -26.94 6.24 8.42
CA PRO C 195 -27.97 5.20 8.41
C PRO C 195 -27.32 3.81 8.33
N VAL C 196 -26.94 3.30 9.49
CA VAL C 196 -26.26 2.03 9.60
C VAL C 196 -27.01 1.10 10.52
N ILE C 197 -27.19 -0.14 10.07
CA ILE C 197 -27.90 -1.14 10.86
C ILE C 197 -27.01 -2.36 10.93
N VAL C 198 -27.00 -3.02 12.07
CA VAL C 198 -26.21 -4.23 12.25
C VAL C 198 -27.13 -5.42 12.50
N THR C 199 -26.95 -6.52 11.75
CA THR C 199 -27.75 -7.74 11.98
C THR C 199 -26.79 -8.80 12.44
N ARG C 200 -27.21 -9.63 13.40
CA ARG C 200 -26.36 -10.70 13.91
C ARG C 200 -27.19 -11.95 13.88
N CYS C 201 -26.76 -12.91 13.07
CA CYS C 201 -27.49 -14.18 12.91
C CYS C 201 -26.72 -15.40 13.39
N SER C 202 -27.47 -16.48 13.50
CA SER C 202 -26.94 -17.75 13.92
C SER C 202 -26.48 -18.51 12.68
N ASN C 203 -26.09 -19.76 12.83
CA ASN C 203 -25.57 -20.54 11.72
C ASN C 203 -26.54 -20.75 10.60
N ASN C 204 -26.14 -20.35 9.41
CA ASN C 204 -26.95 -20.57 8.25
C ASN C 204 -26.69 -21.94 7.66
N TYR C 205 -27.70 -22.47 6.97
CA TYR C 205 -27.59 -23.73 6.26
C TYR C 205 -28.52 -23.60 5.08
N GLY C 206 -28.29 -24.41 4.06
CA GLY C 206 -29.11 -24.37 2.90
C GLY C 206 -28.32 -24.60 1.64
N PRO C 207 -28.94 -24.28 0.50
CA PRO C 207 -28.27 -24.43 -0.78
C PRO C 207 -27.12 -23.48 -0.98
N TYR C 208 -26.08 -23.95 -1.66
CA TYR C 208 -24.90 -23.18 -2.03
C TYR C 208 -23.90 -22.97 -0.93
N GLN C 209 -24.02 -23.76 0.12
CA GLN C 209 -23.05 -23.73 1.20
C GLN C 209 -21.92 -24.69 0.79
N TYR C 210 -20.67 -24.27 0.90
CA TYR C 210 -19.55 -25.15 0.53
C TYR C 210 -19.59 -26.47 1.31
N PRO C 211 -19.15 -27.57 0.67
CA PRO C 211 -19.17 -28.91 1.30
C PRO C 211 -18.21 -29.11 2.48
N GLU C 212 -17.44 -28.09 2.85
CA GLU C 212 -16.54 -28.18 4.00
C GLU C 212 -17.39 -27.97 5.26
N LYS C 213 -18.42 -27.15 5.12
CA LYS C 213 -19.28 -26.77 6.23
C LYS C 213 -20.06 -27.99 6.70
N LEU C 214 -20.29 -28.04 8.00
CA LEU C 214 -20.88 -29.16 8.71
C LEU C 214 -21.96 -29.95 7.99
N ILE C 215 -23.10 -29.31 7.72
CA ILE C 215 -24.23 -30.01 7.11
C ILE C 215 -23.90 -30.60 5.75
N PRO C 216 -23.37 -29.77 4.85
CA PRO C 216 -22.98 -30.33 3.57
C PRO C 216 -21.94 -31.45 3.70
N LEU C 217 -20.95 -31.24 4.57
CA LEU C 217 -19.91 -32.23 4.78
C LEU C 217 -20.51 -33.56 5.15
N MSE C 218 -21.44 -33.55 6.10
CA MSE C 218 -22.11 -34.77 6.54
C MSE C 218 -22.88 -35.38 5.40
O MSE C 218 -22.77 -36.58 5.13
CB MSE C 218 -23.08 -34.48 7.68
CG MSE C 218 -22.48 -34.14 9.06
SE MSE C 218 -20.85 -35.17 9.52
CE MSE C 218 -19.66 -33.60 9.42
N VAL C 219 -23.67 -34.56 4.71
CA VAL C 219 -24.51 -35.04 3.60
C VAL C 219 -23.70 -35.58 2.44
N THR C 220 -22.76 -34.77 1.96
CA THR C 220 -21.94 -35.19 0.83
C THR C 220 -21.05 -36.40 1.16
N ASN C 221 -20.60 -36.55 2.40
CA ASN C 221 -19.80 -37.72 2.76
C ASN C 221 -20.69 -38.93 2.76
N ALA C 222 -21.89 -38.78 3.30
CA ALA C 222 -22.86 -39.86 3.32
C ALA C 222 -23.16 -40.32 1.88
N LEU C 223 -23.37 -39.36 0.97
CA LEU C 223 -23.63 -39.69 -0.45
C LEU C 223 -22.46 -40.41 -1.07
N GLU C 224 -21.25 -40.08 -0.67
CA GLU C 224 -20.06 -40.70 -1.24
C GLU C 224 -19.65 -41.98 -0.50
N GLY C 225 -20.51 -42.45 0.41
CA GLY C 225 -20.21 -43.63 1.22
C GLY C 225 -19.05 -43.47 2.19
N LYS C 226 -18.85 -42.27 2.75
CA LYS C 226 -17.73 -42.03 3.66
C LYS C 226 -18.16 -41.90 5.10
N LYS C 227 -17.17 -41.89 6.00
CA LYS C 227 -17.41 -41.73 7.44
C LYS C 227 -17.91 -40.29 7.68
N LEU C 228 -18.80 -40.13 8.65
CA LEU C 228 -19.33 -38.82 9.00
C LEU C 228 -18.56 -38.29 10.23
N PRO C 229 -17.52 -37.45 10.02
CA PRO C 229 -16.76 -36.91 11.17
C PRO C 229 -17.46 -35.85 12.06
N LEU C 230 -17.16 -35.88 13.35
CA LEU C 230 -17.66 -34.96 14.35
C LEU C 230 -16.44 -34.38 15.05
N TYR C 231 -16.18 -33.09 14.89
CA TYR C 231 -15.05 -32.49 15.58
C TYR C 231 -15.41 -32.44 17.07
N GLY C 232 -14.40 -32.52 17.92
CA GLY C 232 -14.59 -32.50 19.38
C GLY C 232 -15.33 -33.70 19.95
N ASP C 233 -16.35 -33.41 20.76
CA ASP C 233 -17.22 -34.44 21.36
C ASP C 233 -18.64 -34.38 20.78
N GLY C 234 -18.81 -33.63 19.70
CA GLY C 234 -20.09 -33.46 19.01
C GLY C 234 -21.19 -32.74 19.79
N LEU C 235 -20.86 -32.23 20.98
CA LEU C 235 -21.86 -31.60 21.82
C LEU C 235 -21.96 -30.10 21.78
N ASN C 236 -21.28 -29.49 20.82
CA ASN C 236 -21.41 -28.04 20.67
C ASN C 236 -22.82 -27.76 20.25
N VAL C 237 -23.41 -26.74 20.84
CA VAL C 237 -24.79 -26.34 20.51
C VAL C 237 -24.85 -25.07 19.64
N ARG C 238 -25.73 -25.10 18.63
CA ARG C 238 -25.94 -24.03 17.65
C ARG C 238 -27.43 -23.84 17.33
N ASP C 239 -27.76 -22.64 16.91
CA ASP C 239 -29.12 -22.27 16.52
C ASP C 239 -29.04 -22.26 14.99
N TRP C 240 -29.79 -23.14 14.34
CA TRP C 240 -29.73 -23.24 12.88
C TRP C 240 -30.82 -22.46 12.17
N LEU C 241 -30.38 -21.51 11.33
CA LEU C 241 -31.24 -20.64 10.58
C LEU C 241 -31.19 -20.97 9.11
N HIS C 242 -32.34 -21.13 8.46
CA HIS C 242 -32.32 -21.47 7.04
C HIS C 242 -31.93 -20.19 6.28
N VAL C 243 -31.03 -20.34 5.31
CA VAL C 243 -30.51 -19.20 4.57
C VAL C 243 -31.60 -18.30 3.99
N THR C 244 -32.75 -18.85 3.57
CA THR C 244 -33.76 -17.96 3.01
C THR C 244 -34.48 -17.18 4.09
N ASP C 245 -34.57 -17.74 5.30
CA ASP C 245 -35.14 -16.97 6.41
C ASP C 245 -34.21 -15.79 6.74
N HIS C 246 -32.90 -16.00 6.65
CA HIS C 246 -31.93 -14.94 6.90
C HIS C 246 -32.17 -13.88 5.84
N CYS C 247 -32.33 -14.31 4.59
CA CYS C 247 -32.58 -13.37 3.53
C CYS C 247 -33.85 -12.58 3.79
N SER C 248 -34.92 -13.23 4.24
CA SER C 248 -36.17 -12.49 4.45
C SER C 248 -36.04 -11.52 5.64
N ALA C 249 -35.20 -11.88 6.61
CA ALA C 249 -34.97 -11.01 7.76
C ALA C 249 -34.24 -9.73 7.32
N ILE C 250 -33.23 -9.90 6.47
CA ILE C 250 -32.47 -8.79 5.94
C ILE C 250 -33.35 -7.90 5.05
N ASP C 251 -34.25 -8.52 4.30
CA ASP C 251 -35.18 -7.78 3.46
C ASP C 251 -36.02 -6.85 4.33
N VAL C 252 -36.44 -7.33 5.49
CA VAL C 252 -37.25 -6.53 6.38
C VAL C 252 -36.47 -5.39 6.99
N VAL C 253 -35.30 -5.71 7.53
CA VAL C 253 -34.42 -4.75 8.18
C VAL C 253 -34.06 -3.64 7.23
N LEU C 254 -33.65 -4.05 6.04
CA LEU C 254 -33.31 -3.16 4.96
C LEU C 254 -34.42 -2.13 4.73
N HIS C 255 -35.66 -2.60 4.67
CA HIS C 255 -36.81 -1.73 4.41
C HIS C 255 -37.38 -0.98 5.63
N LYS C 256 -37.58 -1.67 6.74
CA LYS C 256 -38.22 -1.06 7.92
C LYS C 256 -37.31 -0.96 9.15
N GLY C 257 -36.09 -1.48 9.07
CA GLY C 257 -35.19 -1.48 10.22
C GLY C 257 -34.78 -0.10 10.64
N ARG C 258 -34.73 0.12 11.95
CA ARG C 258 -34.35 1.40 12.53
C ARG C 258 -32.85 1.57 12.56
N VAL C 259 -32.43 2.69 12.02
CA VAL C 259 -31.05 3.06 11.94
C VAL C 259 -30.38 3.11 13.31
N GLY C 260 -29.15 2.63 13.37
CA GLY C 260 -28.38 2.64 14.62
C GLY C 260 -28.62 1.44 15.53
N GLU C 261 -29.52 0.55 15.14
CA GLU C 261 -29.87 -0.60 15.95
C GLU C 261 -29.21 -1.88 15.50
N VAL C 262 -29.24 -2.83 16.42
CA VAL C 262 -28.77 -4.18 16.17
C VAL C 262 -30.02 -5.07 16.14
N TYR C 263 -30.00 -6.09 15.29
CA TYR C 263 -31.11 -7.01 15.24
C TYR C 263 -30.59 -8.42 15.20
N ASN C 264 -30.92 -9.18 16.23
CA ASN C 264 -30.55 -10.59 16.27
C ASN C 264 -31.53 -11.35 15.38
N ILE C 265 -30.99 -12.27 14.60
CA ILE C 265 -31.77 -13.11 13.70
C ILE C 265 -31.44 -14.57 13.96
N GLY C 266 -32.45 -15.37 14.24
CA GLY C 266 -32.23 -16.78 14.51
C GLY C 266 -33.33 -17.68 14.02
N GLY C 267 -33.03 -18.97 14.02
CA GLY C 267 -33.97 -19.99 13.58
C GLY C 267 -34.91 -20.52 14.64
N ASN C 268 -34.92 -19.91 15.83
CA ASN C 268 -35.77 -20.36 16.98
C ASN C 268 -35.62 -21.82 17.30
N ASN C 269 -34.39 -22.30 17.32
CA ASN C 269 -34.12 -23.66 17.64
C ASN C 269 -32.72 -23.74 18.20
N GLU C 270 -32.33 -24.92 18.65
CA GLU C 270 -31.06 -25.12 19.28
C GLU C 270 -30.72 -26.59 19.14
N LYS C 271 -29.60 -26.93 18.52
CA LYS C 271 -29.26 -28.34 18.30
C LYS C 271 -27.80 -28.65 18.57
N THR C 272 -27.53 -29.82 19.11
CA THR C 272 -26.16 -30.26 19.30
C THR C 272 -25.73 -30.76 17.91
N ASN C 273 -24.44 -30.67 17.63
CA ASN C 273 -23.94 -31.13 16.34
C ASN C 273 -24.29 -32.59 16.10
N VAL C 274 -24.23 -33.38 17.16
CA VAL C 274 -24.54 -34.77 17.04
C VAL C 274 -26.04 -34.96 16.67
N GLU C 275 -26.96 -34.17 17.25
CA GLU C 275 -28.39 -34.25 16.88
C GLU C 275 -28.54 -34.02 15.39
N VAL C 276 -27.83 -33.00 14.89
CA VAL C 276 -27.88 -32.66 13.47
C VAL C 276 -27.43 -33.83 12.61
N VAL C 277 -26.37 -34.52 13.02
CA VAL C 277 -25.87 -35.65 12.24
C VAL C 277 -26.89 -36.77 12.28
N GLU C 278 -27.41 -37.06 13.46
CA GLU C 278 -28.40 -38.12 13.61
C GLU C 278 -29.59 -37.90 12.70
N GLN C 279 -30.02 -36.66 12.56
CA GLN C 279 -31.16 -36.36 11.67
C GLN C 279 -30.79 -36.57 10.19
N ILE C 280 -29.56 -36.21 9.83
CA ILE C 280 -29.07 -36.42 8.48
C ILE C 280 -28.96 -37.92 8.20
N ILE C 281 -28.51 -38.66 9.21
CA ILE C 281 -28.36 -40.10 9.10
C ILE C 281 -29.70 -40.73 8.81
N THR C 282 -30.72 -40.37 9.59
CA THR C 282 -32.05 -40.88 9.39
C THR C 282 -32.63 -40.54 8.02
N LEU C 283 -32.42 -39.30 7.58
CA LEU C 283 -32.92 -38.86 6.28
C LEU C 283 -32.32 -39.62 5.10
N LEU C 284 -31.17 -40.26 5.28
CA LEU C 284 -30.52 -40.99 4.20
C LEU C 284 -30.49 -42.48 4.51
N GLY C 285 -31.31 -42.91 5.47
CA GLY C 285 -31.37 -44.31 5.91
C GLY C 285 -30.04 -44.95 6.26
N LYS C 286 -29.10 -44.14 6.72
CA LYS C 286 -27.78 -44.65 7.12
C LYS C 286 -27.91 -45.03 8.58
N THR C 287 -26.82 -45.53 9.16
CA THR C 287 -26.78 -45.93 10.57
C THR C 287 -25.75 -45.10 11.31
N LYS C 288 -25.82 -45.09 12.64
CA LYS C 288 -24.86 -44.33 13.46
C LYS C 288 -23.44 -44.86 13.38
N LYS C 289 -23.31 -46.12 12.97
CA LYS C 289 -22.00 -46.75 12.84
C LYS C 289 -21.08 -46.00 11.86
N ASP C 290 -21.65 -45.11 11.04
CA ASP C 290 -20.89 -44.31 10.07
C ASP C 290 -20.19 -43.09 10.70
N ILE C 291 -20.63 -42.70 11.90
CA ILE C 291 -20.06 -41.53 12.58
C ILE C 291 -18.66 -41.83 13.08
N GLU C 292 -17.82 -40.80 13.21
CA GLU C 292 -16.43 -40.94 13.62
C GLU C 292 -15.96 -39.66 14.35
N TYR C 293 -15.21 -39.80 15.43
CA TYR C 293 -14.77 -38.63 16.21
C TYR C 293 -13.37 -38.15 15.89
N VAL C 294 -13.20 -36.82 15.88
CA VAL C 294 -11.96 -36.12 15.53
C VAL C 294 -11.78 -35.00 16.56
N THR C 295 -10.63 -34.29 16.53
CA THR C 295 -10.26 -33.20 17.49
C THR C 295 -10.22 -31.85 16.77
N ASP C 296 -9.90 -30.78 17.51
CA ASP C 296 -9.73 -29.43 16.93
C ASP C 296 -8.86 -28.53 17.83
N GLY C 299 -9.98 -24.82 18.61
CA GLY C 299 -11.10 -24.65 19.54
C GLY C 299 -12.38 -24.13 18.88
N HIS C 300 -13.50 -24.26 19.58
CA HIS C 300 -14.82 -23.76 19.14
C HIS C 300 -15.67 -23.43 20.38
N ASP C 301 -16.55 -22.44 20.27
CA ASP C 301 -17.40 -22.04 21.40
C ASP C 301 -18.38 -23.15 21.76
N ARG C 302 -18.80 -23.19 23.01
CA ARG C 302 -19.67 -24.27 23.46
C ARG C 302 -21.11 -24.11 23.02
N ARG C 303 -21.75 -22.98 23.29
CA ARG C 303 -23.14 -22.82 22.91
C ARG C 303 -23.54 -21.48 22.37
N TYR C 304 -24.25 -21.48 21.24
CA TYR C 304 -24.84 -20.27 20.68
C TYR C 304 -26.35 -20.46 20.58
N ALA C 305 -27.11 -19.45 20.98
CA ALA C 305 -28.57 -19.51 20.89
C ALA C 305 -29.14 -18.09 20.85
N ILE C 306 -29.89 -17.79 19.81
CA ILE C 306 -30.41 -16.46 19.64
C ILE C 306 -31.86 -16.26 19.97
N ASN C 307 -32.10 -15.21 20.73
CA ASN C 307 -33.44 -14.74 21.03
C ASN C 307 -33.76 -13.63 20.01
N ALA C 308 -34.74 -13.87 19.15
CA ALA C 308 -35.11 -12.91 18.10
C ALA C 308 -36.45 -12.26 18.36
N GLU C 309 -36.77 -11.99 19.62
CA GLU C 309 -38.04 -11.38 19.94
C GLU C 309 -38.10 -9.94 19.49
N LYS C 310 -36.96 -9.27 19.37
CA LYS C 310 -36.97 -7.90 18.88
C LYS C 310 -37.48 -7.85 17.45
N MSE C 311 -37.04 -8.79 16.60
CA MSE C 311 -37.50 -8.83 15.21
C MSE C 311 -38.98 -9.08 15.21
O MSE C 311 -39.73 -8.48 14.44
CB MSE C 311 -36.85 -9.98 14.44
CG MSE C 311 -35.38 -9.76 14.12
SE MSE C 311 -35.16 -8.58 12.57
CE MSE C 311 -36.08 -9.56 11.11
N LYS C 312 -39.40 -10.00 16.07
CA LYS C 312 -40.78 -10.38 16.23
C LYS C 312 -41.65 -9.20 16.67
N ASN C 313 -41.26 -8.49 17.73
CA ASN C 313 -42.04 -7.35 18.24
C ASN C 313 -42.08 -6.16 17.31
N GLU C 314 -41.00 -5.93 16.60
CA GLU C 314 -40.88 -4.76 15.79
C GLU C 314 -41.39 -4.91 14.36
N PHE C 315 -41.29 -6.11 13.78
CA PHE C 315 -41.73 -6.32 12.40
C PHE C 315 -42.65 -7.52 12.24
N ASP C 316 -42.97 -8.18 13.34
CA ASP C 316 -43.77 -9.39 13.32
C ASP C 316 -43.12 -10.45 12.44
N TRP C 317 -41.78 -10.51 12.48
CA TRP C 317 -41.03 -11.47 11.70
C TRP C 317 -40.63 -12.71 12.51
N GLU C 318 -40.77 -13.86 11.86
CA GLU C 318 -40.38 -15.16 12.38
C GLU C 318 -39.86 -16.00 11.23
N PRO C 319 -39.02 -16.99 11.57
CA PRO C 319 -38.54 -17.91 10.55
C PRO C 319 -39.70 -18.74 10.07
N LYS C 320 -39.79 -18.97 8.78
CA LYS C 320 -40.91 -19.73 8.20
C LYS C 320 -40.57 -21.22 8.19
N TYR C 321 -39.29 -21.53 8.16
CA TYR C 321 -38.86 -22.91 8.20
C TYR C 321 -38.69 -23.43 9.59
N THR C 322 -38.95 -24.73 9.76
CA THR C 322 -38.62 -25.44 10.99
C THR C 322 -37.32 -26.14 10.59
N PHE C 323 -36.51 -26.51 11.56
CA PHE C 323 -35.24 -27.16 11.22
C PHE C 323 -35.47 -28.48 10.50
N GLU C 324 -36.48 -29.22 10.95
CA GLU C 324 -36.82 -30.53 10.36
C GLU C 324 -37.15 -30.35 8.87
N GLN C 325 -37.94 -29.31 8.55
CA GLN C 325 -38.31 -28.91 7.16
C GLN C 325 -37.08 -28.44 6.34
N GLY C 326 -36.34 -27.50 6.90
CA GLY C 326 -35.17 -26.97 6.23
C GLY C 326 -34.12 -28.03 5.93
N LEU C 327 -33.83 -28.86 6.93
CA LEU C 327 -32.80 -29.87 6.81
C LEU C 327 -33.12 -30.82 5.68
N GLN C 328 -34.37 -31.24 5.63
CA GLN C 328 -34.82 -32.16 4.61
C GLN C 328 -34.63 -31.58 3.20
N GLU C 329 -35.07 -30.34 2.98
CA GLU C 329 -34.91 -29.71 1.67
C GLU C 329 -33.44 -29.54 1.30
N THR C 330 -32.62 -29.22 2.31
CA THR C 330 -31.21 -29.05 2.09
C THR C 330 -30.60 -30.38 1.66
N VAL C 331 -30.89 -31.45 2.40
CA VAL C 331 -30.38 -32.77 2.05
C VAL C 331 -30.74 -33.07 0.59
N GLN C 332 -32.01 -32.88 0.22
CA GLN C 332 -32.44 -33.10 -1.15
C GLN C 332 -31.63 -32.25 -2.13
N TRP C 333 -31.43 -30.97 -1.81
CA TRP C 333 -30.66 -30.07 -2.69
C TRP C 333 -29.29 -30.66 -2.98
N TYR C 334 -28.59 -31.13 -1.94
CA TYR C 334 -27.29 -31.74 -2.16
C TYR C 334 -27.37 -33.03 -2.97
N GLU C 335 -28.42 -33.81 -2.80
CA GLU C 335 -28.59 -35.05 -3.59
C GLU C 335 -28.73 -34.65 -5.06
N LYS C 336 -29.49 -33.59 -5.32
CA LYS C 336 -29.75 -33.14 -6.69
C LYS C 336 -28.70 -32.25 -7.33
N ASN C 337 -27.68 -31.83 -6.59
CA ASN C 337 -26.67 -30.93 -7.16
C ASN C 337 -25.22 -31.36 -7.06
N GLU C 338 -24.92 -32.58 -7.44
CA GLU C 338 -23.56 -33.03 -7.39
C GLU C 338 -22.70 -32.19 -8.33
N GLU C 339 -23.29 -31.70 -9.42
CA GLU C 339 -22.51 -30.86 -10.35
C GLU C 339 -21.94 -29.65 -9.64
N TRP C 340 -22.67 -29.14 -8.65
CA TRP C 340 -22.24 -27.96 -7.93
C TRP C 340 -21.19 -28.24 -6.88
N TRP C 341 -21.37 -29.28 -6.07
CA TRP C 341 -20.42 -29.56 -4.98
C TRP C 341 -19.24 -30.48 -5.31
N LYS C 342 -19.39 -31.37 -6.28
CA LYS C 342 -18.27 -32.26 -6.65
C LYS C 342 -16.97 -31.51 -6.92
N PRO C 343 -17.00 -30.46 -7.77
CA PRO C 343 -15.78 -29.70 -8.05
C PRO C 343 -15.16 -29.00 -6.83
N LEU C 344 -15.98 -28.69 -5.83
CA LEU C 344 -15.51 -28.01 -4.61
C LEU C 344 -15.06 -28.97 -3.53
N LYS C 345 -15.05 -30.27 -3.80
CA LYS C 345 -14.73 -31.22 -2.76
C LYS C 345 -13.56 -32.10 -3.19
N ALA D 24 38.33 -0.72 7.42
CA ALA D 24 38.11 0.74 7.30
C ALA D 24 36.68 1.10 6.79
N MSE D 25 36.11 0.29 5.89
CA MSE D 25 34.80 0.57 5.27
C MSE D 25 33.63 -0.36 5.62
O MSE D 25 33.83 -1.49 6.04
CB MSE D 25 35.06 0.37 3.80
CG MSE D 25 34.17 1.23 2.91
SE MSE D 25 35.14 1.46 1.20
CE MSE D 25 35.10 3.44 1.19
N ASN D 26 32.40 0.13 5.48
CA ASN D 26 31.21 -0.67 5.79
C ASN D 26 30.32 -0.67 4.58
N ILE D 27 30.10 -1.84 4.03
CA ILE D 27 29.41 -1.95 2.78
C ILE D 27 28.11 -2.72 2.86
N LEU D 28 27.06 -2.15 2.29
CA LEU D 28 25.75 -2.79 2.26
C LEU D 28 25.59 -3.39 0.88
N VAL D 29 25.41 -4.70 0.85
CA VAL D 29 25.24 -5.42 -0.39
C VAL D 29 23.80 -5.89 -0.47
N THR D 30 22.98 -5.22 -1.29
CA THR D 30 21.61 -5.66 -1.46
C THR D 30 21.64 -6.81 -2.46
N GLY D 31 20.74 -7.75 -2.33
CA GLY D 31 20.72 -8.90 -3.23
C GLY D 31 21.93 -9.80 -3.04
N GLY D 32 22.52 -9.72 -1.85
CA GLY D 32 23.72 -10.49 -1.54
C GLY D 32 23.55 -11.96 -1.29
N ALA D 33 22.32 -12.47 -1.34
CA ALA D 33 22.07 -13.93 -1.19
C ALA D 33 21.84 -14.56 -2.55
N GLY D 34 21.98 -13.75 -3.60
CA GLY D 34 21.81 -14.23 -4.96
C GLY D 34 23.11 -14.71 -5.57
N PHE D 35 23.08 -14.96 -6.87
CA PHE D 35 24.23 -15.46 -7.59
C PHE D 35 25.42 -14.50 -7.54
N ILE D 36 25.28 -13.34 -8.15
CA ILE D 36 26.38 -12.41 -8.17
C ILE D 36 26.61 -11.83 -6.78
N GLY D 37 25.52 -11.49 -6.10
CA GLY D 37 25.64 -10.89 -4.79
C GLY D 37 26.41 -11.72 -3.80
N SER D 38 26.12 -13.02 -3.75
CA SER D 38 26.79 -13.92 -2.81
C SER D 38 28.26 -13.98 -3.15
N ASN D 39 28.55 -14.17 -4.44
CA ASN D 39 29.95 -14.16 -4.93
C ASN D 39 30.71 -12.89 -4.49
N PHE D 40 30.05 -11.74 -4.64
CA PHE D 40 30.61 -10.48 -4.23
C PHE D 40 30.87 -10.48 -2.72
N VAL D 41 29.89 -10.91 -1.93
CA VAL D 41 30.08 -10.96 -0.48
C VAL D 41 31.33 -11.77 -0.16
N HIS D 42 31.48 -12.94 -0.78
CA HIS D 42 32.66 -13.75 -0.51
C HIS D 42 33.93 -13.03 -0.95
N TYR D 43 33.89 -12.42 -2.14
CA TYR D 43 35.03 -11.73 -2.70
C TYR D 43 35.54 -10.61 -1.79
N MSE D 44 34.63 -9.80 -1.25
CA MSE D 44 35.01 -8.68 -0.38
C MSE D 44 35.53 -9.18 0.93
O MSE D 44 36.63 -8.76 1.36
CB MSE D 44 33.88 -7.66 -0.19
CG MSE D 44 33.40 -7.00 -1.51
SE MSE D 44 34.85 -5.97 -2.37
CE MSE D 44 34.79 -4.51 -1.07
N LEU D 45 34.85 -10.12 1.57
CA LEU D 45 35.35 -10.67 2.85
C LEU D 45 36.74 -11.27 2.73
N GLN D 46 37.00 -11.98 1.65
CA GLN D 46 38.33 -12.56 1.47
C GLN D 46 39.36 -11.51 1.11
N SER D 47 38.97 -10.51 0.32
CA SER D 47 39.91 -9.47 -0.12
C SER D 47 40.21 -8.38 0.90
N TYR D 48 39.25 -8.05 1.76
CA TYR D 48 39.43 -6.98 2.74
C TYR D 48 39.12 -7.48 4.15
N GLU D 49 40.17 -7.83 4.87
CA GLU D 49 40.04 -8.38 6.21
C GLU D 49 39.42 -7.46 7.26
N THR D 50 39.33 -6.15 7.00
CA THR D 50 38.75 -5.22 7.97
C THR D 50 37.43 -4.58 7.56
N TYR D 51 36.92 -4.89 6.37
CA TYR D 51 35.64 -4.33 5.93
C TYR D 51 34.51 -5.14 6.53
N LYS D 52 33.38 -4.46 6.75
CA LYS D 52 32.17 -5.08 7.28
C LYS D 52 31.26 -5.19 6.07
N ILE D 53 30.71 -6.37 5.84
CA ILE D 53 29.80 -6.57 4.71
C ILE D 53 28.40 -6.92 5.27
N ILE D 54 27.41 -6.12 4.91
CA ILE D 54 26.04 -6.33 5.38
C ILE D 54 25.22 -6.82 4.20
N ASN D 55 24.80 -8.07 4.27
CA ASN D 55 24.01 -8.67 3.22
C ASN D 55 22.55 -8.39 3.51
N PHE D 56 21.92 -7.61 2.63
CA PHE D 56 20.54 -7.18 2.77
C PHE D 56 19.75 -7.84 1.64
N ASP D 57 18.88 -8.78 1.99
CA ASP D 57 18.20 -9.56 0.95
C ASP D 57 16.82 -10.01 1.39
N ALA D 58 15.90 -9.99 0.44
CA ALA D 58 14.52 -10.34 0.68
C ALA D 58 14.26 -11.83 0.58
N LEU D 59 15.27 -12.60 0.15
CA LEU D 59 15.15 -14.07 0.03
C LEU D 59 13.94 -14.49 -0.80
N THR D 60 13.88 -13.99 -2.03
CA THR D 60 12.82 -14.35 -2.97
C THR D 60 13.21 -15.72 -3.51
N TYR D 61 12.50 -16.20 -4.51
CA TYR D 61 12.85 -17.47 -5.13
C TYR D 61 14.33 -17.62 -5.45
N SER D 62 14.95 -16.57 -6.02
CA SER D 62 16.35 -16.66 -6.45
C SER D 62 17.39 -16.41 -5.36
N GLY D 63 16.92 -16.07 -4.17
CA GLY D 63 17.81 -15.87 -3.03
C GLY D 63 18.02 -17.20 -2.32
N ASN D 64 19.26 -17.49 -1.95
CA ASN D 64 19.62 -18.76 -1.36
C ASN D 64 20.70 -18.62 -0.30
N LEU D 65 20.30 -18.79 0.97
CA LEU D 65 21.25 -18.66 2.10
C LEU D 65 22.40 -19.67 2.07
N ASN D 66 22.26 -20.75 1.31
CA ASN D 66 23.36 -21.71 1.18
C ASN D 66 24.54 -21.13 0.44
N ASN D 67 24.27 -20.12 -0.39
CA ASN D 67 25.31 -19.46 -1.14
C ASN D 67 26.32 -18.77 -0.21
N VAL D 68 25.86 -18.50 1.01
CA VAL D 68 26.60 -17.73 1.99
C VAL D 68 26.76 -18.43 3.35
N LYS D 69 26.43 -19.72 3.42
CA LYS D 69 26.51 -20.40 4.72
C LYS D 69 27.96 -20.56 5.22
N SER D 70 28.95 -20.57 4.33
CA SER D 70 30.34 -20.74 4.79
C SER D 70 30.88 -19.54 5.54
N ILE D 71 30.35 -18.35 5.26
CA ILE D 71 30.81 -17.14 5.92
C ILE D 71 29.76 -16.55 6.84
N GLN D 72 28.68 -17.28 7.07
CA GLN D 72 27.60 -16.72 7.89
C GLN D 72 27.98 -16.41 9.32
N ASP D 73 29.07 -16.98 9.82
CA ASP D 73 29.52 -16.72 11.18
C ASP D 73 30.79 -15.90 11.20
N HIS D 74 31.16 -15.34 10.05
CA HIS D 74 32.36 -14.53 9.96
C HIS D 74 32.08 -13.29 10.83
N PRO D 75 33.04 -12.86 11.67
CA PRO D 75 32.82 -11.69 12.54
C PRO D 75 32.45 -10.38 11.83
N ASN D 76 32.89 -10.19 10.60
CA ASN D 76 32.57 -8.99 9.80
C ASN D 76 31.35 -9.11 8.86
N TYR D 77 30.61 -10.21 8.93
CA TYR D 77 29.43 -10.37 8.10
C TYR D 77 28.15 -10.16 8.91
N TYR D 78 27.17 -9.54 8.29
CA TYR D 78 25.86 -9.29 8.91
C TYR D 78 24.80 -9.58 7.86
N PHE D 79 23.72 -10.23 8.28
CA PHE D 79 22.62 -10.49 7.40
C PHE D 79 21.39 -9.71 7.83
N VAL D 80 20.65 -9.19 6.85
CA VAL D 80 19.40 -8.50 7.14
C VAL D 80 18.40 -8.99 6.14
N LYS D 81 17.26 -9.49 6.63
CA LYS D 81 16.22 -9.93 5.71
C LYS D 81 15.28 -8.76 5.50
N GLY D 82 15.18 -8.30 4.26
CA GLY D 82 14.24 -7.23 3.93
C GLY D 82 14.26 -6.77 2.48
N GLU D 83 13.19 -6.08 2.10
CA GLU D 83 13.08 -5.53 0.77
C GLU D 83 13.76 -4.17 0.72
N ILE D 84 14.40 -3.85 -0.42
CA ILE D 84 15.02 -2.54 -0.60
C ILE D 84 13.95 -1.43 -0.69
N GLN D 85 12.69 -1.82 -0.88
CA GLN D 85 11.61 -0.85 -0.87
C GLN D 85 11.31 -0.42 0.55
N ASN D 86 11.87 -1.09 1.53
CA ASN D 86 11.62 -0.79 2.93
C ASN D 86 12.58 0.25 3.46
N GLY D 87 12.22 1.50 3.19
CA GLY D 87 13.04 2.64 3.61
C GLY D 87 13.32 2.74 5.08
N GLU D 88 12.30 2.47 5.91
CA GLU D 88 12.51 2.51 7.35
C GLU D 88 13.60 1.51 7.78
N LEU D 89 13.49 0.27 7.31
CA LEU D 89 14.49 -0.73 7.61
C LEU D 89 15.86 -0.31 7.10
N LEU D 90 15.92 0.19 5.86
CA LEU D 90 17.20 0.62 5.30
C LEU D 90 17.84 1.69 6.11
N GLU D 91 17.06 2.68 6.51
CA GLU D 91 17.62 3.75 7.28
C GLU D 91 18.18 3.24 8.56
N HIS D 92 17.41 2.41 9.22
CA HIS D 92 17.84 1.82 10.46
C HIS D 92 19.15 1.10 10.27
N VAL D 93 19.28 0.29 9.22
CA VAL D 93 20.51 -0.48 9.03
C VAL D 93 21.67 0.45 8.77
N ILE D 94 21.43 1.44 7.95
CA ILE D 94 22.44 2.44 7.63
C ILE D 94 22.97 3.16 8.86
N LYS D 95 22.08 3.75 9.63
CA LYS D 95 22.51 4.46 10.83
C LYS D 95 23.32 3.52 11.72
N GLU D 96 22.75 2.36 11.98
CA GLU D 96 23.34 1.39 12.87
C GLU D 96 24.69 0.79 12.47
N ARG D 97 24.85 0.40 11.23
CA ARG D 97 26.10 -0.16 10.72
C ARG D 97 27.07 0.89 10.14
N ASP D 98 26.71 2.15 10.24
CA ASP D 98 27.55 3.23 9.77
C ASP D 98 28.02 2.88 8.36
N VAL D 99 27.04 2.63 7.51
CA VAL D 99 27.26 2.27 6.11
C VAL D 99 27.83 3.44 5.29
N GLN D 100 28.78 3.12 4.43
CA GLN D 100 29.47 4.11 3.61
C GLN D 100 29.31 3.89 2.14
N VAL D 101 28.98 2.67 1.76
CA VAL D 101 28.77 2.32 0.38
C VAL D 101 27.64 1.33 0.26
N ILE D 102 26.88 1.43 -0.81
CA ILE D 102 25.79 0.53 -1.07
C ILE D 102 26.03 0.00 -2.45
N VAL D 103 26.02 -1.32 -2.60
CA VAL D 103 26.12 -1.93 -3.92
C VAL D 103 24.79 -2.63 -4.08
N ASN D 104 24.06 -2.23 -5.10
CA ASN D 104 22.72 -2.75 -5.30
C ASN D 104 22.56 -3.86 -6.35
N PHE D 105 22.64 -5.10 -5.89
CA PHE D 105 22.42 -6.25 -6.79
C PHE D 105 20.95 -6.67 -6.79
N ALA D 106 20.21 -6.32 -5.74
CA ALA D 106 18.80 -6.70 -5.62
C ALA D 106 18.02 -6.39 -6.87
N ALA D 107 17.34 -7.42 -7.39
CA ALA D 107 16.52 -7.31 -8.60
C ALA D 107 15.69 -8.56 -8.81
N GLU D 108 14.66 -8.48 -9.65
CA GLU D 108 13.82 -9.64 -10.00
C GLU D 108 13.90 -10.02 -11.47
N SER D 109 13.83 -11.33 -11.75
CA SER D 109 13.90 -11.93 -13.12
C SER D 109 12.90 -13.06 -13.31
N ILE D 119 5.24 -7.17 -12.34
CA ILE D 119 4.48 -6.11 -11.66
C ILE D 119 5.15 -5.65 -10.33
N PRO D 120 5.40 -6.56 -9.36
CA PRO D 120 6.31 -6.11 -8.28
C PRO D 120 7.77 -6.27 -8.78
N PHE D 121 7.86 -6.54 -10.08
CA PHE D 121 9.06 -6.66 -10.88
C PHE D 121 9.65 -5.27 -11.02
N TYR D 122 8.75 -4.33 -11.31
CA TYR D 122 9.06 -2.91 -11.42
C TYR D 122 9.17 -2.34 -10.02
N ASP D 123 8.35 -2.83 -9.10
CA ASP D 123 8.43 -2.34 -7.72
C ASP D 123 9.85 -2.50 -7.19
N THR D 124 10.42 -3.67 -7.35
CA THR D 124 11.78 -3.91 -6.91
C THR D 124 12.85 -3.20 -7.77
N ASN D 125 12.77 -3.34 -9.10
CA ASN D 125 13.80 -2.82 -9.98
C ASN D 125 13.83 -1.32 -10.15
N VAL D 126 12.66 -0.71 -10.20
CA VAL D 126 12.60 0.73 -10.29
C VAL D 126 12.40 1.36 -8.90
N ILE D 127 11.29 1.05 -8.27
CA ILE D 127 10.97 1.66 -7.00
C ILE D 127 11.95 1.37 -5.88
N GLY D 128 12.48 0.14 -5.87
CA GLY D 128 13.51 -0.20 -4.90
C GLY D 128 14.71 0.72 -5.10
N THR D 129 15.14 0.90 -6.34
CA THR D 129 16.25 1.82 -6.61
C THR D 129 15.94 3.27 -6.14
N VAL D 130 14.75 3.74 -6.45
CA VAL D 130 14.34 5.07 -6.03
C VAL D 130 14.43 5.17 -4.50
N THR D 131 13.99 4.14 -3.80
CA THR D 131 14.04 4.13 -2.35
C THR D 131 15.48 4.27 -1.86
N LEU D 132 16.40 3.55 -2.49
CA LEU D 132 17.83 3.70 -2.17
C LEU D 132 18.38 5.10 -2.52
N LEU D 133 17.94 5.68 -3.63
CA LEU D 133 18.41 7.02 -4.01
C LEU D 133 17.95 8.09 -3.01
N GLU D 134 16.71 7.96 -2.54
CA GLU D 134 16.19 8.89 -1.57
C GLU D 134 16.99 8.82 -0.28
N LEU D 135 17.38 7.62 0.09
CA LEU D 135 18.13 7.45 1.28
C LEU D 135 19.50 8.08 1.11
N VAL D 136 20.10 7.89 -0.06
CA VAL D 136 21.39 8.53 -0.32
C VAL D 136 21.21 10.04 -0.29
N LYS D 137 20.10 10.52 -0.86
CA LYS D 137 19.83 11.96 -0.88
C LYS D 137 19.86 12.54 0.54
N LYS D 138 19.33 11.76 1.48
CA LYS D 138 19.30 12.13 2.87
C LYS D 138 20.67 11.91 3.53
N TYR D 139 21.45 10.95 3.06
CA TYR D 139 22.80 10.69 3.61
C TYR D 139 23.80 10.74 2.46
N PRO D 140 23.99 11.91 1.87
CA PRO D 140 24.82 12.09 0.68
C PRO D 140 26.29 11.69 0.76
N HIS D 141 26.75 11.21 1.91
CA HIS D 141 28.13 10.73 2.02
C HIS D 141 28.23 9.28 1.57
N ILE D 142 27.08 8.61 1.43
CA ILE D 142 27.00 7.22 1.05
C ILE D 142 27.00 7.04 -0.45
N LYS D 143 27.99 6.31 -0.94
CA LYS D 143 28.14 6.07 -2.37
C LYS D 143 27.24 4.90 -2.76
N LEU D 144 26.61 5.00 -3.93
CA LEU D 144 25.72 3.99 -4.42
C LEU D 144 26.19 3.47 -5.76
N VAL D 145 26.38 2.16 -5.85
CA VAL D 145 26.75 1.53 -7.10
C VAL D 145 25.52 0.72 -7.54
N GLN D 146 24.86 1.21 -8.58
CA GLN D 146 23.69 0.58 -9.16
C GLN D 146 24.18 -0.41 -10.18
N VAL D 147 23.97 -1.67 -9.91
CA VAL D 147 24.45 -2.72 -10.79
C VAL D 147 23.46 -2.98 -11.90
N SER D 148 23.83 -2.65 -13.13
CA SER D 148 22.94 -2.84 -14.27
C SER D 148 23.49 -3.84 -15.28
N THR D 149 22.79 -3.97 -16.41
CA THR D 149 23.04 -4.98 -17.46
C THR D 149 23.19 -4.44 -18.86
N ASP D 150 23.89 -5.16 -19.73
CA ASP D 150 24.04 -4.75 -21.12
C ASP D 150 22.75 -4.88 -21.93
N GLU D 151 21.75 -5.60 -21.39
CA GLU D 151 20.46 -5.76 -22.08
C GLU D 151 19.73 -4.41 -22.31
N VAL D 152 20.20 -3.42 -21.58
CA VAL D 152 19.72 -2.07 -21.59
C VAL D 152 19.95 -1.42 -22.94
N TYR D 153 21.02 -1.83 -23.62
CA TYR D 153 21.35 -1.29 -24.93
C TYR D 153 20.58 -1.95 -26.10
N GLY D 154 19.85 -3.03 -25.83
CA GLY D 154 19.15 -3.76 -26.88
C GLY D 154 20.16 -4.66 -27.59
N SER D 155 19.79 -5.17 -28.76
CA SER D 155 20.66 -6.06 -29.54
C SER D 155 21.52 -5.28 -30.51
N LEU D 156 22.68 -5.85 -30.82
CA LEU D 156 23.60 -5.31 -31.81
C LEU D 156 23.32 -6.03 -33.12
N GLY D 157 23.92 -5.52 -34.18
CA GLY D 157 23.79 -6.15 -35.47
C GLY D 157 24.85 -7.22 -35.49
N LYS D 158 25.34 -7.53 -36.69
CA LYS D 158 26.40 -8.54 -36.84
C LYS D 158 27.74 -8.09 -36.26
N THR D 159 28.05 -6.80 -36.38
CA THR D 159 29.31 -6.24 -35.85
C THR D 159 29.05 -5.10 -34.85
N GLY D 160 30.12 -4.59 -34.25
CA GLY D 160 30.07 -3.51 -33.26
C GLY D 160 29.95 -3.99 -31.82
N ARG D 161 30.35 -3.13 -30.88
CA ARG D 161 30.25 -3.42 -29.45
C ARG D 161 29.70 -2.24 -28.67
N PHE D 162 28.96 -2.53 -27.60
CA PHE D 162 28.40 -1.46 -26.78
C PHE D 162 29.47 -0.61 -26.06
N THR D 163 29.23 0.68 -25.99
CA THR D 163 30.08 1.61 -25.25
C THR D 163 29.15 2.32 -24.27
N GLU D 164 29.71 3.08 -23.35
CA GLU D 164 28.91 3.79 -22.37
C GLU D 164 28.06 4.90 -23.00
N GLU D 165 28.32 5.24 -24.27
CA GLU D 165 27.57 6.26 -25.02
C GLU D 165 26.59 5.58 -25.99
N THR D 166 26.48 4.26 -25.95
CA THR D 166 25.49 3.59 -26.77
C THR D 166 24.13 3.97 -26.18
N PRO D 167 23.22 4.43 -27.04
CA PRO D 167 21.91 4.81 -26.50
C PRO D 167 21.12 3.61 -25.96
N LEU D 168 20.29 3.86 -24.96
CA LEU D 168 19.46 2.83 -24.38
C LEU D 168 18.33 2.48 -25.33
N ALA D 169 17.99 1.19 -25.37
CA ALA D 169 16.92 0.69 -26.24
C ALA D 169 16.48 -0.70 -25.79
N PRO D 170 16.06 -0.83 -24.53
CA PRO D 170 15.65 -2.12 -24.00
C PRO D 170 14.45 -2.72 -24.74
N ASN D 171 14.46 -4.03 -24.93
CA ASN D 171 13.40 -4.75 -25.64
C ASN D 171 12.44 -5.54 -24.75
N SER D 172 12.82 -5.79 -23.50
CA SER D 172 11.97 -6.56 -22.62
C SER D 172 11.52 -5.78 -21.40
N PRO D 173 10.49 -6.30 -20.72
CA PRO D 173 10.08 -5.74 -19.45
C PRO D 173 11.25 -5.66 -18.48
N TYR D 174 12.01 -6.74 -18.36
CA TYR D 174 13.17 -6.77 -17.47
C TYR D 174 14.21 -5.72 -17.81
N SER D 175 14.64 -5.69 -19.06
CA SER D 175 15.68 -4.72 -19.42
C SER D 175 15.14 -3.29 -19.33
N SER D 176 13.86 -3.08 -19.61
CA SER D 176 13.30 -1.73 -19.53
C SER D 176 13.26 -1.27 -18.06
N SER D 177 13.00 -2.20 -17.14
CA SER D 177 12.96 -1.88 -15.71
C SER D 177 14.35 -1.50 -15.23
N LYS D 178 15.34 -2.20 -15.77
CA LYS D 178 16.74 -1.95 -15.45
C LYS D 178 17.28 -0.61 -15.98
N ALA D 179 16.92 -0.29 -17.22
CA ALA D 179 17.31 0.95 -17.85
C ALA D 179 16.66 2.09 -17.10
N SER D 180 15.43 1.87 -16.67
CA SER D 180 14.69 2.90 -15.96
C SER D 180 15.40 3.25 -14.69
N ALA D 181 15.89 2.25 -13.98
CA ALA D 181 16.59 2.53 -12.75
C ALA D 181 17.91 3.26 -13.03
N ASP D 182 18.58 2.93 -14.13
CA ASP D 182 19.81 3.61 -14.47
C ASP D 182 19.57 5.09 -14.73
N MSE D 183 18.61 5.38 -15.61
CA MSE D 183 18.32 6.77 -15.98
C MSE D 183 17.90 7.57 -14.81
O MSE D 183 18.29 8.73 -14.67
CB MSE D 183 17.27 6.80 -17.06
CG MSE D 183 17.98 6.65 -18.42
SE MSE D 183 16.63 6.55 -19.83
CE MSE D 183 14.94 6.11 -18.92
N ILE D 184 17.11 6.94 -13.95
CA ILE D 184 16.68 7.60 -12.73
C ILE D 184 17.91 7.87 -11.84
N ALA D 185 18.74 6.86 -11.65
CA ALA D 185 19.91 7.02 -10.80
C ALA D 185 20.82 8.17 -11.28
N LEU D 186 21.07 8.22 -12.57
CA LEU D 186 21.91 9.28 -13.10
C LEU D 186 21.22 10.63 -13.02
N ALA D 187 19.90 10.67 -13.11
CA ALA D 187 19.17 11.95 -12.99
C ALA D 187 19.36 12.49 -11.57
N TYR D 188 19.45 11.60 -10.59
CA TYR D 188 19.69 12.02 -9.20
C TYR D 188 21.08 12.60 -9.05
N TYR D 189 22.01 12.09 -9.82
CA TYR D 189 23.35 12.64 -9.82
C TYR D 189 23.35 14.01 -10.46
N LYS D 190 22.72 14.12 -11.61
CA LYS D 190 22.70 15.40 -12.31
C LYS D 190 21.89 16.44 -11.57
N THR D 191 20.87 16.01 -10.82
CA THR D 191 20.04 16.97 -10.13
C THR D 191 20.54 17.37 -8.75
N TYR D 192 21.08 16.42 -7.98
CA TYR D 192 21.55 16.74 -6.63
C TYR D 192 23.02 16.38 -6.37
N GLN D 193 23.76 16.02 -7.40
CA GLN D 193 25.15 15.58 -7.22
C GLN D 193 25.33 14.39 -6.25
N LEU D 194 24.36 13.47 -6.19
CA LEU D 194 24.51 12.31 -5.30
C LEU D 194 25.60 11.41 -5.86
N PRO D 195 26.41 10.80 -4.98
CA PRO D 195 27.49 9.90 -5.40
C PRO D 195 26.94 8.56 -5.88
N VAL D 196 26.58 8.54 -7.16
CA VAL D 196 25.97 7.39 -7.77
C VAL D 196 26.75 6.97 -8.98
N ILE D 197 27.00 5.66 -9.08
CA ILE D 197 27.72 5.11 -10.23
C ILE D 197 26.91 3.96 -10.78
N VAL D 198 26.90 3.83 -12.11
CA VAL D 198 26.15 2.76 -12.78
C VAL D 198 27.10 1.84 -13.53
N THR D 199 26.98 0.54 -13.32
CA THR D 199 27.84 -0.41 -14.02
C THR D 199 26.90 -1.23 -14.87
N ARG D 200 27.37 -1.58 -16.07
CA ARG D 200 26.59 -2.42 -16.97
C ARG D 200 27.49 -3.54 -17.45
N CYS D 201 27.11 -4.77 -17.13
CA CYS D 201 27.91 -5.94 -17.50
C CYS D 201 27.19 -6.91 -18.43
N SER D 202 28.00 -7.82 -18.97
CA SER D 202 27.52 -8.87 -19.85
C SER D 202 27.12 -10.09 -19.04
N ASN D 203 26.78 -11.17 -19.70
CA ASN D 203 26.33 -12.38 -19.01
C ASN D 203 27.35 -12.97 -18.08
N ASN D 204 26.96 -13.11 -16.81
CA ASN D 204 27.81 -13.73 -15.83
C ASN D 204 27.63 -15.22 -15.86
N TYR D 205 28.69 -15.93 -15.47
CA TYR D 205 28.65 -17.38 -15.34
C TYR D 205 29.60 -17.68 -14.22
N GLY D 206 29.45 -18.86 -13.62
CA GLY D 206 30.30 -19.22 -12.50
C GLY D 206 29.55 -19.95 -11.42
N PRO D 207 30.19 -20.08 -10.27
CA PRO D 207 29.59 -20.79 -9.14
C PRO D 207 28.42 -20.08 -8.53
N TYR D 208 27.44 -20.86 -8.10
CA TYR D 208 26.21 -20.37 -7.47
C TYR D 208 25.13 -19.79 -8.41
N GLN D 209 25.26 -20.06 -9.70
CA GLN D 209 24.26 -19.66 -10.66
C GLN D 209 23.20 -20.80 -10.69
N TYR D 210 21.93 -20.45 -10.63
CA TYR D 210 20.88 -21.48 -10.62
C TYR D 210 20.95 -22.36 -11.86
N PRO D 211 20.58 -23.64 -11.71
CA PRO D 211 20.65 -24.62 -12.81
C PRO D 211 19.68 -24.40 -13.97
N GLU D 212 18.86 -23.36 -13.91
CA GLU D 212 17.93 -23.03 -15.00
C GLU D 212 18.73 -22.28 -16.07
N LYS D 213 19.72 -21.52 -15.62
CA LYS D 213 20.54 -20.70 -16.50
C LYS D 213 21.36 -21.59 -17.42
N LEU D 214 21.55 -21.09 -18.65
CA LEU D 214 22.20 -21.82 -19.73
C LEU D 214 23.34 -22.77 -19.37
N ILE D 215 24.45 -22.21 -18.91
CA ILE D 215 25.62 -23.02 -18.64
C ILE D 215 25.34 -24.12 -17.61
N PRO D 216 24.75 -23.76 -16.45
CA PRO D 216 24.46 -24.79 -15.47
C PRO D 216 23.49 -25.80 -16.01
N LEU D 217 22.49 -25.33 -16.75
CA LEU D 217 21.51 -26.23 -17.34
C LEU D 217 22.19 -27.29 -18.21
N MSE D 218 23.10 -26.84 -19.09
N MSE D 218 23.08 -26.85 -19.09
CA MSE D 218 23.84 -27.74 -19.97
CA MSE D 218 23.80 -27.78 -19.94
C MSE D 218 24.68 -28.70 -19.15
C MSE D 218 24.62 -28.71 -19.09
O MSE D 218 24.65 -29.92 -19.36
O MSE D 218 24.51 -29.93 -19.21
CB MSE D 218 24.78 -26.98 -20.91
CB MSE D 218 24.73 -26.99 -20.84
CG MSE D 218 24.15 -26.16 -22.03
CG MSE D 218 24.06 -26.77 -22.18
SE MSE D 218 22.59 -27.03 -22.84
SE MSE D 218 24.64 -25.07 -22.97
CE MSE D 218 21.31 -25.70 -22.16
CE MSE D 218 22.99 -24.92 -24.03
N VAL D 219 25.43 -28.16 -18.20
CA VAL D 219 26.30 -28.98 -17.36
C VAL D 219 25.53 -29.98 -16.50
N THR D 220 24.54 -29.49 -15.76
CA THR D 220 23.79 -30.35 -14.88
C THR D 220 22.98 -31.39 -15.63
N ASN D 221 22.52 -31.06 -16.83
CA ASN D 221 21.78 -32.07 -17.62
C ASN D 221 22.75 -33.14 -18.07
N ALA D 222 23.94 -32.72 -18.48
CA ALA D 222 24.96 -33.66 -18.93
C ALA D 222 25.31 -34.60 -17.78
N LEU D 223 25.46 -34.05 -16.57
CA LEU D 223 25.76 -34.87 -15.40
C LEU D 223 24.64 -35.83 -15.07
N GLU D 224 23.40 -35.44 -15.35
CA GLU D 224 22.26 -36.31 -15.10
C GLU D 224 21.91 -37.21 -16.28
N GLY D 225 22.78 -37.27 -17.28
CA GLY D 225 22.54 -38.07 -18.48
C GLY D 225 21.35 -37.62 -19.32
N LYS D 226 21.08 -36.32 -19.35
CA LYS D 226 19.96 -35.81 -20.11
C LYS D 226 20.41 -35.10 -21.36
N LYS D 227 19.43 -34.84 -22.22
CA LYS D 227 19.66 -34.15 -23.48
C LYS D 227 20.06 -32.70 -23.15
N LEU D 228 20.95 -32.12 -23.98
CA LEU D 228 21.38 -30.75 -23.80
C LEU D 228 20.61 -29.84 -24.74
N PRO D 229 19.56 -29.18 -24.23
CA PRO D 229 18.76 -28.37 -25.13
C PRO D 229 19.42 -27.07 -25.57
N LEU D 230 19.07 -26.66 -26.80
CA LEU D 230 19.47 -25.39 -27.38
C LEU D 230 18.18 -24.68 -27.79
N TYR D 231 17.84 -23.59 -27.13
CA TYR D 231 16.65 -22.87 -27.51
C TYR D 231 16.95 -22.20 -28.87
N GLY D 232 15.92 -22.03 -29.69
CA GLY D 232 16.06 -21.39 -31.01
C GLY D 232 16.88 -22.18 -32.00
N ASP D 233 17.83 -21.48 -32.63
CA ASP D 233 18.76 -22.07 -33.58
C ASP D 233 20.19 -22.17 -33.00
N GLY D 234 20.33 -21.90 -31.69
CA GLY D 234 21.61 -21.91 -31.00
C GLY D 234 22.63 -20.83 -31.41
N LEU D 235 22.27 -19.91 -32.30
CA LEU D 235 23.25 -18.88 -32.74
C LEU D 235 23.18 -17.51 -32.07
N ASN D 236 22.46 -17.40 -30.95
CA ASN D 236 22.47 -16.14 -30.20
C ASN D 236 23.88 -15.92 -29.66
N VAL D 237 24.38 -14.69 -29.77
CA VAL D 237 25.73 -14.35 -29.33
C VAL D 237 25.73 -13.54 -28.04
N ARG D 238 26.64 -13.90 -27.14
CA ARG D 238 26.80 -13.29 -25.82
C ARG D 238 28.28 -13.10 -25.48
N ASP D 239 28.55 -12.14 -24.60
CA ASP D 239 29.88 -11.85 -24.09
C ASP D 239 29.83 -12.46 -22.69
N TRP D 240 30.62 -13.49 -22.46
CA TRP D 240 30.60 -14.15 -21.16
C TRP D 240 31.65 -13.61 -20.20
N LEU D 241 31.18 -13.11 -19.08
CA LEU D 241 32.03 -12.55 -18.02
C LEU D 241 32.01 -13.48 -16.80
N HIS D 242 33.20 -13.84 -16.28
CA HIS D 242 33.24 -14.69 -15.11
C HIS D 242 32.80 -13.86 -13.90
N VAL D 243 31.94 -14.44 -13.08
CA VAL D 243 31.38 -13.72 -11.94
C VAL D 243 32.46 -13.05 -11.06
N THR D 244 33.64 -13.65 -10.90
CA THR D 244 34.63 -13.02 -10.02
C THR D 244 35.28 -11.83 -10.71
N ASP D 245 35.36 -11.84 -12.04
CA ASP D 245 35.84 -10.65 -12.75
C ASP D 245 34.83 -9.50 -12.58
N HIS D 246 33.54 -9.82 -12.56
CA HIS D 246 32.51 -8.82 -12.32
C HIS D 246 32.72 -8.26 -10.91
N CYS D 247 32.91 -9.15 -9.94
CA CYS D 247 33.16 -8.72 -8.59
C CYS D 247 34.39 -7.82 -8.50
N SER D 248 35.49 -8.16 -9.19
CA SER D 248 36.68 -7.30 -9.10
C SER D 248 36.44 -5.96 -9.77
N ALA D 249 35.60 -5.93 -10.80
CA ALA D 249 35.31 -4.69 -11.50
C ALA D 249 34.57 -3.75 -10.55
N ILE D 250 33.59 -4.31 -9.86
CA ILE D 250 32.79 -3.56 -8.90
C ILE D 250 33.64 -3.06 -7.75
N ASP D 251 34.57 -3.88 -7.32
CA ASP D 251 35.49 -3.50 -6.26
C ASP D 251 36.27 -2.24 -6.69
N VAL D 252 36.71 -2.20 -7.94
CA VAL D 252 37.45 -1.04 -8.44
C VAL D 252 36.57 0.21 -8.54
N VAL D 253 35.39 0.07 -9.13
CA VAL D 253 34.43 1.16 -9.32
C VAL D 253 34.04 1.79 -7.99
N LEU D 254 33.70 0.91 -7.06
CA LEU D 254 33.35 1.24 -5.70
C LEU D 254 34.42 2.14 -5.08
N HIS D 255 35.69 1.77 -5.25
CA HIS D 255 36.81 2.53 -4.67
C HIS D 255 37.32 3.71 -5.47
N LYS D 256 37.51 3.55 -6.78
CA LYS D 256 38.08 4.62 -7.61
C LYS D 256 37.14 5.17 -8.69
N GLY D 257 35.95 4.60 -8.82
CA GLY D 257 35.01 5.03 -9.86
C GLY D 257 34.53 6.45 -9.67
N ARG D 258 34.40 7.18 -10.77
CA ARG D 258 33.94 8.57 -10.76
C ARG D 258 32.43 8.63 -10.69
N VAL D 259 31.96 9.42 -9.73
CA VAL D 259 30.53 9.59 -9.48
C VAL D 259 29.84 10.19 -10.71
N GLY D 260 28.65 9.69 -10.99
CA GLY D 260 27.86 10.15 -12.12
C GLY D 260 28.15 9.44 -13.44
N GLU D 261 29.10 8.53 -13.46
CA GLU D 261 29.48 7.83 -14.66
C GLU D 261 28.91 6.41 -14.79
N VAL D 262 28.95 5.92 -16.02
CA VAL D 262 28.56 4.57 -16.35
C VAL D 262 29.84 3.83 -16.68
N TYR D 263 29.91 2.55 -16.34
CA TYR D 263 31.06 1.76 -16.67
C TYR D 263 30.61 0.44 -17.23
N ASN D 264 30.95 0.18 -18.49
CA ASN D 264 30.67 -1.11 -19.09
C ASN D 264 31.70 -2.10 -18.59
N ILE D 265 31.24 -3.31 -18.25
CA ILE D 265 32.09 -4.39 -17.76
C ILE D 265 31.84 -5.66 -18.56
N GLY D 266 32.90 -6.21 -19.16
CA GLY D 266 32.73 -7.40 -19.99
C GLY D 266 33.90 -8.35 -19.95
N GLY D 267 33.68 -9.56 -20.48
CA GLY D 267 34.67 -10.61 -20.48
C GLY D 267 35.62 -10.62 -21.67
N ASN D 268 35.56 -9.58 -22.51
CA ASN D 268 36.39 -9.48 -23.74
C ASN D 268 36.32 -10.69 -24.62
N ASN D 269 35.13 -11.20 -24.84
CA ASN D 269 34.93 -12.35 -25.70
C ASN D 269 33.51 -12.29 -26.23
N GLU D 270 33.19 -13.24 -27.09
CA GLU D 270 31.92 -13.26 -27.73
C GLU D 270 31.68 -14.70 -28.22
N LYS D 271 30.61 -15.34 -27.79
CA LYS D 271 30.37 -16.74 -28.16
C LYS D 271 28.95 -17.03 -28.53
N THR D 272 28.76 -17.94 -29.49
CA THR D 272 27.41 -18.36 -29.84
C THR D 272 27.06 -19.42 -28.80
N ASN D 273 25.75 -19.58 -28.52
CA ASN D 273 25.32 -20.57 -27.55
C ASN D 273 25.79 -21.96 -27.92
N VAL D 274 25.77 -22.25 -29.21
CA VAL D 274 26.20 -23.56 -29.66
C VAL D 274 27.69 -23.78 -29.37
N GLU D 275 28.53 -22.74 -29.58
CA GLU D 275 29.97 -22.86 -29.25
C GLU D 275 30.13 -23.23 -27.79
N VAL D 276 29.35 -22.56 -26.94
CA VAL D 276 29.37 -22.80 -25.51
C VAL D 276 29.02 -24.25 -25.20
N VAL D 277 28.02 -24.80 -25.88
CA VAL D 277 27.60 -26.18 -25.60
C VAL D 277 28.68 -27.15 -26.05
N GLU D 278 29.18 -26.94 -27.25
CA GLU D 278 30.26 -27.78 -27.77
C GLU D 278 31.46 -27.84 -26.82
N GLN D 279 31.81 -26.71 -26.22
CA GLN D 279 32.92 -26.69 -25.28
C GLN D 279 32.58 -27.49 -24.01
N ILE D 280 31.33 -27.39 -23.55
CA ILE D 280 30.87 -28.13 -22.38
C ILE D 280 30.88 -29.62 -22.69
N ILE D 281 30.47 -29.94 -23.91
CA ILE D 281 30.43 -31.33 -24.37
C ILE D 281 31.80 -31.96 -24.34
N THR D 282 32.79 -31.27 -24.92
CA THR D 282 34.18 -31.78 -24.92
C THR D 282 34.74 -31.88 -23.49
N LEU D 283 34.42 -30.91 -22.63
CA LEU D 283 34.87 -30.93 -21.23
C LEU D 283 34.34 -32.12 -20.40
N LEU D 284 33.23 -32.71 -20.83
CA LEU D 284 32.65 -33.84 -20.11
C LEU D 284 32.71 -35.10 -20.95
N GLY D 285 33.55 -35.10 -21.98
CA GLY D 285 33.70 -36.26 -22.88
C GLY D 285 32.40 -36.81 -23.44
N LYS D 286 31.41 -35.95 -23.60
CA LYS D 286 30.13 -36.35 -24.17
C LYS D 286 30.29 -36.20 -25.67
N THR D 287 29.24 -36.55 -26.40
CA THR D 287 29.24 -36.42 -27.86
C THR D 287 28.11 -35.46 -28.27
N LYS D 288 28.19 -34.96 -29.51
CA LYS D 288 27.18 -34.00 -29.99
C LYS D 288 25.80 -34.62 -30.10
N LYS D 289 25.76 -35.94 -30.12
CA LYS D 289 24.52 -36.70 -30.24
C LYS D 289 23.54 -36.36 -29.09
N ASP D 290 24.07 -35.77 -28.00
CA ASP D 290 23.27 -35.38 -26.82
C ASP D 290 22.53 -34.05 -26.95
N ILE D 291 22.92 -33.22 -27.92
CA ILE D 291 22.27 -31.94 -28.15
C ILE D 291 20.87 -32.15 -28.72
N GLU D 292 19.97 -31.20 -28.45
CA GLU D 292 18.59 -31.25 -28.90
C GLU D 292 18.05 -29.84 -29.13
N TYR D 293 17.31 -29.61 -30.22
CA TYR D 293 16.78 -28.27 -30.50
C TYR D 293 15.38 -28.07 -30.00
N VAL D 294 15.14 -26.85 -29.50
CA VAL D 294 13.84 -26.40 -28.94
C VAL D 294 13.66 -24.93 -29.37
N THR D 295 12.58 -24.25 -28.95
CA THR D 295 12.40 -22.80 -29.18
C THR D 295 11.75 -22.05 -28.01
N GLY D 299 11.09 -15.21 -27.15
CA GLY D 299 12.10 -14.44 -27.87
C GLY D 299 13.31 -14.03 -27.00
N HIS D 300 14.41 -13.71 -27.66
CA HIS D 300 15.67 -13.29 -27.01
C HIS D 300 16.46 -12.40 -27.98
N ASP D 301 17.26 -11.48 -27.46
CA ASP D 301 18.06 -10.57 -28.33
C ASP D 301 19.09 -11.38 -29.13
N ARG D 302 19.47 -10.88 -30.30
CA ARG D 302 20.37 -11.63 -31.14
C ARG D 302 21.82 -11.56 -30.67
N ARG D 303 22.37 -10.36 -30.45
CA ARG D 303 23.78 -10.24 -30.09
C ARG D 303 24.14 -9.18 -29.06
N TYR D 304 24.89 -9.59 -28.04
CA TYR D 304 25.41 -8.66 -27.03
C TYR D 304 26.92 -8.77 -26.99
N ALA D 305 27.60 -7.63 -26.93
CA ALA D 305 29.05 -7.62 -26.90
C ALA D 305 29.53 -6.31 -26.30
N ILE D 306 30.28 -6.38 -25.22
CA ILE D 306 30.75 -5.18 -24.54
C ILE D 306 32.18 -4.75 -24.76
N ASN D 307 32.34 -3.47 -24.99
CA ASN D 307 33.63 -2.83 -25.10
C ASN D 307 33.91 -2.19 -23.75
N ALA D 308 34.93 -2.68 -23.05
CA ALA D 308 35.28 -2.20 -21.73
C ALA D 308 36.57 -1.42 -21.72
N GLU D 309 36.82 -0.65 -22.77
CA GLU D 309 38.05 0.15 -22.81
C GLU D 309 38.05 1.28 -21.81
N LYS D 310 36.88 1.75 -21.40
CA LYS D 310 36.83 2.81 -20.39
C LYS D 310 37.38 2.32 -19.06
N MSE D 311 37.02 1.10 -18.66
CA MSE D 311 37.52 0.50 -17.40
C MSE D 311 39.01 0.36 -17.53
O MSE D 311 39.76 0.65 -16.60
CB MSE D 311 36.97 -0.89 -17.18
CG MSE D 311 35.50 -0.92 -16.77
SE MSE D 311 35.32 -0.49 -14.86
CE MSE D 311 36.29 -1.94 -13.96
N LYS D 312 39.44 -0.10 -18.70
CA LYS D 312 40.85 -0.27 -19.02
C LYS D 312 41.64 1.04 -18.95
N ASN D 313 41.16 2.08 -19.61
CA ASN D 313 41.88 3.36 -19.61
C ASN D 313 41.90 4.07 -18.27
N GLU D 314 40.84 3.91 -17.52
CA GLU D 314 40.69 4.67 -16.29
C GLU D 314 41.26 3.99 -15.06
N PHE D 315 41.25 2.66 -15.03
CA PHE D 315 41.75 1.93 -13.86
C PHE D 315 42.74 0.82 -14.22
N ASP D 316 43.03 0.68 -15.51
CA ASP D 316 43.89 -0.38 -16.01
C ASP D 316 43.31 -1.74 -15.66
N TRP D 317 41.99 -1.87 -15.71
CA TRP D 317 41.31 -3.11 -15.37
C TRP D 317 40.94 -3.93 -16.61
N GLU D 318 41.15 -5.23 -16.49
CA GLU D 318 40.79 -6.20 -17.50
C GLU D 318 40.32 -7.46 -16.78
N PRO D 319 39.50 -8.28 -17.46
CA PRO D 319 39.13 -9.54 -16.89
C PRO D 319 40.36 -10.41 -16.79
N LYS D 320 40.49 -11.16 -15.71
CA LYS D 320 41.65 -12.03 -15.53
C LYS D 320 41.37 -13.39 -16.14
N TYR D 321 40.09 -13.78 -16.21
CA TYR D 321 39.74 -15.06 -16.79
C TYR D 321 39.54 -15.02 -18.27
N THR D 322 39.88 -16.14 -18.93
CA THR D 322 39.60 -16.33 -20.34
C THR D 322 38.39 -17.21 -20.27
N PHE D 323 37.58 -17.24 -21.32
CA PHE D 323 36.37 -18.05 -21.26
C PHE D 323 36.71 -19.54 -21.12
N GLU D 324 37.75 -19.98 -21.82
CA GLU D 324 38.16 -21.37 -21.81
C GLU D 324 38.46 -21.79 -20.38
N GLN D 325 39.16 -20.92 -19.66
CA GLN D 325 39.52 -21.16 -18.28
C GLN D 325 38.31 -21.13 -17.36
N GLY D 326 37.53 -20.07 -17.47
CA GLY D 326 36.36 -19.88 -16.62
C GLY D 326 35.37 -21.01 -16.76
N LEU D 327 35.12 -21.38 -18.00
CA LEU D 327 34.17 -22.46 -18.30
C LEU D 327 34.58 -23.78 -17.66
N GLN D 328 35.86 -24.10 -17.77
CA GLN D 328 36.39 -25.32 -17.17
C GLN D 328 36.22 -25.36 -15.64
N GLU D 329 36.58 -24.27 -14.96
CA GLU D 329 36.43 -24.21 -13.51
C GLU D 329 34.97 -24.28 -13.10
N THR D 330 34.11 -23.67 -13.91
CA THR D 330 32.67 -23.68 -13.63
C THR D 330 32.13 -25.09 -13.75
N VAL D 331 32.47 -25.76 -14.85
CA VAL D 331 32.05 -27.16 -15.03
C VAL D 331 32.48 -27.99 -13.83
N GLN D 332 33.74 -27.88 -13.44
CA GLN D 332 34.22 -28.59 -12.26
C GLN D 332 33.38 -28.25 -11.03
N TRP D 333 33.09 -26.97 -10.82
CA TRP D 333 32.32 -26.54 -9.66
C TRP D 333 30.99 -27.30 -9.62
N TYR D 334 30.30 -27.35 -10.75
CA TYR D 334 29.03 -28.08 -10.80
C TYR D 334 29.19 -29.58 -10.56
N GLU D 335 30.29 -30.16 -11.03
CA GLU D 335 30.55 -31.58 -10.76
C GLU D 335 30.71 -31.79 -9.25
N LYS D 336 31.41 -30.88 -8.61
CA LYS D 336 31.68 -30.98 -7.17
C LYS D 336 30.59 -30.47 -6.25
N ASN D 337 29.54 -29.85 -6.76
CA ASN D 337 28.51 -29.32 -5.87
C ASN D 337 27.07 -29.77 -6.14
N GLU D 338 26.86 -31.07 -6.27
CA GLU D 338 25.52 -31.54 -6.49
C GLU D 338 24.67 -31.20 -5.28
N GLU D 339 25.27 -31.14 -4.08
CA GLU D 339 24.49 -30.81 -2.86
C GLU D 339 23.81 -29.46 -3.01
N TRP D 340 24.48 -28.56 -3.75
CA TRP D 340 23.96 -27.24 -3.95
C TRP D 340 22.89 -27.13 -5.03
N TRP D 341 23.11 -27.74 -6.20
CA TRP D 341 22.14 -27.62 -7.30
C TRP D 341 21.03 -28.67 -7.37
N LYS D 342 21.24 -29.86 -6.81
CA LYS D 342 20.19 -30.87 -6.81
C LYS D 342 18.84 -30.37 -6.26
N PRO D 343 18.84 -29.73 -5.08
CA PRO D 343 17.58 -29.24 -4.49
C PRO D 343 16.91 -28.16 -5.34
N LEU D 344 17.68 -27.42 -6.14
CA LEU D 344 17.14 -26.36 -6.98
C LEU D 344 16.73 -26.83 -8.37
N LYS D 345 16.79 -28.12 -8.65
CA LYS D 345 16.50 -28.59 -9.97
C LYS D 345 15.38 -29.63 -9.91
C1 GLC E . -6.40 0.15 -5.65
C2 GLC E . -6.80 -1.30 -6.06
C3 GLC E . -5.70 -2.24 -6.62
C4 GLC E . -4.27 -1.65 -6.67
C5 GLC E . -4.14 -0.36 -5.81
C6 GLC E . -2.78 0.33 -5.82
O2 GLC E . -7.38 -2.00 -4.96
O3 GLC E . -6.10 -2.70 -7.94
O4 GLC E . -3.35 -2.68 -6.24
O5 GLC E . -5.16 0.57 -6.22
O6 GLC E . -2.17 0.19 -4.52
C1 FRU E . -8.01 -0.30 -2.88
C2 FRU E . -7.12 0.83 -3.40
C3 FRU E . -6.40 1.44 -2.18
C4 FRU E . -6.87 2.88 -2.16
C5 FRU E . -8.20 2.71 -2.88
C6 FRU E . -8.98 3.97 -3.14
O1 FRU E . -7.22 -1.21 -2.08
O2 FRU E . -6.15 0.27 -4.26
O3 FRU E . -4.97 1.33 -2.21
O4 FRU E . -7.00 3.32 -0.81
O5 FRU E . -7.88 1.91 -4.02
O6 FRU E . -9.99 4.01 -2.12
C1 GLC F . 6.87 -2.24 5.09
C2 GLC F . 7.08 -3.77 5.20
C3 GLC F . 5.83 -4.64 5.43
C4 GLC F . 4.51 -3.88 5.71
C5 GLC F . 4.53 -2.37 5.33
C6 GLC F . 3.32 -1.59 5.86
O2 GLC F . 7.74 -4.24 4.02
O3 GLC F . 6.07 -5.57 6.52
O4 GLC F . 3.45 -4.54 5.01
O5 GLC F . 5.74 -1.76 5.83
O6 GLC F . 3.78 -0.47 6.61
C1 FRU F . 8.63 -1.79 2.51
C2 FRU F . 7.58 -0.92 3.22
C3 FRU F . 6.96 0.08 2.22
C4 FRU F . 6.55 1.29 3.09
C5 FRU F . 7.39 1.17 4.36
C6 FRU F . 6.55 1.17 5.62
O1 FRU F . 8.09 -2.82 1.67
O2 FRU F . 6.62 -1.83 3.75
O3 FRU F . 5.96 -0.56 1.41
O4 FRU F . 6.82 2.57 2.48
O5 FRU F . 8.11 -0.07 4.26
O6 FRU F . 6.48 2.49 6.16
NI NI G . -19.44 1.37 -13.72
PA NAD H . -1.48 18.25 -15.23
O1A NAD H . -2.46 19.37 -15.52
O2A NAD H . -0.67 18.33 -13.95
O5B NAD H . -2.33 16.87 -15.42
C5B NAD H . -2.39 15.92 -14.36
C4B NAD H . -3.78 15.35 -14.26
O4B NAD H . -3.64 13.94 -14.00
C3B NAD H . -4.59 15.92 -13.09
O3B NAD H . -6.00 15.82 -13.36
C2B NAD H . -4.24 14.98 -11.96
O2B NAD H . -5.23 14.89 -10.96
C1B NAD H . -4.22 13.68 -12.71
N9A NAD H . -3.46 12.63 -12.05
C8A NAD H . -2.31 12.74 -11.37
N7A NAD H . -1.92 11.52 -10.96
C5A NAD H . -2.86 10.62 -11.35
C6A NAD H . -3.06 9.24 -11.23
N6A NAD H . -2.17 8.46 -10.58
N1A NAD H . -4.15 8.68 -11.81
C2A NAD H . -5.06 9.40 -12.47
N3A NAD H . -4.93 10.72 -12.59
C4A NAD H . -3.86 11.37 -12.07
O3 NAD H . -0.31 18.08 -16.33
PN NAD H . -0.43 18.37 -17.91
O1N NAD H . -1.91 18.16 -18.30
O2N NAD H . 0.37 19.66 -18.05
O5D NAD H . 0.47 17.19 -18.62
C5D NAD H . -0.15 16.01 -19.20
C4D NAD H . 0.85 14.99 -19.71
O4D NAD H . 1.50 15.49 -20.89
C3D NAD H . 1.99 14.66 -18.77
O3D NAD H . 2.29 13.26 -18.93
C2D NAD H . 3.13 15.59 -19.20
O2D NAD H . 4.41 15.04 -18.88
C1D NAD H . 2.91 15.68 -20.71
N1N NAD H . 3.28 16.92 -21.43
C2N NAD H . 3.02 18.18 -20.82
C3N NAD H . 3.79 19.33 -21.06
C7N NAD H . 3.42 20.67 -20.43
O7N NAD H . 2.34 20.80 -19.84
N7N NAD H . 4.23 21.73 -20.55
C4N NAD H . 4.93 19.19 -21.85
C5N NAD H . 5.25 17.97 -22.43
C6N NAD H . 4.46 16.84 -22.19
S SO4 I . 18.47 20.67 -37.23
O1 SO4 I . 19.87 20.43 -37.61
O2 SO4 I . 18.35 22.11 -36.82
O3 SO4 I . 17.58 20.30 -38.36
O4 SO4 I . 18.21 19.68 -36.15
S SO4 J . 10.49 23.77 -18.09
O1 SO4 J . 9.17 24.17 -17.61
O2 SO4 J . 11.37 24.98 -18.20
O3 SO4 J . 10.34 23.10 -19.39
O4 SO4 J . 11.04 22.80 -17.11
S SO4 K . 7.33 26.21 -15.81
O1 SO4 K . 6.53 26.59 -17.01
O2 SO4 K . 8.77 26.37 -16.09
O3 SO4 K . 7.09 24.79 -15.43
O4 SO4 K . 6.99 27.10 -14.66
NI NI L . 19.46 -3.09 13.24
PA NAD M . 0.58 10.60 21.45
O1A NAD M . 1.10 11.69 22.38
O2A NAD M . -0.09 10.96 20.15
O5B NAD M . 1.81 9.68 21.00
C5B NAD M . 1.60 8.86 19.86
C4B NAD M . 2.91 8.30 19.42
O4B NAD M . 2.64 7.28 18.47
C3B NAD M . 3.71 9.37 18.71
O3B NAD M . 5.03 9.34 19.22
C2B NAD M . 3.66 8.98 17.24
O2B NAD M . 4.84 9.29 16.50
C1B NAD M . 3.50 7.49 17.36
N9A NAD M . 2.88 6.79 16.24
C8A NAD M . 1.71 7.07 15.64
N7A NAD M . 1.46 6.11 14.70
C5A NAD M . 2.47 5.23 14.72
C6A NAD M . 2.79 4.06 14.06
N6A NAD M . 1.97 3.59 13.11
N1A NAD M . 3.93 3.39 14.37
C2A NAD M . 4.77 3.85 15.32
N3A NAD M . 4.51 4.96 16.00
C4A NAD M . 3.38 5.67 15.76
O3 NAD M . -0.42 9.63 22.24
PN NAD M . -0.42 9.50 23.85
O1N NAD M . 1.03 9.43 24.27
O2N NAD M . -1.36 10.55 24.41
O5D NAD M . -1.14 8.09 24.09
C5D NAD M . -0.52 6.80 23.95
C4D NAD M . -1.56 5.70 24.08
O4D NAD M . -2.17 5.66 25.37
C3D NAD M . -2.73 5.85 23.11
O3D NAD M . -2.78 4.61 22.42
C2D NAD M . -3.97 6.09 23.94
O2D NAD M . -5.07 5.34 23.44
C1D NAD M . -3.60 5.60 25.33
N1N NAD M . -4.12 6.35 26.50
C2N NAD M . -3.93 7.76 26.48
C3N NAD M . -4.82 8.65 27.09
C7N NAD M . -4.47 10.12 27.11
O7N NAD M . -3.47 10.55 26.53
N7N NAD M . -5.22 10.96 27.78
C4N NAD M . -5.99 8.17 27.66
C5N NAD M . -6.25 6.80 27.63
C6N NAD M . -5.36 5.93 27.03
S SO4 N . -19.12 2.43 42.17
O1 SO4 N . -19.36 2.34 40.71
O2 SO4 N . -19.12 3.87 42.55
O3 SO4 N . -20.19 1.70 42.87
O4 SO4 N . -17.80 1.86 42.50
S SO4 O . -8.70 17.16 25.24
O1 SO4 O . -8.16 18.19 24.33
O2 SO4 O . -10.05 17.58 25.74
O3 SO4 O . -7.82 16.95 26.41
O4 SO4 O . -8.78 15.91 24.44
S SO4 P . -11.59 13.73 26.57
O1 SO4 P . -12.68 13.87 25.56
O2 SO4 P . -10.40 14.40 26.02
O3 SO4 P . -11.31 12.29 26.88
O4 SO4 P . -11.93 14.45 27.83
S SO4 Q . -13.41 -12.62 28.82
O1 SO4 Q . -14.61 -12.11 28.10
O2 SO4 Q . -12.18 -11.98 28.27
O3 SO4 Q . -13.49 -12.35 30.29
O4 SO4 Q . -13.33 -14.08 28.63
PA NAD R . -18.90 -16.63 2.06
O1A NAD R . -19.77 -17.62 1.35
O2A NAD R . -17.44 -16.90 2.40
O5B NAD R . -18.92 -15.28 1.17
C5B NAD R . -17.93 -14.25 1.29
C4B NAD R . -17.96 -13.56 -0.05
O4B NAD R . -17.25 -12.33 0.03
C3B NAD R . -17.31 -14.40 -1.13
O3B NAD R . -18.15 -14.45 -2.29
C2B NAD R . -16.01 -13.67 -1.43
O2B NAD R . -15.51 -13.84 -2.76
C1B NAD R . -16.34 -12.24 -1.05
N9A NAD R . -15.22 -11.42 -0.54
C8A NAD R . -14.20 -11.74 0.26
N7A NAD R . -13.42 -10.67 0.51
C5A NAD R . -13.96 -9.64 -0.16
C6A NAD R . -13.67 -8.32 -0.32
N6A NAD R . -12.59 -7.77 0.27
N1A NAD R . -14.49 -7.59 -1.10
C2A NAD R . -15.57 -8.07 -1.72
N3A NAD R . -15.91 -9.34 -1.59
C4A NAD R . -15.15 -10.14 -0.83
O3 NAD R . -19.60 -16.19 3.46
PN NAD R . -21.11 -16.43 3.91
O1N NAD R . -22.00 -16.09 2.70
O2N NAD R . -21.14 -17.74 4.67
O5D NAD R . -21.27 -15.28 5.05
C5D NAD R . -21.38 -13.89 4.72
C4D NAD R . -21.54 -13.00 5.94
O4D NAD R . -22.57 -13.47 6.83
C3D NAD R . -20.27 -12.88 6.77
O3D NAD R . -20.07 -11.48 7.04
C2D NAD R . -20.55 -13.67 8.04
O2D NAD R . -19.90 -13.06 9.16
C1D NAD R . -22.08 -13.65 8.19
N1N NAD R . -22.79 -14.84 8.75
C2N NAD R . -22.59 -16.17 8.26
C3N NAD R . -23.04 -17.30 8.99
C7N NAD R . -22.90 -18.70 8.43
O7N NAD R . -22.87 -18.89 7.23
N7N NAD R . -22.78 -19.74 9.24
C4N NAD R . -23.55 -17.12 10.26
C5N NAD R . -23.66 -15.84 10.80
C6N NAD R . -23.26 -14.73 10.07
S SO4 S . -18.99 -23.42 14.13
O1 SO4 S . -18.85 -22.82 12.77
O2 SO4 S . -17.96 -22.81 15.03
O3 SO4 S . -20.33 -23.12 14.63
O4 SO4 S . -18.79 -24.89 14.11
S SO4 T . -18.68 -25.32 10.11
O1 SO4 T . -17.59 -25.72 9.18
O2 SO4 T . -18.55 -23.85 10.30
O3 SO4 T . -18.53 -26.04 11.41
O4 SO4 T . -20.03 -25.66 9.57
S SO4 U . -33.88 -16.81 27.97
O1 SO4 U . -35.10 -16.17 27.44
O2 SO4 U . -32.82 -15.79 28.25
O3 SO4 U . -34.22 -17.51 29.23
O4 SO4 U . -33.44 -17.81 26.97
PA NAD V . 19.91 -13.18 -8.57
O1A NAD V . 20.77 -14.41 -8.39
O2A NAD V . 18.48 -13.23 -9.10
O5B NAD V . 19.75 -12.49 -7.13
C5B NAD V . 18.66 -11.64 -6.83
C4B NAD V . 18.78 -11.42 -5.35
O4B NAD V . 18.12 -10.22 -5.03
C3B NAD V . 18.12 -12.56 -4.59
O3B NAD V . 18.92 -12.96 -3.47
C2B NAD V . 16.81 -11.95 -4.17
O2B NAD V . 16.34 -12.50 -2.93
C1B NAD V . 17.17 -10.47 -4.02
N9A NAD V . 16.00 -9.59 -4.15
C8A NAD V . 14.99 -9.67 -5.03
N7A NAD V . 14.06 -8.72 -4.77
C5A NAD V . 14.47 -8.01 -3.71
C6A NAD V . 14.01 -6.93 -2.99
N6A NAD V . 12.85 -6.31 -3.31
N1A NAD V . 14.74 -6.50 -1.94
C2A NAD V . 15.91 -7.07 -1.57
N3A NAD V . 16.42 -8.11 -2.24
C4A NAD V . 15.75 -8.61 -3.30
O3 NAD V . 20.72 -11.98 -9.23
PN NAD V . 21.97 -12.07 -10.19
O1N NAD V . 23.14 -12.34 -9.26
O2N NAD V . 21.67 -12.90 -11.44
O5D NAD V . 22.00 -10.52 -10.64
C5D NAD V . 22.16 -9.48 -9.67
C4D NAD V . 22.20 -8.10 -10.33
O4D NAD V . 23.10 -8.09 -11.43
C3D NAD V . 20.83 -7.72 -10.87
O3D NAD V . 20.55 -6.34 -10.62
C2D NAD V . 20.95 -7.97 -12.34
O2D NAD V . 20.01 -7.08 -12.92
C1D NAD V . 22.42 -7.70 -12.63
N1N NAD V . 23.12 -8.40 -13.72
C2N NAD V . 23.02 -9.80 -13.90
C3N NAD V . 23.53 -10.44 -15.05
C7N NAD V . 23.53 -11.95 -15.10
O7N NAD V . 23.18 -12.61 -14.10
N7N NAD V . 23.98 -12.58 -16.21
C4N NAD V . 24.02 -9.67 -16.11
C5N NAD V . 24.04 -8.28 -16.01
C6N NAD V . 23.55 -7.64 -14.85
S SO4 W . 33.90 -2.60 -32.21
O1 SO4 W . 33.69 -2.79 -33.66
O2 SO4 W . 34.91 -1.51 -31.89
O3 SO4 W . 32.54 -2.30 -31.68
O4 SO4 W . 34.36 -3.92 -31.70
S SO4 X . 19.53 -17.65 -19.43
O1 SO4 X . 20.17 -17.78 -20.77
O2 SO4 X . 19.28 -16.22 -19.06
O3 SO4 X . 18.22 -18.38 -19.39
O4 SO4 X . 20.50 -18.25 -18.49
S SO4 Y . 20.71 -15.08 -22.59
O1 SO4 Y . 19.97 -15.32 -23.86
O2 SO4 Y . 21.65 -13.94 -22.74
O3 SO4 Y . 19.71 -14.73 -21.53
O4 SO4 Y . 21.52 -16.29 -22.25
S SO4 Z . 25.14 -4.64 17.74
O1 SO4 Z . 25.26 -3.20 18.12
O2 SO4 Z . 26.27 -5.02 16.83
O3 SO4 Z . 23.81 -4.84 17.09
O4 SO4 Z . 25.20 -5.49 18.94
#